data_9JEI
#
_entry.id   9JEI
#
_cell.length_a   1.00
_cell.length_b   1.00
_cell.length_c   1.00
_cell.angle_alpha   90.00
_cell.angle_beta   90.00
_cell.angle_gamma   90.00
#
_symmetry.space_group_name_H-M   'P 1'
#
loop_
_entity.id
_entity.type
_entity.pdbx_description
1 polymer 'Integrin alpha-V,Integrin alpha-V,Uncharacterized protein DKFZp686C11235'
2 polymer 'Integrin beta-3,Integrin beta-3,Uncharacterized protein DKFZp686C11235'
3 polymer Metalloproteinase
4 branched beta-D-mannopyranose-(1-4)-2-acetamido-2-deoxy-beta-D-glucopyranose-(1-4)-2-acetamido-2-deoxy-beta-D-glucopyranose
5 branched 2-acetamido-2-deoxy-beta-D-glucopyranose-(1-4)-2-acetamido-2-deoxy-beta-D-glucopyranose
6 branched alpha-D-mannopyranose-(1-4)-beta-D-mannopyranose-(1-6)-[alpha-D-mannopyranose-(1-3)]beta-D-mannopyranose-(1-4)-2-acetamido-2-deoxy-beta-D-glucopyranose-(1-4)-2-acetamido-2-deoxy-beta-D-glucopyranose
7 non-polymer 'CALCIUM ION'
8 non-polymer 2-acetamido-2-deoxy-beta-D-glucopyranose
9 non-polymer 'MAGNESIUM ION'
#
loop_
_entity_poly.entity_id
_entity_poly.type
_entity_poly.pdbx_seq_one_letter_code
_entity_poly.pdbx_strand_id
1 'polypeptide(L)'
;FNLDVDSPAEYSGPEGSYFGFAVDFFVPSASSRMFLLVGAPKANTTQPGIVEGGQVLKCDWSSTRRCQPIEFDATGNRDY
AKDDPLEFKSHQWFGASVRSKQDKILACAPLYHWRTEMKQEREPVGTCFLQDGTKTVEYAPCRSQDIDADGQGFCQGGFS
IDFTKADRVLLGGPGSFYWQGQLISDQVAEIVSKYDPNVYSIKYNNQLATRTAQAIFDDSYLGYSVAVGDFNGDGIDDFV
SGVPRAARTLGMVYIYDGKNMSSLYNFTGEQMAAYFGFSVAATDINGDDYADVFIGAPLFMDRGSDGKLQEVGQVSVSLQ
RASGDFQTTKLNGFEVFARFGSAIAPLGDLDQDGFNDIAIAAPYGGEDKKGIVYIFNGRSTGLNAVPSQILEGQWAARSM
PPSFGYSMKGATDIDKNGYPDLIVGAFGVDRAILYRARPVITVNAGLEVYPSILNQDNKTCSLPGTALKVSCFNVRFCLK
ADGKGVLPRKLNFQVELLLDKLKQKGAIRRALFLYSRSPSHSKNMTISRGGLMQCEELIAYLRDESEFRDKLTPITIFME
YRLDYRTAADTTGLQPILNQFTPANISRQAHILLDCGEDNVCKPKLEVSVDSDQKKIYIGDDNPLTLIVKAQNQGEGAYE
AELIVSIPLQADFIGVVRNNEALARLSCAFKTENQTRQVVCDLGNPMKAGTQLLAGLRFSVHQQSEMDTSVKFDLQIQSS
NLFDKVSPVVSHKVDLAVLAAVEIRGVSSPDHVFLPIPNWEHKENPETEEDVGPVVQHIYELRNNGPSSFSKAMLHLQWP
YKYNNNTLLYILHYDIDGPMNCTSDMEINPLRIKISSLQTTEKNDTVAGQGERDHLITKRDLALSEGDIHTLGCGVAQCL
KIVCQVGRLDRGKSAILYVKSLLWTETFMNKENQNHSYSLKSSASFNVIEFPYKNLPIEDITNSTLVTTNVTWGIQPDKT
HTCPPCPAPELLGGPSVFLFPPKPKDTLMISRTPEVTCVVVDVSHEDPEVKFNWYVDGVEVHNAKTKPREEQYNSTYRVV
SVLTVLHQDWLNGKEYKCKVSNKALPAPIEKTISKAKGQPREPQVYTLPPSREEMTKNQVSLTCLVKGFYPSDIAVEWES
NGQPENNYKTTPPVLDSDGSFFLTSKLTVDKSRWQQGNVFSCSVMHEALHNHYTQKSLSLSPGK
;
A
2 'polypeptide(L)'
;GPNICTTRGVSSCQQCLAVSPMCAWCSDEALPLGSPRCDLKENLLKDNCAPESIEFPVSEARVLEDRPLSDKGSGDSSQV
TQVSPQRIALRLRPDDSKNFSIQVRQVEDYPVDIYYLMDLSYSMKDDLWSIQNLGTKLATQMRKLTSNLRIGFGAFVDKP
VSPYMYISPPEALENPCYDMKTTCLPMFGYKHVLTLTDQVTRFNEEVKKQSVSRNRDAPEGGFDAIMQATVCDEKIGWRN
DASHLLVFTTDAKTHIALDGRLAGIVQPNDGQCHVGSDNHYSASTTMDYPSLGLMTEKLSQKNINLIFAVTENVVNLYQN
YSELIPGTTVGVLSMDSSNVLQLIVDAYGKIRSKVELEVRDLPEELSLSFNATCLNNEVIPGLKSCMGLKIGDTVSFSIE
AKVRGCPQEKEKSFTIKPVGFKDSLIVQVTFDCDCACQAQAEPNSHRCNNGNGTFECGVCRCGPGWLGSQCECSEEDYRP
SQQDECSPREGQPVCSQRGECLCGQCVCHSSDFGKITGKYCECDDFSCVRYKGEMCSGHGQCSCGDCLCDSDWTGYYCNC
TTRTDTCMSSNGLLCSGRGKCECGSCVCIQPGSYGDTCEKCPTCPDACTFKKECVECKKFDRGALHDENTCNRYCRDEIE
SVKELKDTGKDAVNCTYKNEDDCVVRFQYYEDSSGKSILYVVEEPECPKGPDDKTHTCPPCPAPELLGGPSVFLFPPKPK
DTLMISRTPEVTCVVVDVSHEDPEVKFNWYVDGVEVHNAKTKPREEQYNSTYRVVSVLTVLHQDWLNGKEYKCKVSNKAL
PAPIEKTISKAKGQPREPQVYTLPPSREEMTKNQVSLYCLVKGFYPSDIAVEWESNGQPENNYKTTPPVLDSDGSFFLYS
KLTVDKSRWQQGNVFSCSVMHEALHNHYTQKSLSLSPGK
;
B
3 'polypeptide(L)' ECESGPCCRNCKFLKEGTICKRARGDDMDDYCNGKTCDCPRNPHKGPAT C
#
loop_
_chem_comp.id
_chem_comp.type
_chem_comp.name
_chem_comp.formula
BMA D-saccharide, beta linking beta-D-mannopyranose 'C6 H12 O6'
CA non-polymer 'CALCIUM ION' 'Ca 2'
MAN D-saccharide, alpha linking alpha-D-mannopyranose 'C6 H12 O6'
MG non-polymer 'MAGNESIUM ION' 'Mg 2'
NAG D-saccharide, beta linking 2-acetamido-2-deoxy-beta-D-glucopyranose 'C8 H15 N O6'
#
# COMPACT_ATOMS: atom_id res chain seq x y z
N PHE A 1 3.93 6.78 23.92
CA PHE A 1 4.66 7.83 23.24
C PHE A 1 5.98 8.14 23.94
N ASN A 2 6.22 7.47 25.07
CA ASN A 2 7.38 7.73 25.89
C ASN A 2 8.38 6.59 25.90
N LEU A 3 8.16 5.55 25.09
CA LEU A 3 9.09 4.43 25.06
C LEU A 3 10.42 4.86 24.48
N ASP A 4 11.50 4.57 25.20
CA ASP A 4 12.83 4.97 24.77
C ASP A 4 13.26 4.16 23.56
N VAL A 5 13.72 4.84 22.51
CA VAL A 5 14.14 4.18 21.29
C VAL A 5 15.56 4.54 20.87
N ASP A 6 16.14 5.62 21.39
CA ASP A 6 17.51 5.98 21.01
C ASP A 6 18.50 4.94 21.50
N SER A 7 18.33 4.45 22.73
CA SER A 7 19.25 3.49 23.33
C SER A 7 18.48 2.37 24.00
N PRO A 8 17.98 1.41 23.23
CA PRO A 8 17.39 0.20 23.81
C PRO A 8 18.49 -0.81 24.11
N ALA A 9 18.10 -1.92 24.74
CA ALA A 9 19.02 -2.98 25.12
C ALA A 9 18.74 -4.21 24.27
N GLU A 10 19.73 -4.66 23.52
CA GLU A 10 19.59 -5.80 22.64
C GLU A 10 20.24 -7.04 23.25
N TYR A 11 19.63 -8.19 23.00
CA TYR A 11 20.13 -9.48 23.47
C TYR A 11 20.23 -10.43 22.28
N SER A 12 21.43 -10.97 22.07
CA SER A 12 21.70 -11.83 20.92
C SER A 12 21.84 -13.28 21.38
N GLY A 13 21.26 -14.19 20.61
CA GLY A 13 21.34 -15.59 20.91
C GLY A 13 22.12 -16.35 19.86
N PRO A 14 22.18 -17.67 19.98
CA PRO A 14 22.88 -18.47 18.98
C PRO A 14 22.26 -18.30 17.61
N GLU A 15 23.11 -18.32 16.58
CA GLU A 15 22.65 -18.06 15.22
C GLU A 15 21.73 -19.17 14.75
N GLY A 16 20.58 -18.78 14.20
CA GLY A 16 19.60 -19.75 13.74
C GLY A 16 18.82 -20.43 14.84
N SER A 17 18.88 -19.93 16.07
CA SER A 17 18.22 -20.55 17.21
C SER A 17 16.83 -20.00 17.47
N TYR A 18 16.35 -19.06 16.64
CA TYR A 18 15.06 -18.41 16.84
C TYR A 18 14.97 -17.73 18.20
N PHE A 19 16.12 -17.24 18.69
CA PHE A 19 16.16 -16.55 19.96
C PHE A 19 15.21 -15.36 19.93
N GLY A 20 14.42 -15.21 20.99
CA GLY A 20 13.42 -14.17 21.04
C GLY A 20 12.09 -14.54 20.41
N PHE A 21 11.86 -15.81 20.12
CA PHE A 21 10.56 -16.22 19.60
C PHE A 21 9.45 -15.96 20.61
N ALA A 22 9.70 -16.27 21.88
CA ALA A 22 8.75 -15.99 22.96
C ALA A 22 9.50 -15.33 24.10
N VAL A 23 9.03 -14.15 24.50
CA VAL A 23 9.71 -13.33 25.49
C VAL A 23 8.80 -13.20 26.71
N ASP A 24 9.42 -12.94 27.86
CA ASP A 24 8.69 -12.68 29.09
C ASP A 24 9.67 -12.11 30.12
N PHE A 25 9.11 -11.57 31.20
CA PHE A 25 9.88 -11.02 32.30
C PHE A 25 10.05 -12.06 33.39
N PHE A 26 10.97 -11.77 34.33
CA PHE A 26 11.15 -12.59 35.52
C PHE A 26 11.06 -11.68 36.74
N VAL A 27 10.19 -12.03 37.67
CA VAL A 27 9.88 -11.17 38.81
C VAL A 27 9.98 -11.97 40.10
N PRO A 28 11.16 -12.44 40.48
CA PRO A 28 11.26 -13.33 41.65
C PRO A 28 10.74 -12.67 42.91
N SER A 29 9.96 -13.43 43.68
CA SER A 29 9.42 -12.92 44.93
C SER A 29 10.45 -12.91 46.05
N ALA A 30 11.39 -13.85 46.03
CA ALA A 30 12.39 -13.98 47.09
C ALA A 30 13.67 -13.20 46.81
N SER A 31 13.75 -12.49 45.68
CA SER A 31 14.93 -11.72 45.35
C SER A 31 14.51 -10.42 44.68
N SER A 32 15.40 -9.44 44.72
CA SER A 32 15.15 -8.13 44.14
C SER A 32 15.71 -8.00 42.72
N ARG A 33 16.26 -9.08 42.17
CA ARG A 33 16.87 -9.04 40.85
C ARG A 33 15.84 -9.38 39.79
N MET A 34 15.78 -8.56 38.75
CA MET A 34 14.81 -8.70 37.67
C MET A 34 15.51 -9.24 36.42
N PHE A 35 14.94 -10.29 35.85
CA PHE A 35 15.51 -10.96 34.69
C PHE A 35 14.50 -10.97 33.54
N LEU A 36 15.04 -11.17 32.33
CA LEU A 36 14.24 -11.32 31.13
C LEU A 36 14.26 -12.78 30.70
N LEU A 37 13.10 -13.33 30.43
CA LEU A 37 12.98 -14.69 29.93
C LEU A 37 12.75 -14.64 28.42
N VAL A 38 13.60 -15.33 27.68
CA VAL A 38 13.55 -15.34 26.22
C VAL A 38 13.67 -16.77 25.74
N GLY A 39 12.84 -17.14 24.77
CA GLY A 39 12.84 -18.49 24.24
C GLY A 39 13.71 -18.60 23.01
N ALA A 40 14.38 -19.74 22.89
CA ALA A 40 15.20 -20.08 21.73
C ALA A 40 14.78 -21.47 21.26
N PRO A 41 13.64 -21.58 20.58
CA PRO A 41 13.07 -22.91 20.30
C PRO A 41 13.93 -23.80 19.42
N LYS A 42 14.89 -23.25 18.68
CA LYS A 42 15.73 -24.07 17.82
C LYS A 42 17.20 -24.05 18.25
N ALA A 43 17.47 -23.67 19.49
CA ALA A 43 18.84 -23.65 19.98
C ALA A 43 19.32 -25.06 20.28
N ASN A 44 20.62 -25.21 20.42
CA ASN A 44 21.26 -26.48 20.67
C ASN A 44 21.56 -26.64 22.14
N THR A 45 21.13 -27.75 22.72
CA THR A 45 21.33 -28.04 24.13
C THR A 45 22.34 -29.16 24.31
N THR A 46 22.82 -29.28 25.55
CA THR A 46 23.82 -30.29 25.90
C THR A 46 23.21 -31.64 26.23
N GLN A 47 21.90 -31.78 26.04
CA GLN A 47 21.26 -33.06 26.32
C GLN A 47 21.82 -34.14 25.39
N PRO A 48 22.03 -35.35 25.89
CA PRO A 48 22.68 -36.39 25.07
C PRO A 48 21.80 -36.82 23.91
N GLY A 49 22.34 -36.72 22.70
CA GLY A 49 21.63 -37.17 21.52
C GLY A 49 20.47 -36.30 21.10
N ILE A 50 20.44 -35.04 21.53
CA ILE A 50 19.38 -34.11 21.20
C ILE A 50 19.99 -32.97 20.39
N VAL A 51 19.47 -32.75 19.19
CA VAL A 51 19.93 -31.69 18.30
C VAL A 51 18.78 -30.73 18.07
N GLU A 52 19.03 -29.44 18.26
CA GLU A 52 18.01 -28.41 18.14
C GLU A 52 16.80 -28.73 19.01
N GLY A 53 17.07 -29.09 20.25
CA GLY A 53 16.03 -29.40 21.20
C GLY A 53 15.42 -28.20 21.89
N GLY A 54 15.84 -26.99 21.53
CA GLY A 54 15.31 -25.78 22.12
C GLY A 54 15.83 -25.52 23.50
N GLN A 55 15.82 -24.26 23.93
CA GLN A 55 16.20 -23.92 25.29
C GLN A 55 15.57 -22.58 25.65
N VAL A 56 15.44 -22.34 26.94
CA VAL A 56 14.94 -21.09 27.48
C VAL A 56 16.07 -20.42 28.26
N LEU A 57 16.34 -19.16 27.93
CA LEU A 57 17.42 -18.41 28.55
C LEU A 57 16.83 -17.36 29.48
N LYS A 58 17.59 -17.00 30.51
CA LYS A 58 17.29 -15.84 31.34
C LYS A 58 18.42 -14.84 31.18
N CYS A 59 18.07 -13.63 30.73
CA CYS A 59 19.05 -12.59 30.47
C CYS A 59 18.90 -11.48 31.50
N ASP A 60 20.00 -11.14 32.16
CA ASP A 60 19.99 -10.06 33.13
C ASP A 60 19.67 -8.74 32.43
N TRP A 61 19.42 -7.71 33.22
CA TRP A 61 19.19 -6.37 32.68
C TRP A 61 20.33 -5.41 32.98
N SER A 62 20.97 -5.53 34.14
CA SER A 62 22.05 -4.62 34.52
C SER A 62 23.36 -5.34 34.83
N SER A 63 23.47 -6.62 34.47
CA SER A 63 24.68 -7.41 34.72
C SER A 63 25.20 -7.91 33.39
N THR A 64 25.99 -7.07 32.71
CA THR A 64 26.67 -7.40 31.46
C THR A 64 25.69 -7.81 30.34
N ARG A 65 24.39 -7.79 30.62
CA ARG A 65 23.36 -8.13 29.65
C ARG A 65 23.61 -9.49 29.00
N ARG A 66 24.04 -10.45 29.80
CA ARG A 66 24.36 -11.78 29.32
C ARG A 66 23.18 -12.72 29.50
N CYS A 67 23.09 -13.71 28.63
CA CYS A 67 21.99 -14.66 28.62
C CYS A 67 22.50 -16.05 29.01
N GLN A 68 21.88 -16.63 30.03
CA GLN A 68 22.24 -17.96 30.50
C GLN A 68 21.03 -18.87 30.45
N PRO A 69 21.14 -20.07 29.88
CA PRO A 69 19.98 -20.96 29.82
C PRO A 69 19.57 -21.44 31.20
N ILE A 70 18.31 -21.82 31.32
CA ILE A 70 17.76 -22.40 32.53
C ILE A 70 17.67 -23.91 32.31
N GLU A 71 18.17 -24.69 33.28
CA GLU A 71 18.24 -26.14 33.13
C GLU A 71 16.91 -26.76 33.56
N PHE A 72 15.89 -26.57 32.71
CA PHE A 72 14.62 -27.24 32.94
C PHE A 72 14.77 -28.75 32.86
N ASP A 73 15.49 -29.24 31.85
CA ASP A 73 15.61 -30.67 31.61
C ASP A 73 16.98 -30.94 31.03
N ALA A 74 17.83 -31.62 31.80
CA ALA A 74 19.19 -31.93 31.39
C ALA A 74 19.35 -33.35 30.86
N THR A 75 18.27 -34.11 30.76
CA THR A 75 18.32 -35.48 30.29
C THR A 75 17.97 -35.56 28.81
N GLY A 76 18.29 -36.70 28.22
CA GLY A 76 17.97 -36.97 26.82
C GLY A 76 16.66 -37.71 26.67
N ASN A 77 16.55 -38.47 25.59
CA ASN A 77 15.35 -39.24 25.32
C ASN A 77 15.29 -40.43 26.28
N ARG A 78 14.19 -40.53 27.02
CA ARG A 78 13.99 -41.70 27.88
C ARG A 78 13.73 -42.93 27.04
N ASP A 79 14.10 -44.09 27.58
CA ASP A 79 13.97 -45.36 26.88
C ASP A 79 12.81 -46.14 27.48
N TYR A 80 11.84 -46.52 26.64
CA TYR A 80 10.72 -47.34 27.08
C TYR A 80 11.14 -48.79 27.27
N ALA A 81 12.15 -49.25 26.54
CA ALA A 81 12.60 -50.63 26.60
C ALA A 81 14.10 -50.65 26.31
N LYS A 82 14.62 -51.81 25.96
CA LYS A 82 16.05 -51.94 25.66
C LYS A 82 16.47 -50.98 24.56
N ASP A 83 15.90 -51.14 23.36
CA ASP A 83 16.09 -50.21 22.25
C ASP A 83 14.71 -49.75 21.80
N ASP A 84 14.18 -48.75 22.49
CA ASP A 84 12.84 -48.24 22.23
C ASP A 84 12.67 -46.87 22.87
N PRO A 85 13.13 -45.79 22.23
CA PRO A 85 13.00 -44.46 22.83
C PRO A 85 11.55 -44.15 23.14
N LEU A 86 11.33 -43.53 24.30
CA LEU A 86 9.98 -43.21 24.74
C LEU A 86 9.56 -41.82 24.30
N GLU A 87 10.46 -40.86 24.29
CA GLU A 87 10.16 -39.51 23.87
C GLU A 87 11.25 -39.04 22.91
N PHE A 88 10.90 -38.04 22.10
CA PHE A 88 11.79 -37.51 21.08
C PHE A 88 11.91 -36.00 21.27
N LYS A 89 12.98 -35.57 21.91
CA LYS A 89 13.22 -34.17 22.21
C LYS A 89 13.94 -33.42 21.09
N SER A 90 14.35 -34.09 20.02
CA SER A 90 15.01 -33.41 18.92
C SER A 90 13.99 -32.59 18.14
N HIS A 91 14.33 -31.34 17.86
CA HIS A 91 13.44 -30.42 17.15
C HIS A 91 12.08 -30.34 17.83
N GLN A 92 12.10 -30.26 19.15
CA GLN A 92 10.87 -30.20 19.94
C GLN A 92 10.36 -28.78 20.14
N TRP A 93 11.12 -27.78 19.74
CA TRP A 93 10.73 -26.37 19.86
C TRP A 93 10.44 -25.99 21.31
N PHE A 94 11.32 -26.40 22.21
CA PHE A 94 11.18 -26.01 23.61
C PHE A 94 11.56 -24.54 23.77
N GLY A 95 10.69 -23.79 24.43
CA GLY A 95 10.85 -22.35 24.53
C GLY A 95 9.99 -21.54 23.59
N ALA A 96 9.08 -22.19 22.85
CA ALA A 96 8.22 -21.46 21.93
C ALA A 96 7.17 -20.63 22.66
N SER A 97 6.95 -20.89 23.95
CA SER A 97 5.96 -20.15 24.74
C SER A 97 6.48 -20.07 26.17
N VAL A 98 6.88 -18.88 26.59
CA VAL A 98 7.46 -18.65 27.91
C VAL A 98 6.54 -17.73 28.69
N ARG A 99 6.08 -18.19 29.85
CA ARG A 99 5.30 -17.38 30.77
C ARG A 99 5.97 -17.43 32.13
N SER A 100 5.72 -16.41 32.95
CA SER A 100 6.37 -16.33 34.26
C SER A 100 5.49 -15.54 35.22
N LYS A 101 5.10 -16.19 36.31
CA LYS A 101 4.51 -15.52 37.46
C LYS A 101 5.64 -15.06 38.38
N GLN A 102 5.32 -14.74 39.64
CA GLN A 102 6.34 -14.24 40.56
C GLN A 102 7.56 -15.15 40.60
N ASP A 103 7.37 -16.40 41.02
CA ASP A 103 8.48 -17.34 41.13
C ASP A 103 8.39 -18.49 40.13
N LYS A 104 7.27 -18.65 39.44
CA LYS A 104 7.05 -19.78 38.56
C LYS A 104 7.43 -19.42 37.13
N ILE A 105 8.03 -20.39 36.43
CA ILE A 105 8.32 -20.29 35.01
C ILE A 105 7.66 -21.47 34.32
N LEU A 106 6.90 -21.18 33.27
CA LEU A 106 6.22 -22.21 32.49
C LEU A 106 6.72 -22.12 31.05
N ALA A 107 7.72 -22.91 30.71
CA ALA A 107 8.25 -22.99 29.37
C ALA A 107 7.75 -24.27 28.72
N CYS A 108 7.12 -24.14 27.55
CA CYS A 108 6.43 -25.25 26.92
C CYS A 108 7.10 -25.60 25.60
N ALA A 109 7.00 -26.88 25.23
CA ALA A 109 7.59 -27.43 24.02
C ALA A 109 6.46 -27.97 23.15
N PRO A 110 5.92 -27.16 22.22
CA PRO A 110 4.74 -27.61 21.47
C PRO A 110 4.96 -28.85 20.63
N LEU A 111 6.16 -29.06 20.09
CA LEU A 111 6.41 -30.09 19.10
C LEU A 111 7.14 -31.31 19.68
N TYR A 112 7.06 -31.51 20.98
CA TYR A 112 7.72 -32.64 21.62
C TYR A 112 6.96 -33.92 21.26
N HIS A 113 7.65 -34.86 20.62
CA HIS A 113 7.04 -36.11 20.19
C HIS A 113 7.32 -37.20 21.21
N TRP A 114 6.27 -37.93 21.59
CA TRP A 114 6.35 -38.94 22.65
C TRP A 114 5.75 -40.23 22.14
N ARG A 115 6.53 -41.30 22.15
CA ARG A 115 6.03 -42.61 21.76
C ARG A 115 4.99 -43.08 22.77
N THR A 116 3.85 -43.54 22.27
CA THR A 116 2.77 -43.94 23.16
C THR A 116 3.17 -45.13 24.02
N GLU A 117 2.35 -45.42 25.02
CA GLU A 117 2.58 -46.59 25.86
C GLU A 117 1.96 -47.86 25.28
N MET A 118 1.25 -47.75 24.16
CA MET A 118 0.57 -48.88 23.54
C MET A 118 1.21 -49.33 22.24
N LYS A 119 1.52 -48.41 21.33
CA LYS A 119 2.11 -48.75 20.04
C LYS A 119 3.23 -47.77 19.74
N GLN A 120 4.18 -48.22 18.92
CA GLN A 120 5.34 -47.41 18.55
C GLN A 120 4.88 -46.30 17.63
N GLU A 121 4.72 -45.09 18.18
CA GLU A 121 4.23 -43.95 17.44
C GLU A 121 5.10 -42.73 17.72
N ARG A 122 4.83 -41.64 17.01
CA ARG A 122 5.48 -40.36 17.24
C ARG A 122 4.39 -39.31 17.18
N GLU A 123 4.00 -38.78 18.34
CA GLU A 123 2.89 -37.84 18.42
C GLU A 123 3.32 -36.56 19.12
N PRO A 124 3.18 -35.40 18.49
CA PRO A 124 3.59 -34.15 19.15
C PRO A 124 2.66 -33.75 20.27
N VAL A 125 2.64 -34.53 21.35
CA VAL A 125 1.76 -34.21 22.48
C VAL A 125 2.13 -32.86 23.06
N GLY A 126 3.41 -32.55 23.12
CA GLY A 126 3.84 -31.30 23.72
C GLY A 126 3.95 -31.41 25.22
N THR A 127 5.02 -30.86 25.79
CA THR A 127 5.25 -30.91 27.22
C THR A 127 5.57 -29.50 27.71
N CYS A 128 5.35 -29.30 29.01
CA CYS A 128 5.65 -28.03 29.65
C CYS A 128 6.45 -28.29 30.92
N PHE A 129 7.50 -27.52 31.13
CA PHE A 129 8.38 -27.67 32.28
C PHE A 129 8.13 -26.51 33.24
N LEU A 130 7.41 -26.79 34.31
CA LEU A 130 7.12 -25.81 35.34
C LEU A 130 8.28 -25.75 36.32
N GLN A 131 8.74 -24.54 36.63
CA GLN A 131 9.85 -24.34 37.55
C GLN A 131 9.43 -23.37 38.64
N ASP A 132 9.58 -23.79 39.89
CA ASP A 132 9.20 -22.99 41.05
C ASP A 132 10.41 -22.51 41.84
N GLY A 133 11.47 -22.10 41.13
CA GLY A 133 12.67 -21.61 41.78
C GLY A 133 13.68 -22.71 42.03
N THR A 134 13.28 -23.71 42.82
CA THR A 134 14.13 -24.85 43.12
C THR A 134 13.63 -26.14 42.49
N LYS A 135 12.36 -26.46 42.68
CA LYS A 135 11.78 -27.71 42.18
C LYS A 135 11.26 -27.48 40.77
N THR A 136 11.91 -28.12 39.80
CA THR A 136 11.48 -28.08 38.41
C THR A 136 10.71 -29.36 38.11
N VAL A 137 9.46 -29.21 37.70
CA VAL A 137 8.60 -30.35 37.38
C VAL A 137 8.23 -30.29 35.91
N GLU A 138 7.80 -31.43 35.38
CA GLU A 138 7.32 -31.53 34.01
C GLU A 138 5.80 -31.62 34.02
N TYR A 139 5.16 -30.75 33.26
CA TYR A 139 3.71 -30.67 33.21
C TYR A 139 3.27 -30.96 31.78
N ALA A 140 2.88 -32.20 31.51
CA ALA A 140 2.32 -32.61 30.22
C ALA A 140 0.88 -33.01 30.48
N PRO A 141 -0.08 -32.12 30.27
CA PRO A 141 -1.46 -32.38 30.68
C PRO A 141 -2.22 -33.29 29.73
N CYS A 142 -1.82 -33.26 28.46
CA CYS A 142 -2.45 -34.05 27.42
C CYS A 142 -1.49 -35.09 26.85
N ARG A 143 -0.78 -35.77 27.74
CA ARG A 143 0.00 -36.97 27.43
C ARG A 143 -0.70 -38.21 27.96
N SER A 144 -2.03 -38.25 27.90
CA SER A 144 -2.83 -39.20 28.66
C SER A 144 -2.95 -40.53 27.91
N GLN A 145 -3.82 -41.41 28.41
CA GLN A 145 -4.00 -42.73 27.85
C GLN A 145 -4.94 -42.76 26.63
N ASP A 146 -5.71 -41.70 26.41
CA ASP A 146 -6.57 -41.61 25.22
C ASP A 146 -5.76 -41.03 24.06
N ILE A 147 -4.76 -41.81 23.65
CA ILE A 147 -3.77 -41.34 22.70
C ILE A 147 -4.15 -41.86 21.31
N ASP A 148 -4.37 -40.92 20.39
CA ASP A 148 -4.71 -41.15 19.00
C ASP A 148 -4.81 -39.80 18.31
N ALA A 149 -5.11 -39.78 17.01
CA ALA A 149 -5.46 -38.51 16.38
C ALA A 149 -6.83 -38.02 16.84
N ASP A 150 -7.75 -38.96 17.09
CA ASP A 150 -9.08 -38.61 17.58
C ASP A 150 -9.03 -37.93 18.94
N GLY A 151 -8.00 -38.21 19.73
CA GLY A 151 -7.89 -37.62 21.04
C GLY A 151 -6.77 -36.60 21.13
N GLN A 152 -6.05 -36.59 22.26
CA GLN A 152 -5.01 -35.61 22.50
C GLN A 152 -3.66 -36.06 21.99
N GLY A 153 -3.62 -36.96 21.01
CA GLY A 153 -2.33 -37.44 20.51
C GLY A 153 -1.51 -36.33 19.89
N PHE A 154 -2.15 -35.53 19.04
CA PHE A 154 -1.49 -34.38 18.40
C PHE A 154 -1.88 -33.10 19.09
N CYS A 155 -1.95 -33.18 20.42
CA CYS A 155 -2.38 -32.05 21.24
C CYS A 155 -1.53 -30.81 21.00
N GLN A 156 -0.21 -30.98 20.90
CA GLN A 156 0.72 -29.86 20.85
C GLN A 156 0.45 -28.92 22.01
N GLY A 157 0.21 -29.50 23.18
CA GLY A 157 -0.04 -28.68 24.37
C GLY A 157 1.14 -27.79 24.69
N GLY A 158 0.84 -26.56 25.08
CA GLY A 158 1.87 -25.57 25.27
C GLY A 158 2.08 -24.66 24.10
N PHE A 159 1.26 -24.77 23.05
CA PHE A 159 1.33 -23.82 21.95
C PHE A 159 1.02 -22.41 22.46
N SER A 160 0.03 -22.30 23.33
CA SER A 160 -0.33 -21.02 23.95
C SER A 160 -0.68 -21.29 25.40
N ILE A 161 -0.05 -20.53 26.31
CA ILE A 161 -0.23 -20.72 27.74
C ILE A 161 -0.47 -19.37 28.39
N ASP A 162 -1.03 -19.40 29.59
CA ASP A 162 -1.21 -18.17 30.36
C ASP A 162 -1.41 -18.51 31.82
N PHE A 163 -1.19 -17.50 32.67
CA PHE A 163 -1.26 -17.62 34.12
C PHE A 163 -2.41 -16.77 34.64
N THR A 164 -3.30 -17.37 35.41
CA THR A 164 -4.35 -16.60 36.08
C THR A 164 -3.89 -16.21 37.48
N LYS A 165 -4.48 -15.13 37.99
CA LYS A 165 -4.02 -14.60 39.28
C LYS A 165 -4.37 -15.50 40.45
N ALA A 166 -5.22 -16.52 40.26
CA ALA A 166 -5.61 -17.43 41.32
C ALA A 166 -4.73 -18.67 41.37
N ASP A 167 -3.49 -18.58 40.89
CA ASP A 167 -2.57 -19.71 40.81
C ASP A 167 -3.17 -20.86 40.01
N ARG A 168 -3.46 -20.58 38.75
CA ARG A 168 -3.95 -21.58 37.81
C ARG A 168 -3.19 -21.45 36.50
N VAL A 169 -3.08 -22.55 35.78
CA VAL A 169 -2.38 -22.60 34.51
C VAL A 169 -3.41 -22.78 33.41
N LEU A 170 -3.45 -21.86 32.46
CA LEU A 170 -4.26 -22.02 31.26
C LEU A 170 -3.34 -22.50 30.14
N LEU A 171 -3.71 -23.60 29.52
CA LEU A 171 -2.91 -24.22 28.48
C LEU A 171 -3.78 -24.48 27.27
N GLY A 172 -3.23 -24.22 26.08
CA GLY A 172 -4.00 -24.42 24.87
C GLY A 172 -3.32 -25.32 23.86
N GLY A 173 -4.00 -26.38 23.47
CA GLY A 173 -3.49 -27.26 22.43
C GLY A 173 -4.36 -27.21 21.20
N PRO A 174 -3.85 -26.66 20.10
CA PRO A 174 -4.65 -26.51 18.89
C PRO A 174 -4.81 -27.79 18.07
N GLY A 175 -4.32 -28.93 18.54
CA GLY A 175 -4.37 -30.13 17.75
C GLY A 175 -5.28 -31.22 18.28
N SER A 176 -5.74 -31.05 19.52
CA SER A 176 -6.54 -32.11 20.14
C SER A 176 -7.85 -32.32 19.41
N PHE A 177 -8.29 -33.58 19.36
CA PHE A 177 -9.57 -33.97 18.78
C PHE A 177 -9.65 -33.56 17.31
N TYR A 178 -8.71 -34.07 16.53
CA TYR A 178 -8.59 -33.79 15.10
C TYR A 178 -8.53 -32.29 14.86
N TRP A 179 -7.56 -31.65 15.53
CA TRP A 179 -7.28 -30.22 15.37
C TRP A 179 -8.49 -29.35 15.71
N GLN A 180 -9.37 -29.85 16.57
CA GLN A 180 -10.44 -29.01 17.09
C GLN A 180 -9.90 -28.01 18.10
N GLY A 181 -8.93 -28.41 18.88
CA GLY A 181 -8.35 -27.56 19.90
C GLY A 181 -8.82 -27.93 21.30
N GLN A 182 -8.07 -27.47 22.28
CA GLN A 182 -8.41 -27.76 23.67
C GLN A 182 -7.82 -26.70 24.57
N LEU A 183 -8.50 -26.48 25.69
CA LEU A 183 -8.00 -25.65 26.78
C LEU A 183 -7.93 -26.49 28.03
N ILE A 184 -6.77 -26.51 28.67
CA ILE A 184 -6.55 -27.31 29.87
C ILE A 184 -6.12 -26.39 30.99
N SER A 185 -6.83 -26.47 32.12
CA SER A 185 -6.57 -25.61 33.28
C SER A 185 -6.28 -26.48 34.48
N ASP A 186 -5.05 -26.41 34.99
CA ASP A 186 -4.63 -27.16 36.17
C ASP A 186 -4.00 -26.22 37.16
N GLN A 187 -4.26 -26.45 38.45
CA GLN A 187 -3.69 -25.62 39.49
C GLN A 187 -2.19 -25.86 39.61
N VAL A 188 -1.44 -24.78 39.87
CA VAL A 188 0.01 -24.90 39.99
C VAL A 188 0.38 -25.82 41.15
N ALA A 189 -0.33 -25.69 42.26
CA ALA A 189 -0.06 -26.54 43.42
C ALA A 189 -0.27 -28.01 43.09
N GLU A 190 -1.35 -28.32 42.38
CA GLU A 190 -1.62 -29.71 42.01
C GLU A 190 -0.56 -30.24 41.05
N ILE A 191 -0.13 -29.41 40.10
CA ILE A 191 0.92 -29.82 39.17
C ILE A 191 2.21 -30.13 39.92
N VAL A 192 2.60 -29.26 40.84
CA VAL A 192 3.86 -29.46 41.56
C VAL A 192 3.77 -30.66 42.49
N SER A 193 2.65 -30.83 43.18
CA SER A 193 2.53 -31.89 44.17
C SER A 193 2.31 -33.26 43.53
N LYS A 194 1.77 -33.31 42.32
CA LYS A 194 1.45 -34.59 41.69
C LYS A 194 2.56 -35.09 40.78
N TYR A 195 3.70 -34.40 40.72
CA TYR A 195 4.80 -34.84 39.87
C TYR A 195 5.39 -36.15 40.38
N ASP A 196 5.66 -37.06 39.45
CA ASP A 196 6.32 -38.32 39.73
C ASP A 196 7.06 -38.77 38.48
N PRO A 197 8.40 -38.74 38.49
CA PRO A 197 9.14 -38.98 37.24
C PRO A 197 8.94 -40.36 36.64
N ASN A 198 8.53 -41.36 37.44
CA ASN A 198 8.40 -42.72 36.94
C ASN A 198 7.09 -42.96 36.19
N VAL A 199 6.12 -42.07 36.30
CA VAL A 199 4.84 -42.20 35.60
C VAL A 199 4.69 -41.03 34.64
N TYR A 200 4.26 -41.33 33.42
CA TYR A 200 4.17 -40.33 32.37
C TYR A 200 2.77 -39.76 32.18
N SER A 201 1.73 -40.56 32.44
CA SER A 201 0.34 -40.12 32.30
C SER A 201 -0.21 -39.84 33.70
N ILE A 202 0.00 -38.63 34.19
CA ILE A 202 -0.42 -38.22 35.52
C ILE A 202 -1.78 -37.54 35.42
N LYS A 203 -2.71 -37.96 36.27
CA LYS A 203 -4.06 -37.40 36.29
C LYS A 203 -4.17 -36.41 37.44
N TYR A 204 -4.44 -35.16 37.11
CA TYR A 204 -4.55 -34.09 38.10
C TYR A 204 -6.01 -33.86 38.48
N ASN A 205 -6.21 -33.42 39.71
CA ASN A 205 -7.56 -33.07 40.11
C ASN A 205 -7.78 -31.63 39.75
N ASN A 206 -8.97 -31.15 40.03
CA ASN A 206 -9.34 -29.75 39.77
C ASN A 206 -8.92 -29.32 38.37
N GLN A 207 -9.02 -30.23 37.41
CA GLN A 207 -8.63 -29.97 36.03
C GLN A 207 -9.85 -29.55 35.23
N LEU A 208 -9.77 -28.37 34.62
CA LEU A 208 -10.79 -27.89 33.70
C LEU A 208 -10.27 -28.07 32.28
N ALA A 209 -11.00 -28.85 31.48
CA ALA A 209 -10.58 -29.14 30.12
C ALA A 209 -11.80 -29.11 29.21
N THR A 210 -11.65 -28.49 28.05
CA THR A 210 -12.71 -28.52 27.04
C THR A 210 -12.76 -29.90 26.42
N ARG A 211 -13.96 -30.34 26.08
CA ARG A 211 -14.20 -31.69 25.60
C ARG A 211 -14.31 -31.72 24.08
N THR A 212 -14.39 -32.92 23.53
CA THR A 212 -14.52 -33.08 22.10
C THR A 212 -15.91 -32.66 21.64
N ALA A 213 -15.99 -32.23 20.38
CA ALA A 213 -17.25 -31.77 19.81
C ALA A 213 -17.55 -32.54 18.53
N GLN A 214 -18.55 -32.11 17.78
CA GLN A 214 -18.92 -32.80 16.56
C GLN A 214 -17.81 -32.66 15.52
N ALA A 215 -17.92 -33.47 14.46
CA ALA A 215 -16.89 -33.48 13.43
C ALA A 215 -16.90 -32.23 12.57
N ILE A 216 -17.92 -31.38 12.68
CA ILE A 216 -17.95 -30.15 11.88
C ILE A 216 -17.05 -29.06 12.47
N PHE A 217 -16.53 -29.26 13.67
CA PHE A 217 -15.66 -28.29 14.32
C PHE A 217 -14.19 -28.60 14.11
N ASP A 218 -13.86 -29.62 13.32
CA ASP A 218 -12.48 -30.02 13.13
C ASP A 218 -11.68 -28.92 12.44
N ASP A 219 -10.37 -28.92 12.69
CA ASP A 219 -9.46 -27.94 12.11
C ASP A 219 -9.87 -26.51 12.46
N SER A 220 -10.32 -26.31 13.69
CA SER A 220 -10.65 -24.98 14.19
C SER A 220 -9.47 -24.33 14.90
N TYR A 221 -8.57 -25.13 15.48
CA TYR A 221 -7.36 -24.65 16.14
C TYR A 221 -7.69 -23.83 17.38
N LEU A 222 -8.66 -24.30 18.17
CA LEU A 222 -8.93 -23.67 19.45
C LEU A 222 -7.72 -23.78 20.35
N GLY A 223 -7.41 -22.70 21.07
CA GLY A 223 -6.19 -22.66 21.83
C GLY A 223 -4.98 -22.20 21.05
N TYR A 224 -5.17 -21.73 19.82
CA TYR A 224 -4.05 -21.14 19.08
C TYR A 224 -3.43 -19.98 19.85
N SER A 225 -4.27 -19.14 20.44
CA SER A 225 -3.83 -18.08 21.34
C SER A 225 -4.80 -18.00 22.50
N VAL A 226 -4.27 -17.90 23.72
CA VAL A 226 -5.09 -17.85 24.91
C VAL A 226 -4.76 -16.58 25.68
N ALA A 227 -5.80 -15.91 26.17
CA ALA A 227 -5.67 -14.80 27.08
C ALA A 227 -6.50 -15.10 28.33
N VAL A 228 -6.25 -14.33 29.38
CA VAL A 228 -6.91 -14.54 30.66
C VAL A 228 -7.42 -13.20 31.17
N GLY A 229 -8.70 -13.16 31.54
CA GLY A 229 -9.30 -11.95 32.06
C GLY A 229 -10.67 -12.28 32.63
N ASP A 230 -11.17 -11.35 33.44
CA ASP A 230 -12.44 -11.55 34.14
C ASP A 230 -13.58 -10.91 33.37
N PHE A 231 -14.61 -11.71 33.05
CA PHE A 231 -15.69 -11.25 32.21
C PHE A 231 -17.08 -11.60 32.74
N ASN A 232 -17.21 -11.83 34.05
CA ASN A 232 -18.52 -11.96 34.66
C ASN A 232 -18.42 -11.46 36.10
N GLY A 233 -19.43 -11.81 36.91
CA GLY A 233 -19.54 -11.20 38.23
C GLY A 233 -18.39 -11.57 39.16
N ASP A 234 -18.07 -12.86 39.25
CA ASP A 234 -17.09 -13.31 40.22
C ASP A 234 -15.71 -12.80 39.87
N GLY A 235 -14.81 -12.81 40.86
CA GLY A 235 -13.46 -12.37 40.66
C GLY A 235 -12.53 -13.38 40.02
N ILE A 236 -13.03 -14.57 39.70
CA ILE A 236 -12.21 -15.61 39.10
C ILE A 236 -11.96 -15.27 37.63
N ASP A 237 -10.70 -15.42 37.22
CA ASP A 237 -10.33 -15.06 35.85
C ASP A 237 -10.87 -16.07 34.84
N ASP A 238 -11.48 -15.56 33.77
CA ASP A 238 -12.04 -16.40 32.73
C ASP A 238 -11.03 -16.55 31.58
N PHE A 239 -11.26 -17.56 30.77
CA PHE A 239 -10.31 -17.98 29.74
C PHE A 239 -10.79 -17.52 28.37
N VAL A 240 -9.95 -16.78 27.67
CA VAL A 240 -10.25 -16.26 26.34
C VAL A 240 -9.30 -16.92 25.35
N SER A 241 -9.86 -17.66 24.40
CA SER A 241 -9.06 -18.46 23.47
C SER A 241 -9.39 -18.09 22.03
N GLY A 242 -8.35 -17.99 21.20
CA GLY A 242 -8.53 -17.69 19.80
C GLY A 242 -8.71 -18.96 18.99
N VAL A 243 -9.69 -18.92 18.09
CA VAL A 243 -10.02 -20.08 17.26
C VAL A 243 -9.96 -19.63 15.80
N PRO A 244 -8.76 -19.43 15.25
CA PRO A 244 -8.64 -18.64 14.02
C PRO A 244 -9.24 -19.28 12.77
N ARG A 245 -9.54 -20.57 12.79
CA ARG A 245 -10.08 -21.24 11.61
C ARG A 245 -11.55 -21.62 11.77
N ALA A 246 -12.22 -21.08 12.79
CA ALA A 246 -13.58 -21.49 13.07
C ALA A 246 -14.56 -20.76 12.15
N ALA A 247 -15.79 -21.30 12.09
CA ALA A 247 -16.86 -20.74 11.29
C ALA A 247 -16.43 -20.58 9.84
N ARG A 248 -16.16 -21.73 9.22
CA ARG A 248 -15.68 -21.81 7.84
C ARG A 248 -14.51 -20.84 7.59
N THR A 249 -13.53 -20.88 8.50
CA THR A 249 -12.30 -20.13 8.40
C THR A 249 -12.51 -18.63 8.57
N LEU A 250 -13.68 -18.22 9.08
CA LEU A 250 -13.88 -16.80 9.38
C LEU A 250 -13.01 -16.36 10.54
N GLY A 251 -12.89 -17.20 11.55
CA GLY A 251 -12.25 -16.88 12.80
C GLY A 251 -13.27 -16.73 13.90
N MET A 252 -12.83 -16.99 15.13
CA MET A 252 -13.69 -16.85 16.29
C MET A 252 -12.81 -16.66 17.52
N VAL A 253 -13.44 -16.23 18.60
CA VAL A 253 -12.80 -16.18 19.91
C VAL A 253 -13.80 -16.69 20.93
N TYR A 254 -13.37 -17.68 21.73
CA TYR A 254 -14.23 -18.32 22.71
C TYR A 254 -13.83 -17.83 24.09
N ILE A 255 -14.81 -17.46 24.90
CA ILE A 255 -14.59 -17.05 26.28
C ILE A 255 -15.28 -18.07 27.18
N TYR A 256 -14.50 -18.74 28.01
CA TYR A 256 -15.00 -19.80 28.88
C TYR A 256 -14.97 -19.33 30.33
N ASP A 257 -15.86 -19.92 31.14
CA ASP A 257 -15.91 -19.60 32.56
C ASP A 257 -14.64 -20.09 33.26
N GLY A 258 -14.11 -19.24 34.13
CA GLY A 258 -12.89 -19.58 34.85
C GLY A 258 -13.08 -20.46 36.06
N LYS A 259 -14.32 -20.87 36.35
CA LYS A 259 -14.63 -21.74 37.46
C LYS A 259 -14.96 -23.16 37.04
N ASN A 260 -15.69 -23.34 35.94
CA ASN A 260 -16.02 -24.69 35.49
C ASN A 260 -15.94 -24.85 33.98
N MET A 261 -15.24 -23.96 33.27
CA MET A 261 -14.99 -24.07 31.84
C MET A 261 -16.31 -24.19 31.05
N SER A 262 -17.14 -23.16 31.18
CA SER A 262 -18.38 -23.05 30.45
C SER A 262 -18.32 -21.82 29.55
N SER A 263 -18.78 -21.96 28.31
CA SER A 263 -18.67 -20.87 27.35
C SER A 263 -19.60 -19.73 27.74
N LEU A 264 -19.10 -18.50 27.59
CA LEU A 264 -19.85 -17.30 27.96
C LEU A 264 -20.21 -16.46 26.76
N TYR A 265 -19.23 -16.03 25.97
CA TYR A 265 -19.45 -15.12 24.86
C TYR A 265 -18.71 -15.64 23.63
N ASN A 266 -18.96 -15.00 22.49
CA ASN A 266 -18.35 -15.41 21.25
C ASN A 266 -18.11 -14.20 20.37
N PHE A 267 -16.95 -14.16 19.72
CA PHE A 267 -16.65 -13.17 18.72
C PHE A 267 -16.45 -13.88 17.39
N THR A 268 -16.84 -13.22 16.30
CA THR A 268 -16.72 -13.83 14.98
C THR A 268 -16.18 -12.80 14.01
N GLY A 269 -15.31 -13.23 13.11
CA GLY A 269 -14.79 -12.35 12.09
C GLY A 269 -15.79 -12.11 11.00
N GLU A 270 -15.45 -11.16 10.12
CA GLU A 270 -16.29 -10.84 8.98
C GLU A 270 -15.74 -11.34 7.65
N GLN A 271 -14.46 -11.66 7.59
CA GLN A 271 -13.80 -12.02 6.34
C GLN A 271 -13.18 -13.42 6.44
N MET A 272 -13.33 -14.19 5.37
CA MET A 272 -12.76 -15.52 5.28
C MET A 272 -11.24 -15.45 5.26
N ALA A 273 -10.61 -16.47 5.83
CA ALA A 273 -9.16 -16.64 5.80
C ALA A 273 -8.40 -15.43 6.33
N ALA A 274 -9.07 -14.57 7.10
CA ALA A 274 -8.40 -13.43 7.71
C ALA A 274 -7.60 -13.79 8.95
N TYR A 275 -7.77 -15.02 9.45
CA TYR A 275 -7.12 -15.51 10.66
C TYR A 275 -7.47 -14.65 11.87
N PHE A 276 -8.76 -14.66 12.20
CA PHE A 276 -9.32 -13.89 13.30
C PHE A 276 -9.18 -14.69 14.58
N GLY A 277 -8.15 -14.39 15.36
CA GLY A 277 -7.89 -15.12 16.59
C GLY A 277 -6.44 -15.54 16.69
N PHE A 278 -5.62 -15.01 15.78
CA PHE A 278 -4.19 -15.31 15.83
C PHE A 278 -3.56 -14.86 17.13
N SER A 279 -3.89 -13.65 17.58
CA SER A 279 -3.42 -13.13 18.86
C SER A 279 -4.57 -12.44 19.56
N VAL A 280 -4.78 -12.76 20.84
CA VAL A 280 -5.83 -12.16 21.64
C VAL A 280 -5.21 -11.59 22.91
N ALA A 281 -5.90 -10.63 23.50
CA ALA A 281 -5.48 -10.01 24.74
C ALA A 281 -6.72 -9.62 25.53
N ALA A 282 -6.53 -9.46 26.84
CA ALA A 282 -7.62 -9.06 27.74
C ALA A 282 -7.06 -8.06 28.73
N THR A 283 -7.25 -6.77 28.44
CA THR A 283 -6.80 -5.70 29.32
C THR A 283 -7.90 -4.65 29.40
N ASP A 284 -7.91 -3.91 30.50
CA ASP A 284 -8.90 -2.86 30.73
C ASP A 284 -8.36 -1.55 30.15
N ILE A 285 -8.90 -1.16 29.00
CA ILE A 285 -8.33 -0.03 28.25
C ILE A 285 -8.95 1.31 28.57
N ASN A 286 -10.16 1.35 29.12
CA ASN A 286 -10.80 2.60 29.49
C ASN A 286 -10.90 2.80 31.00
N GLY A 287 -10.32 1.90 31.79
CA GLY A 287 -10.19 2.13 33.22
C GLY A 287 -11.48 2.25 34.01
N ASP A 288 -12.46 1.40 33.71
CA ASP A 288 -13.66 1.29 34.54
C ASP A 288 -13.74 -0.07 35.22
N ASP A 289 -12.61 -0.75 35.39
CA ASP A 289 -12.53 -2.05 36.08
C ASP A 289 -13.39 -3.10 35.38
N TYR A 290 -13.10 -3.30 34.09
CA TYR A 290 -13.79 -4.29 33.29
C TYR A 290 -12.88 -4.66 32.13
N ALA A 291 -12.44 -5.91 32.06
CA ALA A 291 -11.49 -6.32 31.04
C ALA A 291 -12.12 -6.25 29.65
N ASP A 292 -11.29 -5.92 28.66
CA ASP A 292 -11.73 -5.73 27.28
C ASP A 292 -10.93 -6.65 26.36
N VAL A 293 -11.62 -7.22 25.37
CA VAL A 293 -11.03 -8.23 24.49
C VAL A 293 -10.49 -7.56 23.23
N PHE A 294 -9.25 -7.88 22.88
CA PHE A 294 -8.62 -7.42 21.65
C PHE A 294 -8.26 -8.63 20.81
N ILE A 295 -8.78 -8.70 19.59
CA ILE A 295 -8.61 -9.86 18.73
C ILE A 295 -7.92 -9.43 17.44
N GLY A 296 -6.87 -10.16 17.07
CA GLY A 296 -6.06 -9.81 15.92
C GLY A 296 -6.38 -10.68 14.71
N ALA A 297 -6.49 -10.03 13.55
CA ALA A 297 -6.72 -10.70 12.27
C ALA A 297 -5.67 -10.19 11.30
N PRO A 298 -4.45 -10.73 11.35
CA PRO A 298 -3.35 -10.16 10.55
C PRO A 298 -3.54 -10.28 9.05
N LEU A 299 -4.41 -11.17 8.56
CA LEU A 299 -4.58 -11.38 7.14
C LEU A 299 -5.85 -10.72 6.59
N PHE A 300 -6.39 -9.74 7.30
CA PHE A 300 -7.60 -9.06 6.86
C PHE A 300 -7.34 -8.27 5.59
N MET A 301 -8.27 -8.34 4.64
CA MET A 301 -8.20 -7.61 3.38
C MET A 301 -9.34 -6.60 3.33
N ASP A 302 -9.00 -5.33 3.10
CA ASP A 302 -9.97 -4.26 3.02
C ASP A 302 -9.81 -3.51 1.71
N ARG A 303 -10.91 -2.90 1.26
CA ARG A 303 -10.89 -2.17 0.01
C ARG A 303 -10.00 -0.94 0.11
N GLY A 304 -9.24 -0.68 -0.95
CA GLY A 304 -8.33 0.44 -1.01
C GLY A 304 -8.95 1.64 -1.69
N SER A 305 -8.07 2.53 -2.19
CA SER A 305 -8.54 3.74 -2.86
C SER A 305 -9.28 3.40 -4.14
N ASP A 306 -8.79 2.43 -4.90
CA ASP A 306 -9.38 2.05 -6.17
C ASP A 306 -10.39 0.92 -6.04
N GLY A 307 -10.74 0.52 -4.83
CA GLY A 307 -11.70 -0.54 -4.61
C GLY A 307 -11.15 -1.95 -4.63
N LYS A 308 -9.83 -2.09 -4.76
CA LYS A 308 -9.20 -3.40 -4.74
C LYS A 308 -8.78 -3.76 -3.32
N LEU A 309 -9.05 -5.00 -2.93
CA LEU A 309 -8.70 -5.47 -1.59
C LEU A 309 -7.20 -5.47 -1.39
N GLN A 310 -6.76 -4.98 -0.24
CA GLN A 310 -5.36 -5.02 0.15
C GLN A 310 -5.25 -5.66 1.53
N GLU A 311 -4.28 -6.56 1.67
CA GLU A 311 -4.08 -7.28 2.94
C GLU A 311 -3.31 -6.40 3.89
N VAL A 312 -4.00 -5.84 4.89
CA VAL A 312 -3.38 -4.93 5.84
C VAL A 312 -3.44 -5.50 7.25
N GLY A 313 -4.48 -6.27 7.54
CA GLY A 313 -4.70 -6.78 8.87
C GLY A 313 -5.56 -5.85 9.70
N GLN A 314 -6.17 -6.41 10.75
CA GLN A 314 -7.09 -5.65 11.57
C GLN A 314 -7.08 -6.16 13.00
N VAL A 315 -7.41 -5.26 13.93
CA VAL A 315 -7.53 -5.58 15.35
C VAL A 315 -8.88 -5.06 15.83
N SER A 316 -9.66 -5.94 16.46
CA SER A 316 -10.99 -5.60 16.94
C SER A 316 -10.96 -5.37 18.45
N VAL A 317 -11.41 -4.20 18.87
CA VAL A 317 -11.41 -3.80 20.28
C VAL A 317 -12.83 -3.92 20.80
N SER A 318 -13.06 -4.81 21.75
CA SER A 318 -14.38 -5.03 22.33
C SER A 318 -14.37 -4.56 23.77
N LEU A 319 -15.15 -3.52 24.05
CA LEU A 319 -15.19 -2.89 25.37
C LEU A 319 -16.32 -3.50 26.19
N GLN A 320 -15.97 -4.09 27.33
CA GLN A 320 -16.96 -4.72 28.18
C GLN A 320 -17.85 -3.68 28.83
N ARG A 321 -19.09 -4.08 29.11
CA ARG A 321 -20.08 -3.23 29.76
C ARG A 321 -20.55 -3.89 31.05
N ALA A 322 -21.45 -3.21 31.75
CA ALA A 322 -22.03 -3.80 32.96
C ALA A 322 -22.79 -5.08 32.64
N SER A 323 -23.46 -5.09 31.51
CA SER A 323 -24.14 -6.30 31.07
C SER A 323 -23.21 -7.04 30.13
N GLY A 324 -23.74 -8.02 29.40
CA GLY A 324 -22.93 -8.78 28.49
C GLY A 324 -22.62 -8.09 27.17
N ASP A 325 -22.98 -6.81 27.04
CA ASP A 325 -22.75 -6.09 25.80
C ASP A 325 -21.27 -5.75 25.64
N PHE A 326 -20.82 -5.76 24.38
CA PHE A 326 -19.47 -5.38 24.02
C PHE A 326 -19.54 -4.35 22.90
N GLN A 327 -18.89 -3.21 23.08
CA GLN A 327 -18.87 -2.17 22.05
C GLN A 327 -17.64 -2.38 21.19
N THR A 328 -17.81 -3.20 20.15
CA THR A 328 -16.70 -3.60 19.30
C THR A 328 -16.38 -2.52 18.27
N THR A 329 -15.10 -2.20 18.13
CA THR A 329 -14.61 -1.32 17.09
C THR A 329 -13.45 -1.99 16.37
N LYS A 330 -13.18 -1.53 15.15
CA LYS A 330 -12.15 -2.11 14.31
C LYS A 330 -10.99 -1.13 14.14
N LEU A 331 -9.77 -1.67 14.11
CA LEU A 331 -8.56 -0.87 13.96
C LEU A 331 -7.79 -1.42 12.75
N ASN A 332 -8.01 -0.81 11.58
CA ASN A 332 -7.45 -1.33 10.35
C ASN A 332 -5.93 -1.13 10.31
N GLY A 333 -5.28 -1.90 9.44
CA GLY A 333 -3.84 -1.84 9.31
C GLY A 333 -3.39 -0.60 8.57
N PHE A 334 -2.08 -0.46 8.45
CA PHE A 334 -1.48 0.73 7.86
C PHE A 334 -0.66 0.47 6.61
N GLU A 335 -0.08 -0.71 6.46
CA GLU A 335 0.72 -1.05 5.28
C GLU A 335 0.31 -2.42 4.78
N VAL A 336 0.22 -2.55 3.45
CA VAL A 336 -0.15 -3.82 2.84
C VAL A 336 0.94 -4.86 3.12
N PHE A 337 0.50 -6.10 3.35
CA PHE A 337 1.42 -7.22 3.59
C PHE A 337 2.32 -6.95 4.79
N ALA A 338 1.70 -6.49 5.88
CA ALA A 338 2.43 -6.22 7.11
C ALA A 338 1.97 -7.04 8.31
N ARG A 339 0.81 -7.69 8.23
CA ARG A 339 0.28 -8.52 9.32
C ARG A 339 0.15 -7.71 10.61
N PHE A 340 -0.75 -6.74 10.56
CA PHE A 340 -0.86 -5.74 11.62
C PHE A 340 -1.17 -6.38 12.97
N GLY A 341 -2.22 -7.19 13.03
CA GLY A 341 -2.63 -7.73 14.31
C GLY A 341 -1.90 -9.00 14.71
N SER A 342 -0.61 -9.09 14.38
CA SER A 342 0.12 -10.33 14.60
C SER A 342 0.33 -10.59 16.10
N ALA A 343 0.81 -9.59 16.84
CA ALA A 343 1.06 -9.73 18.26
C ALA A 343 0.46 -8.54 18.99
N ILE A 344 -0.31 -8.81 20.03
CA ILE A 344 -0.95 -7.78 20.85
C ILE A 344 -0.41 -7.91 22.25
N ALA A 345 0.18 -6.85 22.77
CA ALA A 345 0.85 -6.86 24.07
C ALA A 345 0.34 -5.73 24.94
N PRO A 346 -0.50 -6.00 25.93
CA PRO A 346 -0.96 -4.94 26.84
C PRO A 346 0.21 -4.42 27.67
N LEU A 347 0.48 -3.13 27.57
CA LEU A 347 1.58 -2.51 28.28
C LEU A 347 1.20 -2.03 29.68
N GLY A 348 -0.06 -2.15 30.07
CA GLY A 348 -0.44 -1.50 31.30
C GLY A 348 -0.47 0.01 31.08
N ASP A 349 -0.49 0.74 32.19
CA ASP A 349 -0.50 2.20 32.14
C ASP A 349 0.91 2.68 31.79
N LEU A 350 1.21 2.68 30.50
CA LEU A 350 2.57 2.96 30.05
C LEU A 350 3.01 4.37 30.44
N ASP A 351 2.13 5.36 30.26
CA ASP A 351 2.44 6.75 30.59
C ASP A 351 1.86 7.19 31.92
N GLN A 352 1.18 6.28 32.64
CA GLN A 352 0.60 6.58 33.95
C GLN A 352 -0.38 7.76 33.87
N ASP A 353 -1.40 7.58 33.05
CA ASP A 353 -2.45 8.58 32.88
C ASP A 353 -3.80 8.13 33.42
N GLY A 354 -3.93 6.87 33.82
CA GLY A 354 -5.19 6.39 34.37
C GLY A 354 -5.74 5.19 33.63
N PHE A 355 -5.57 5.15 32.32
CA PHE A 355 -6.09 4.08 31.48
C PHE A 355 -4.94 3.31 30.86
N ASN A 356 -5.08 1.99 30.78
CA ASN A 356 -4.03 1.14 30.26
C ASN A 356 -3.87 1.36 28.76
N ASP A 357 -2.66 1.10 28.27
CA ASP A 357 -2.32 1.22 26.86
C ASP A 357 -2.14 -0.18 26.27
N ILE A 358 -1.74 -0.22 25.01
CA ILE A 358 -1.61 -1.48 24.29
C ILE A 358 -0.68 -1.26 23.10
N ALA A 359 0.01 -2.32 22.70
CA ALA A 359 0.93 -2.27 21.58
C ALA A 359 0.59 -3.39 20.61
N ILE A 360 0.35 -3.03 19.35
CA ILE A 360 0.07 -3.99 18.28
C ILE A 360 1.16 -3.83 17.23
N ALA A 361 1.74 -4.96 16.83
CA ALA A 361 2.98 -4.94 16.04
C ALA A 361 2.74 -5.56 14.67
N ALA A 362 3.22 -4.88 13.63
CA ALA A 362 3.27 -5.45 12.29
C ALA A 362 4.69 -5.91 12.05
N PRO A 363 4.97 -7.22 12.06
CA PRO A 363 6.36 -7.68 11.99
C PRO A 363 6.96 -7.66 10.59
N TYR A 364 6.15 -7.44 9.55
CA TYR A 364 6.64 -7.42 8.18
C TYR A 364 6.32 -6.10 7.49
N GLY A 365 6.21 -5.03 8.27
CA GLY A 365 5.96 -3.71 7.74
C GLY A 365 7.22 -2.86 7.73
N GLY A 366 7.01 -1.57 7.45
CA GLY A 366 8.12 -0.64 7.45
C GLY A 366 9.02 -0.81 6.23
N GLU A 367 10.14 -0.08 6.27
CA GLU A 367 11.13 -0.19 5.21
C GLU A 367 11.90 -1.50 5.33
N ASP A 368 12.24 -2.07 4.18
CA ASP A 368 13.01 -3.32 4.08
C ASP A 368 12.27 -4.48 4.75
N LYS A 369 10.98 -4.31 5.03
CA LYS A 369 10.14 -5.31 5.67
C LYS A 369 10.77 -5.82 6.97
N LYS A 370 11.32 -4.89 7.75
CA LYS A 370 11.95 -5.26 9.02
C LYS A 370 10.90 -5.53 10.09
N GLY A 371 10.11 -4.52 10.43
CA GLY A 371 9.09 -4.67 11.44
C GLY A 371 8.68 -3.36 12.06
N ILE A 372 7.39 -3.24 12.41
CA ILE A 372 6.83 -2.03 12.99
C ILE A 372 5.98 -2.42 14.19
N VAL A 373 6.14 -1.70 15.30
CA VAL A 373 5.30 -1.87 16.47
C VAL A 373 4.59 -0.56 16.74
N TYR A 374 3.26 -0.61 16.76
CA TYR A 374 2.43 0.56 17.03
C TYR A 374 2.02 0.57 18.49
N ILE A 375 1.75 1.76 19.02
CA ILE A 375 1.36 1.93 20.42
C ILE A 375 0.11 2.80 20.47
N PHE A 376 -0.98 2.24 20.98
CA PHE A 376 -2.26 2.94 21.09
C PHE A 376 -2.60 3.12 22.56
N ASN A 377 -2.92 4.35 22.94
CA ASN A 377 -3.20 4.70 24.33
C ASN A 377 -4.70 4.68 24.59
N GLY A 378 -5.10 4.01 25.65
CA GLY A 378 -6.51 3.94 25.99
C GLY A 378 -7.01 5.24 26.61
N ARG A 379 -8.26 5.56 26.31
CA ARG A 379 -8.92 6.76 26.80
C ARG A 379 -10.22 6.36 27.50
N SER A 380 -10.89 7.36 28.07
CA SER A 380 -12.15 7.10 28.77
C SER A 380 -13.20 6.54 27.82
N THR A 381 -13.26 7.08 26.60
CA THR A 381 -14.23 6.58 25.63
C THR A 381 -13.83 5.21 25.10
N GLY A 382 -12.53 4.91 25.04
CA GLY A 382 -12.07 3.64 24.52
C GLY A 382 -10.59 3.66 24.18
N LEU A 383 -10.25 3.17 22.99
CA LEU A 383 -8.87 3.10 22.54
C LEU A 383 -8.64 4.13 21.44
N ASN A 384 -7.57 4.91 21.58
CA ASN A 384 -7.20 5.87 20.54
C ASN A 384 -6.84 5.13 19.26
N ALA A 385 -7.45 5.54 18.15
CA ALA A 385 -7.28 4.86 16.87
C ALA A 385 -6.03 5.31 16.12
N VAL A 386 -5.31 6.31 16.64
CA VAL A 386 -4.10 6.82 16.02
C VAL A 386 -2.92 6.39 16.90
N PRO A 387 -1.97 5.62 16.38
CA PRO A 387 -0.82 5.23 17.20
C PRO A 387 -0.02 6.45 17.62
N SER A 388 0.45 6.43 18.86
CA SER A 388 1.25 7.52 19.40
C SER A 388 2.74 7.25 19.36
N GLN A 389 3.17 6.11 18.81
CA GLN A 389 4.58 5.79 18.74
C GLN A 389 4.80 4.75 17.65
N ILE A 390 5.95 4.83 16.99
CA ILE A 390 6.36 3.90 15.95
C ILE A 390 7.73 3.36 16.33
N LEU A 391 7.85 2.03 16.39
CA LEU A 391 9.11 1.36 16.66
C LEU A 391 9.55 0.62 15.41
N GLU A 392 10.77 0.88 14.96
CA GLU A 392 11.31 0.28 13.75
C GLU A 392 12.40 -0.72 14.10
N GLY A 393 12.38 -1.87 13.44
CA GLY A 393 13.49 -2.79 13.54
C GLY A 393 14.74 -2.22 12.87
N GLN A 394 15.90 -2.61 13.40
CA GLN A 394 17.16 -2.06 12.91
C GLN A 394 18.13 -3.16 12.47
N TRP A 395 17.64 -4.38 12.23
CA TRP A 395 18.47 -5.48 11.77
C TRP A 395 17.88 -6.03 10.48
N ALA A 396 18.67 -6.00 9.41
CA ALA A 396 18.21 -6.49 8.13
C ALA A 396 18.14 -8.01 8.12
N ALA A 397 17.31 -8.54 7.23
CA ALA A 397 17.16 -9.97 7.11
C ALA A 397 18.43 -10.60 6.55
N ARG A 398 18.78 -11.78 7.07
CA ARG A 398 19.89 -12.56 6.55
C ARG A 398 19.40 -13.69 5.64
N SER A 399 18.54 -14.56 6.18
CA SER A 399 17.90 -15.60 5.39
C SER A 399 16.41 -15.72 5.63
N MET A 400 15.88 -15.06 6.66
CA MET A 400 14.48 -15.06 7.03
C MET A 400 14.10 -13.64 7.43
N PRO A 401 12.84 -13.25 7.23
CA PRO A 401 12.41 -11.92 7.68
C PRO A 401 12.68 -11.73 9.17
N PRO A 402 13.16 -10.56 9.58
CA PRO A 402 13.51 -10.38 10.99
C PRO A 402 12.36 -10.60 11.95
N SER A 403 11.13 -10.29 11.54
CA SER A 403 9.95 -10.47 12.36
C SER A 403 10.05 -9.71 13.67
N PHE A 404 10.39 -8.43 13.57
CA PHE A 404 10.47 -7.55 14.73
C PHE A 404 9.05 -7.22 15.18
N GLY A 405 8.68 -7.65 16.39
CA GLY A 405 7.33 -7.51 16.87
C GLY A 405 6.48 -8.75 16.78
N TYR A 406 7.07 -9.90 16.44
CA TYR A 406 6.29 -11.14 16.39
C TYR A 406 5.77 -11.52 17.76
N SER A 407 6.47 -11.12 18.83
CA SER A 407 6.07 -11.43 20.19
C SER A 407 6.63 -10.38 21.12
N MET A 408 5.77 -9.75 21.90
CA MET A 408 6.20 -8.78 22.90
C MET A 408 5.56 -9.09 24.25
N LYS A 409 6.15 -8.49 25.28
CA LYS A 409 5.64 -8.57 26.64
C LYS A 409 5.61 -7.16 27.22
N GLY A 410 4.64 -6.91 28.10
CA GLY A 410 4.55 -5.61 28.73
C GLY A 410 4.06 -5.66 30.16
N ALA A 411 3.79 -4.50 30.73
CA ALA A 411 3.21 -4.38 32.08
C ALA A 411 4.13 -4.99 33.13
N THR A 412 5.39 -4.59 33.12
CA THR A 412 6.33 -5.01 34.15
C THR A 412 7.46 -3.99 34.22
N ASP A 413 7.55 -3.28 35.34
CA ASP A 413 8.55 -2.24 35.51
C ASP A 413 9.87 -2.87 35.94
N ILE A 414 10.89 -2.76 35.08
CA ILE A 414 12.16 -3.44 35.32
C ILE A 414 13.25 -2.54 35.89
N ASP A 415 13.16 -1.23 35.68
CA ASP A 415 14.13 -0.29 36.26
C ASP A 415 13.59 0.41 37.49
N LYS A 416 12.41 0.02 37.96
CA LYS A 416 11.86 0.57 39.21
C LYS A 416 11.65 2.08 39.19
N ASN A 417 11.26 2.64 38.06
CA ASN A 417 10.95 4.06 37.99
C ASN A 417 9.46 4.33 37.92
N GLY A 418 8.62 3.30 37.91
CA GLY A 418 7.19 3.46 37.94
C GLY A 418 6.46 3.33 36.62
N TYR A 419 7.15 3.00 35.54
CA TYR A 419 6.55 2.93 34.22
C TYR A 419 6.80 1.55 33.62
N PRO A 420 5.77 0.90 33.07
CA PRO A 420 5.97 -0.43 32.49
C PRO A 420 6.84 -0.36 31.25
N ASP A 421 7.52 -1.48 30.98
CA ASP A 421 8.47 -1.59 29.89
C ASP A 421 7.94 -2.56 28.84
N LEU A 422 8.77 -2.85 27.84
CA LEU A 422 8.35 -3.68 26.72
C LEU A 422 9.55 -4.42 26.16
N ILE A 423 9.43 -5.75 26.05
CA ILE A 423 10.40 -6.57 25.36
C ILE A 423 9.84 -6.93 24.00
N VAL A 424 10.58 -6.63 22.94
CA VAL A 424 10.19 -6.98 21.58
C VAL A 424 11.16 -8.04 21.06
N GLY A 425 10.63 -9.15 20.58
CA GLY A 425 11.46 -10.25 20.14
C GLY A 425 11.50 -10.44 18.63
N ALA A 426 12.65 -10.18 18.03
CA ALA A 426 12.87 -10.42 16.61
C ALA A 426 13.69 -11.70 16.47
N PHE A 427 13.03 -12.77 16.04
CA PHE A 427 13.69 -14.07 15.93
C PHE A 427 14.29 -14.31 14.55
N GLY A 428 13.96 -13.49 13.56
CA GLY A 428 14.57 -13.65 12.24
C GLY A 428 16.04 -13.31 12.24
N VAL A 429 16.48 -12.49 13.19
CA VAL A 429 17.89 -12.19 13.40
C VAL A 429 18.38 -12.71 14.75
N ASP A 430 17.53 -13.42 15.49
CA ASP A 430 17.86 -13.97 16.80
C ASP A 430 18.26 -12.86 17.77
N ARG A 431 17.32 -11.94 18.00
CA ARG A 431 17.53 -10.79 18.86
C ARG A 431 16.33 -10.60 19.78
N ALA A 432 16.59 -10.00 20.93
CA ALA A 432 15.55 -9.55 21.85
C ALA A 432 15.88 -8.13 22.27
N ILE A 433 14.88 -7.25 22.26
CA ILE A 433 15.06 -5.84 22.52
C ILE A 433 14.16 -5.42 23.67
N LEU A 434 14.71 -4.68 24.62
CA LEU A 434 13.96 -4.18 25.77
C LEU A 434 13.83 -2.67 25.67
N TYR A 435 12.60 -2.19 25.58
CA TYR A 435 12.30 -0.77 25.51
C TYR A 435 11.77 -0.31 26.85
N ARG A 436 12.42 0.69 27.45
CA ARG A 436 12.06 1.19 28.77
C ARG A 436 11.35 2.52 28.64
N ALA A 437 10.16 2.60 29.23
CA ALA A 437 9.35 3.81 29.13
C ALA A 437 9.98 4.95 29.90
N ARG A 438 9.96 6.15 29.29
CA ARG A 438 10.48 7.37 29.91
C ARG A 438 9.43 8.01 30.79
N PRO A 439 9.84 8.69 31.86
CA PRO A 439 8.87 9.43 32.69
C PRO A 439 8.15 10.49 31.87
N VAL A 440 6.88 10.67 32.16
CA VAL A 440 6.04 11.64 31.46
C VAL A 440 5.87 12.84 32.37
N ILE A 441 6.31 14.01 31.90
CA ILE A 441 6.18 15.26 32.64
C ILE A 441 5.09 16.08 31.95
N THR A 442 4.05 16.42 32.69
CA THR A 442 3.02 17.31 32.19
C THR A 442 3.31 18.73 32.67
N VAL A 443 3.00 19.70 31.82
CA VAL A 443 3.28 21.10 32.10
C VAL A 443 1.98 21.89 31.95
N ASN A 444 1.62 22.62 33.00
CA ASN A 444 0.45 23.49 32.98
C ASN A 444 0.96 24.92 32.81
N ALA A 445 1.20 25.31 31.57
CA ALA A 445 1.77 26.62 31.28
C ALA A 445 0.73 27.72 31.47
N GLY A 446 1.22 28.91 31.79
CA GLY A 446 0.37 30.07 31.92
C GLY A 446 1.04 31.32 31.39
N LEU A 447 0.26 32.22 30.79
CA LEU A 447 0.80 33.46 30.20
C LEU A 447 -0.24 34.55 30.46
N GLU A 448 -0.04 35.29 31.55
CA GLU A 448 -0.94 36.38 31.92
C GLU A 448 -0.40 37.66 31.32
N VAL A 449 -1.22 38.35 30.53
CA VAL A 449 -0.84 39.59 29.89
C VAL A 449 -1.67 40.72 30.48
N TYR A 450 -1.11 41.92 30.48
CA TYR A 450 -1.83 43.10 30.91
C TYR A 450 -2.97 43.37 29.93
N PRO A 451 -3.99 44.18 30.35
CA PRO A 451 -5.16 44.41 29.50
C PRO A 451 -4.84 44.55 28.02
N SER A 452 -5.59 43.83 27.19
CA SER A 452 -5.25 43.70 25.78
C SER A 452 -5.21 45.05 25.09
N ILE A 453 -6.13 45.94 25.43
CA ILE A 453 -6.17 47.27 24.82
C ILE A 453 -4.99 48.09 25.35
N LEU A 454 -4.15 48.57 24.43
CA LEU A 454 -3.01 49.41 24.77
C LEU A 454 -3.26 50.82 24.26
N ASN A 455 -3.10 51.80 25.15
CA ASN A 455 -3.30 53.20 24.79
C ASN A 455 -1.96 53.81 24.40
N GLN A 456 -1.86 54.28 23.15
CA GLN A 456 -0.63 54.93 22.70
C GLN A 456 -0.40 56.24 23.43
N ASP A 457 -1.47 56.98 23.72
CA ASP A 457 -1.33 58.24 24.44
C ASP A 457 -0.84 58.02 25.87
N ASN A 458 -1.26 56.93 26.51
CA ASN A 458 -0.84 56.63 27.87
C ASN A 458 0.63 56.24 27.86
N LYS A 459 1.49 57.20 28.17
CA LYS A 459 2.95 57.03 28.10
C LYS A 459 3.60 57.27 29.46
N THR A 460 3.01 56.72 30.52
CA THR A 460 3.54 56.87 31.87
C THR A 460 4.52 55.74 32.20
N CYS A 461 5.58 55.65 31.39
CA CYS A 461 6.61 54.66 31.58
C CYS A 461 7.98 55.29 31.38
N SER A 462 8.98 54.69 32.00
CA SER A 462 10.35 55.17 31.94
C SER A 462 11.18 54.26 31.05
N LEU A 463 12.22 54.83 30.44
CA LEU A 463 13.08 54.10 29.52
C LEU A 463 14.54 54.31 29.89
N PRO A 464 15.39 53.31 29.64
CA PRO A 464 16.82 53.45 29.92
C PRO A 464 17.58 54.13 28.79
N GLY A 465 18.61 54.86 29.17
CA GLY A 465 19.45 55.54 28.19
C GLY A 465 18.95 56.88 27.68
N THR A 466 17.69 56.94 27.26
CA THR A 466 17.12 58.17 26.71
C THR A 466 15.90 58.68 27.44
N ALA A 467 15.14 57.80 28.11
CA ALA A 467 13.93 58.17 28.84
C ALA A 467 12.94 58.90 27.92
N LEU A 468 12.57 58.21 26.85
CA LEU A 468 11.65 58.78 25.86
C LEU A 468 10.22 58.89 26.38
N LYS A 469 9.88 58.21 27.48
CA LYS A 469 8.56 58.27 28.08
C LYS A 469 7.48 57.84 27.07
N VAL A 470 7.56 56.57 26.66
CA VAL A 470 6.60 55.99 25.73
C VAL A 470 5.79 54.93 26.46
N SER A 471 4.72 54.48 25.80
CA SER A 471 3.80 53.52 26.41
C SER A 471 4.49 52.18 26.65
N CYS A 472 4.07 51.50 27.72
CA CYS A 472 4.63 50.21 28.06
C CYS A 472 3.55 49.33 28.69
N PHE A 473 3.77 48.02 28.63
CA PHE A 473 2.86 47.04 29.20
C PHE A 473 3.67 45.89 29.75
N ASN A 474 3.05 45.13 30.65
CA ASN A 474 3.72 44.05 31.35
C ASN A 474 3.13 42.70 30.94
N VAL A 475 4.00 41.69 30.86
CA VAL A 475 3.62 40.34 30.49
C VAL A 475 4.12 39.38 31.56
N ARG A 476 3.24 38.50 32.03
CA ARG A 476 3.54 37.57 33.10
C ARG A 476 3.41 36.14 32.59
N PHE A 477 4.45 35.33 32.79
CA PHE A 477 4.49 33.98 32.28
C PHE A 477 5.04 33.04 33.35
N CYS A 478 4.44 31.86 33.44
CA CYS A 478 4.89 30.87 34.41
C CYS A 478 4.28 29.52 34.15
N LEU A 479 4.84 28.46 34.68
CA LEU A 479 4.47 27.09 34.37
C LEU A 479 4.82 26.18 35.55
N LYS A 480 4.07 25.09 35.67
CA LYS A 480 4.33 24.06 36.66
C LYS A 480 4.51 22.72 35.96
N ALA A 481 5.23 21.81 36.61
CA ALA A 481 5.43 20.46 36.10
C ALA A 481 5.18 19.46 37.20
N ASP A 482 4.63 18.30 36.81
CA ASP A 482 4.36 17.23 37.78
C ASP A 482 4.12 15.94 37.02
N GLY A 483 4.87 14.89 37.37
CA GLY A 483 4.70 13.61 36.74
C GLY A 483 4.88 12.49 37.75
N LYS A 484 4.25 11.35 37.44
CA LYS A 484 4.32 10.20 38.33
C LYS A 484 5.62 9.43 38.09
N GLY A 485 5.94 8.57 39.05
CA GLY A 485 7.15 7.78 38.97
C GLY A 485 8.39 8.54 39.41
N VAL A 486 9.55 7.93 39.15
CA VAL A 486 10.82 8.52 39.56
C VAL A 486 11.12 9.71 38.65
N LEU A 487 11.40 10.87 39.27
CA LEU A 487 11.65 12.08 38.53
C LEU A 487 12.45 13.03 39.40
N PRO A 488 13.45 13.72 38.85
CA PRO A 488 14.23 14.66 39.67
C PRO A 488 13.37 15.81 40.16
N ARG A 489 13.72 16.31 41.35
CA ARG A 489 12.90 17.34 41.98
C ARG A 489 12.91 18.64 41.19
N LYS A 490 14.07 19.06 40.70
CA LYS A 490 14.22 20.32 39.98
C LYS A 490 14.43 20.03 38.50
N LEU A 491 13.55 20.57 37.66
CA LEU A 491 13.63 20.39 36.21
C LEU A 491 14.02 21.71 35.57
N ASN A 492 15.07 21.69 34.76
CA ASN A 492 15.55 22.89 34.10
C ASN A 492 14.66 23.19 32.90
N PHE A 493 14.05 24.37 32.90
CA PHE A 493 13.20 24.82 31.80
C PHE A 493 13.75 26.13 31.25
N GLN A 494 13.73 26.26 29.93
CA GLN A 494 14.08 27.50 29.26
C GLN A 494 12.90 27.96 28.41
N VAL A 495 12.51 29.22 28.59
CA VAL A 495 11.33 29.77 27.94
C VAL A 495 11.77 30.92 27.05
N GLU A 496 11.31 30.92 25.81
CA GLU A 496 11.59 31.99 24.86
C GLU A 496 10.31 32.79 24.64
N LEU A 497 10.42 34.10 24.77
CA LEU A 497 9.30 35.01 24.59
C LEU A 497 9.47 35.74 23.26
N LEU A 498 8.49 35.61 22.38
CA LEU A 498 8.53 36.24 21.07
C LEU A 498 7.44 37.29 20.98
N LEU A 499 7.81 38.48 20.54
CA LEU A 499 6.90 39.61 20.45
C LEU A 499 6.43 39.80 19.01
N ASP A 500 5.15 40.10 18.85
CA ASP A 500 4.53 40.28 17.53
C ASP A 500 4.68 39.01 16.70
N LYS A 501 4.05 37.94 17.18
CA LYS A 501 4.06 36.68 16.46
C LYS A 501 3.16 36.78 15.22
N LEU A 502 3.14 35.71 14.44
CA LEU A 502 2.38 35.61 13.18
C LEU A 502 2.60 36.82 12.29
N LYS A 503 3.76 37.49 12.44
CA LYS A 503 4.10 38.62 11.60
C LYS A 503 5.57 38.61 11.20
N GLN A 504 6.32 37.55 11.53
CA GLN A 504 7.73 37.45 11.19
C GLN A 504 7.88 37.05 9.72
N LYS A 505 7.63 38.03 8.85
CA LYS A 505 7.76 37.85 7.40
C LYS A 505 8.63 38.95 6.81
N GLY A 506 9.65 39.39 7.56
CA GLY A 506 10.50 40.47 7.12
C GLY A 506 9.98 41.86 7.41
N ALA A 507 8.83 41.98 8.06
CA ALA A 507 8.25 43.28 8.37
C ALA A 507 8.91 43.87 9.61
N ILE A 508 8.37 44.96 10.12
CA ILE A 508 8.93 45.64 11.28
C ILE A 508 8.29 45.08 12.55
N ARG A 509 8.97 45.28 13.68
CA ARG A 509 8.47 44.87 14.98
C ARG A 509 8.00 46.10 15.74
N ARG A 510 6.78 46.04 16.27
CA ARG A 510 6.17 47.18 16.95
C ARG A 510 6.32 47.11 18.46
N ALA A 511 5.97 45.98 19.08
CA ALA A 511 6.14 45.80 20.52
C ALA A 511 7.56 45.35 20.81
N LEU A 512 8.16 45.93 21.86
CA LEU A 512 9.56 45.68 22.13
C LEU A 512 9.80 45.73 23.64
N PHE A 513 10.63 44.82 24.14
CA PHE A 513 10.84 44.67 25.57
C PHE A 513 11.59 45.85 26.15
N LEU A 514 11.27 46.19 27.40
CA LEU A 514 11.81 47.40 28.02
C LEU A 514 13.31 47.30 28.26
N TYR A 515 13.76 46.21 28.87
CA TYR A 515 15.15 46.13 29.31
C TYR A 515 16.04 45.43 28.29
N SER A 516 15.64 44.23 27.84
CA SER A 516 16.45 43.51 26.86
C SER A 516 16.54 44.26 25.54
N ARG A 517 15.56 45.12 25.25
CA ARG A 517 15.53 45.88 24.00
C ARG A 517 15.60 44.96 22.79
N SER A 518 14.92 43.82 22.87
CA SER A 518 14.84 42.87 21.78
C SER A 518 13.44 42.29 21.73
N PRO A 519 12.94 41.97 20.53
CA PRO A 519 11.63 41.30 20.44
C PRO A 519 11.64 39.90 21.05
N SER A 520 12.82 39.28 21.21
CA SER A 520 12.94 37.96 21.78
C SER A 520 13.73 38.03 23.08
N HIS A 521 13.26 37.29 24.08
CA HIS A 521 13.90 37.26 25.39
C HIS A 521 13.78 35.84 25.95
N SER A 522 14.92 35.24 26.27
CA SER A 522 14.97 33.88 26.77
C SER A 522 15.48 33.87 28.21
N LYS A 523 14.84 33.06 29.05
CA LYS A 523 15.23 32.94 30.45
C LYS A 523 15.19 31.48 30.85
N ASN A 524 16.06 31.12 31.79
CA ASN A 524 16.15 29.74 32.30
C ASN A 524 15.43 29.63 33.63
N MET A 525 14.64 28.57 33.77
CA MET A 525 13.85 28.34 34.97
C MET A 525 14.19 26.97 35.54
N THR A 526 14.40 26.91 36.85
CA THR A 526 14.62 25.66 37.58
C THR A 526 13.43 25.48 38.50
N ILE A 527 12.38 24.85 37.98
CA ILE A 527 11.12 24.71 38.71
C ILE A 527 11.10 23.36 39.40
N SER A 528 10.22 23.23 40.39
CA SER A 528 10.11 22.03 41.19
C SER A 528 8.81 21.32 40.89
N ARG A 529 8.85 19.99 40.91
CA ARG A 529 7.68 19.19 40.58
C ARG A 529 6.59 19.37 41.63
N GLY A 530 5.34 19.49 41.16
CA GLY A 530 4.22 19.64 42.06
C GLY A 530 4.18 20.97 42.79
N GLY A 531 5.04 21.92 42.43
CA GLY A 531 5.07 23.21 43.08
C GLY A 531 4.00 24.14 42.54
N LEU A 532 3.96 25.33 43.12
CA LEU A 532 3.01 26.35 42.72
C LEU A 532 3.59 27.15 41.55
N MET A 533 2.94 28.26 41.21
CA MET A 533 3.40 29.10 40.12
C MET A 533 4.76 29.72 40.46
N GLN A 534 5.58 29.88 39.43
CA GLN A 534 6.88 30.57 39.53
C GLN A 534 6.92 31.60 38.40
N CYS A 535 6.33 32.77 38.64
CA CYS A 535 6.08 33.74 37.59
C CYS A 535 7.01 34.94 37.71
N GLU A 536 7.64 35.32 36.60
CA GLU A 536 8.48 36.49 36.51
C GLU A 536 7.78 37.58 35.72
N GLU A 537 7.98 38.82 36.14
CA GLU A 537 7.35 39.98 35.52
C GLU A 537 8.29 40.60 34.50
N LEU A 538 7.81 40.73 33.27
CA LEU A 538 8.54 41.37 32.19
C LEU A 538 7.76 42.58 31.69
N ILE A 539 8.48 43.61 31.29
CA ILE A 539 7.89 44.86 30.81
C ILE A 539 8.31 45.07 29.37
N ALA A 540 7.34 45.37 28.51
CA ALA A 540 7.58 45.65 27.10
C ALA A 540 6.95 47.00 26.76
N TYR A 541 7.65 47.79 25.95
CA TYR A 541 7.18 49.11 25.56
C TYR A 541 7.01 49.18 24.05
N LEU A 542 5.89 49.76 23.63
CA LEU A 542 5.59 49.89 22.21
C LEU A 542 6.46 50.98 21.57
N ARG A 543 6.53 50.95 20.25
CA ARG A 543 7.30 51.93 19.50
C ARG A 543 6.51 53.23 19.39
N ASP A 544 6.99 54.14 18.55
CA ASP A 544 6.28 55.39 18.32
C ASP A 544 4.95 55.13 17.61
N GLU A 545 3.96 55.96 17.92
CA GLU A 545 2.62 55.79 17.36
C GLU A 545 2.61 55.96 15.85
N SER A 546 3.58 56.68 15.28
CA SER A 546 3.68 56.89 13.85
C SER A 546 4.97 56.27 13.30
N GLU A 547 5.30 55.08 13.78
CA GLU A 547 6.52 54.40 13.36
C GLU A 547 6.23 53.08 12.65
N PHE A 548 5.40 52.22 13.24
CA PHE A 548 5.10 50.94 12.61
C PHE A 548 4.19 51.14 11.41
N ARG A 549 4.14 50.11 10.55
CA ARG A 549 3.42 50.20 9.29
C ARG A 549 1.92 50.39 9.52
N ASP A 550 1.33 49.57 10.38
CA ASP A 550 -0.11 49.62 10.59
C ASP A 550 -0.43 49.26 12.04
N LYS A 551 -1.59 49.74 12.50
CA LYS A 551 -2.06 49.48 13.85
C LYS A 551 -3.34 48.65 13.86
N LEU A 552 -3.54 47.84 12.84
CA LEU A 552 -4.73 47.00 12.74
C LEU A 552 -4.49 45.59 13.28
N THR A 553 -3.43 44.92 12.81
CA THR A 553 -3.19 43.54 13.21
C THR A 553 -2.88 43.48 14.70
N PRO A 554 -3.47 42.53 15.43
CA PRO A 554 -3.20 42.45 16.88
C PRO A 554 -1.76 42.04 17.16
N ILE A 555 -1.26 42.52 18.29
CA ILE A 555 0.08 42.13 18.75
C ILE A 555 -0.04 40.80 19.48
N THR A 556 0.76 39.82 19.06
CA THR A 556 0.68 38.47 19.58
C THR A 556 1.84 38.20 20.52
N ILE A 557 1.56 37.52 21.62
CA ILE A 557 2.57 37.12 22.59
C ILE A 557 2.81 35.63 22.43
N PHE A 558 4.07 35.25 22.22
CA PHE A 558 4.44 33.85 22.05
C PHE A 558 5.43 33.45 23.13
N MET A 559 5.14 32.35 23.81
CA MET A 559 6.01 31.78 24.84
C MET A 559 6.14 30.29 24.56
N GLU A 560 7.34 29.84 24.22
CA GLU A 560 7.62 28.43 23.96
C GLU A 560 8.61 27.93 24.99
N TYR A 561 8.30 26.78 25.59
CA TYR A 561 9.14 26.17 26.60
C TYR A 561 9.61 24.81 26.12
N ARG A 562 10.84 24.45 26.48
CA ARG A 562 11.38 23.14 26.15
C ARG A 562 12.10 22.58 27.36
N LEU A 563 11.83 21.31 27.65
CA LEU A 563 12.53 20.65 28.75
C LEU A 563 14.01 20.53 28.44
N ASP A 564 14.83 20.61 29.48
CA ASP A 564 16.27 20.50 29.30
C ASP A 564 16.67 19.13 28.74
N TYR A 565 15.91 18.09 29.08
CA TYR A 565 16.16 16.71 28.69
C TYR A 565 17.50 16.19 29.19
N ARG A 566 18.19 16.95 30.04
CA ARG A 566 19.40 16.51 30.70
C ARG A 566 19.14 16.02 32.11
N THR A 567 17.87 16.00 32.53
CA THR A 567 17.48 15.43 33.82
C THR A 567 17.20 13.93 33.69
N ALA A 568 18.17 13.22 33.13
CA ALA A 568 18.00 11.80 32.85
C ALA A 568 18.24 10.98 34.10
N ALA A 569 17.68 9.78 34.10
CA ALA A 569 17.89 8.85 35.20
C ALA A 569 19.34 8.38 35.22
N ASP A 570 19.83 8.10 36.44
CA ASP A 570 21.20 7.65 36.60
C ASP A 570 21.42 6.24 36.09
N THR A 571 20.36 5.49 35.77
CA THR A 571 20.52 4.11 35.36
C THR A 571 21.16 4.02 33.98
N THR A 572 20.48 4.56 32.96
CA THR A 572 21.00 4.48 31.59
C THR A 572 20.71 5.77 30.83
N GLY A 573 20.66 6.91 31.52
CA GLY A 573 20.41 8.17 30.85
C GLY A 573 19.01 8.26 30.24
N LEU A 574 18.00 7.83 31.00
CA LEU A 574 16.62 7.86 30.54
C LEU A 574 16.06 9.25 30.79
N GLN A 575 16.01 10.07 29.73
CA GLN A 575 15.52 11.43 29.82
C GLN A 575 14.00 11.46 29.87
N PRO A 576 13.41 12.29 30.72
CA PRO A 576 11.95 12.36 30.81
C PRO A 576 11.35 12.96 29.55
N ILE A 577 10.11 12.57 29.25
CA ILE A 577 9.39 13.08 28.09
C ILE A 577 8.32 14.05 28.57
N LEU A 578 7.93 14.94 27.67
CA LEU A 578 6.80 15.83 27.92
C LEU A 578 5.52 15.18 27.43
N ASN A 579 4.40 15.57 28.02
CA ASN A 579 3.12 14.97 27.66
C ASN A 579 2.81 15.22 26.19
N GLN A 580 2.24 14.20 25.54
CA GLN A 580 2.12 14.24 24.08
C GLN A 580 1.01 15.18 23.62
N PHE A 581 -0.12 15.19 24.33
CA PHE A 581 -1.27 15.95 23.84
C PHE A 581 -1.29 17.40 24.31
N THR A 582 -0.50 17.75 25.32
CA THR A 582 -0.48 19.15 25.73
C THR A 582 0.36 19.97 24.75
N PRO A 583 -0.06 21.20 24.46
CA PRO A 583 0.76 22.06 23.59
C PRO A 583 2.02 22.52 24.29
N ALA A 584 3.05 22.77 23.49
CA ALA A 584 4.33 23.24 24.00
C ALA A 584 4.52 24.74 23.80
N ASN A 585 3.45 25.47 23.52
CA ASN A 585 3.53 26.90 23.27
C ASN A 585 2.18 27.53 23.61
N ILE A 586 2.22 28.72 24.20
CA ILE A 586 1.02 29.46 24.59
C ILE A 586 1.05 30.81 23.89
N SER A 587 -0.06 31.16 23.23
CA SER A 587 -0.17 32.40 22.48
C SER A 587 -1.31 33.23 23.03
N ARG A 588 -1.00 34.49 23.38
CA ARG A 588 -1.99 35.46 23.81
C ARG A 588 -2.02 36.62 22.84
N GLN A 589 -3.09 37.40 22.89
CA GLN A 589 -3.33 38.48 21.94
C GLN A 589 -3.39 39.82 22.66
N ALA A 590 -2.93 40.86 21.96
CA ALA A 590 -3.02 42.23 22.44
C ALA A 590 -3.52 43.12 21.30
N HIS A 591 -4.21 44.19 21.66
CA HIS A 591 -4.79 45.10 20.69
C HIS A 591 -4.35 46.53 20.98
N ILE A 592 -4.27 47.32 19.93
CA ILE A 592 -3.88 48.72 20.10
C ILE A 592 -5.15 49.57 20.16
N LEU A 593 -5.39 50.18 21.32
CA LEU A 593 -6.59 50.98 21.52
C LEU A 593 -6.85 51.91 20.38
N LEU A 594 -8.02 51.77 19.76
CA LEU A 594 -8.39 52.64 18.64
C LEU A 594 -9.89 52.87 18.64
N ASP A 595 -10.31 54.12 18.77
CA ASP A 595 -11.73 54.44 18.84
C ASP A 595 -12.42 54.00 17.55
N CYS A 596 -13.18 52.92 17.62
CA CYS A 596 -13.76 52.27 16.44
C CYS A 596 -15.19 51.84 16.74
N GLY A 597 -15.91 52.64 17.53
CA GLY A 597 -17.30 52.35 17.82
C GLY A 597 -17.46 51.20 18.79
N GLU A 598 -18.72 50.81 18.98
CA GLU A 598 -19.06 49.74 19.91
C GLU A 598 -18.69 48.35 19.38
N ASP A 599 -18.58 48.19 18.07
CA ASP A 599 -18.30 46.89 17.49
C ASP A 599 -16.80 46.59 17.53
N ASN A 600 -16.03 47.53 18.04
CA ASN A 600 -14.58 47.41 18.23
C ASN A 600 -13.81 47.35 16.92
N VAL A 601 -14.45 47.63 15.79
CA VAL A 601 -13.79 47.67 14.49
C VAL A 601 -14.17 48.96 13.78
N CYS A 602 -13.19 49.54 13.08
CA CYS A 602 -13.39 50.80 12.37
C CYS A 602 -13.92 50.49 10.98
N LYS A 603 -15.06 51.09 10.63
CA LYS A 603 -15.72 50.85 9.35
C LYS A 603 -15.91 52.17 8.63
N PRO A 604 -14.95 52.59 7.82
CA PRO A 604 -15.01 53.92 7.20
C PRO A 604 -15.91 53.94 5.97
N LYS A 605 -16.27 55.16 5.58
CA LYS A 605 -16.99 55.42 4.33
C LYS A 605 -16.11 56.36 3.51
N LEU A 606 -15.56 55.86 2.41
CA LEU A 606 -14.59 56.60 1.62
C LEU A 606 -15.24 57.09 0.33
N GLU A 607 -15.08 58.39 0.05
CA GLU A 607 -15.63 59.01 -1.14
C GLU A 607 -14.55 59.81 -1.85
N VAL A 608 -14.58 59.81 -3.17
CA VAL A 608 -13.63 60.54 -4.00
C VAL A 608 -14.37 61.21 -5.14
N SER A 609 -13.96 62.43 -5.48
CA SER A 609 -14.57 63.19 -6.56
C SER A 609 -13.50 64.05 -7.21
N VAL A 610 -13.77 64.45 -8.46
CA VAL A 610 -12.79 65.20 -9.23
C VAL A 610 -13.54 65.97 -10.32
N ASP A 611 -13.05 67.18 -10.62
CA ASP A 611 -13.56 67.99 -11.71
C ASP A 611 -12.43 68.25 -12.71
N SER A 612 -12.82 68.63 -13.93
CA SER A 612 -11.86 68.80 -15.01
C SER A 612 -11.15 70.15 -14.93
N ASP A 613 -11.92 71.24 -14.99
CA ASP A 613 -11.44 72.63 -14.97
C ASP A 613 -10.76 72.99 -16.29
N GLN A 614 -10.57 72.00 -17.17
CA GLN A 614 -10.10 72.23 -18.53
C GLN A 614 -11.04 71.64 -19.57
N LYS A 615 -11.52 70.41 -19.34
CA LYS A 615 -12.54 69.77 -20.16
C LYS A 615 -12.10 69.51 -21.59
N LYS A 616 -10.88 69.91 -21.94
CA LYS A 616 -10.37 69.70 -23.29
C LYS A 616 -8.88 70.01 -23.31
N ILE A 617 -8.13 69.20 -24.06
CA ILE A 617 -6.69 69.41 -24.27
C ILE A 617 -6.39 69.20 -25.75
N TYR A 618 -5.39 69.91 -26.26
CA TYR A 618 -5.04 69.85 -27.66
C TYR A 618 -3.95 68.80 -27.87
N ILE A 619 -4.06 68.09 -28.99
CA ILE A 619 -3.29 66.85 -29.18
C ILE A 619 -1.80 67.13 -29.25
N GLY A 620 -1.41 68.12 -30.06
CA GLY A 620 -0.01 68.29 -30.41
C GLY A 620 0.88 68.80 -29.31
N ASP A 621 0.33 69.41 -28.27
CA ASP A 621 1.13 70.05 -27.22
C ASP A 621 1.21 69.19 -25.97
N ASP A 622 2.16 69.53 -25.11
CA ASP A 622 2.26 68.97 -23.77
C ASP A 622 1.46 69.90 -22.85
N ASN A 623 0.20 69.55 -22.63
CA ASN A 623 -0.74 70.45 -21.95
C ASN A 623 -0.66 70.25 -20.45
N PRO A 624 -0.45 71.31 -19.67
CA PRO A 624 -0.51 71.18 -18.21
C PRO A 624 -1.95 70.92 -17.77
N LEU A 625 -2.15 69.78 -17.10
CA LEU A 625 -3.47 69.37 -16.65
C LEU A 625 -3.46 69.22 -15.14
N THR A 626 -4.35 69.94 -14.47
CA THR A 626 -4.46 69.92 -13.02
C THR A 626 -5.83 69.35 -12.66
N LEU A 627 -5.84 68.26 -11.89
CA LEU A 627 -7.08 67.64 -11.45
C LEU A 627 -7.32 67.97 -9.98
N ILE A 628 -8.50 68.50 -9.69
CA ILE A 628 -8.88 68.87 -8.32
C ILE A 628 -9.62 67.68 -7.72
N VAL A 629 -8.99 67.03 -6.75
CA VAL A 629 -9.51 65.80 -6.16
C VAL A 629 -9.98 66.09 -4.73
N LYS A 630 -11.18 65.61 -4.41
CA LYS A 630 -11.74 65.72 -3.06
C LYS A 630 -11.82 64.32 -2.47
N ALA A 631 -11.04 64.08 -1.43
CA ALA A 631 -11.01 62.80 -0.72
C ALA A 631 -11.55 63.00 0.68
N GLN A 632 -12.70 62.41 0.97
CA GLN A 632 -13.35 62.56 2.27
C GLN A 632 -13.74 61.18 2.81
N ASN A 633 -13.53 61.01 4.12
CA ASN A 633 -13.97 59.82 4.84
C ASN A 633 -15.05 60.24 5.82
N GLN A 634 -16.30 59.98 5.46
CA GLN A 634 -17.43 60.26 6.34
C GLN A 634 -17.72 59.12 7.31
N GLY A 635 -16.97 58.03 7.21
CA GLY A 635 -17.02 56.95 8.17
C GLY A 635 -15.98 57.11 9.25
N GLU A 636 -15.65 56.01 9.91
CA GLU A 636 -14.71 56.04 11.01
C GLU A 636 -13.28 55.97 10.49
N GLY A 637 -12.34 55.73 11.41
CA GLY A 637 -10.93 55.85 11.07
C GLY A 637 -10.53 54.91 9.94
N ALA A 638 -9.77 55.47 8.99
CA ALA A 638 -9.24 54.73 7.85
C ALA A 638 -7.73 54.62 8.03
N TYR A 639 -7.25 53.40 8.21
CA TYR A 639 -5.84 53.18 8.52
C TYR A 639 -5.02 53.09 7.25
N GLU A 640 -3.92 53.84 7.20
CA GLU A 640 -3.03 53.89 6.04
C GLU A 640 -3.81 54.30 4.79
N ALA A 641 -4.45 55.46 4.87
CA ALA A 641 -5.28 55.94 3.77
C ALA A 641 -4.44 56.65 2.72
N GLU A 642 -4.58 56.20 1.48
CA GLU A 642 -3.98 56.87 0.34
C GLU A 642 -4.92 56.75 -0.84
N LEU A 643 -4.93 57.76 -1.70
CA LEU A 643 -5.74 57.71 -2.90
C LEU A 643 -4.90 57.20 -4.06
N ILE A 644 -5.51 56.40 -4.93
CA ILE A 644 -4.84 55.78 -6.05
C ILE A 644 -5.33 56.44 -7.32
N VAL A 645 -4.44 57.14 -8.01
CA VAL A 645 -4.74 57.75 -9.30
C VAL A 645 -3.98 56.94 -10.34
N SER A 646 -4.70 56.05 -11.03
CA SER A 646 -4.10 55.18 -12.04
C SER A 646 -4.19 55.92 -13.37
N ILE A 647 -3.15 56.69 -13.67
CA ILE A 647 -3.08 57.47 -14.91
C ILE A 647 -2.89 56.51 -16.07
N PRO A 648 -3.29 56.88 -17.29
CA PRO A 648 -3.12 55.96 -18.42
C PRO A 648 -1.70 55.98 -18.96
N LEU A 649 -1.49 55.32 -20.10
CA LEU A 649 -0.17 55.28 -20.71
C LEU A 649 0.25 56.65 -21.23
N GLN A 650 -0.68 57.62 -21.26
CA GLN A 650 -0.41 58.89 -21.89
C GLN A 650 0.36 59.85 -20.99
N ALA A 651 -0.24 60.24 -19.86
CA ALA A 651 0.30 61.33 -19.06
C ALA A 651 1.27 60.82 -18.00
N ASP A 652 1.91 61.78 -17.33
CA ASP A 652 2.77 61.49 -16.19
C ASP A 652 2.57 62.59 -15.16
N PHE A 653 3.04 62.34 -13.94
CA PHE A 653 2.83 63.24 -12.82
C PHE A 653 3.90 64.32 -12.80
N ILE A 654 3.48 65.54 -12.47
CA ILE A 654 4.38 66.69 -12.38
C ILE A 654 4.64 67.08 -10.94
N GLY A 655 3.58 67.34 -10.19
CA GLY A 655 3.72 67.73 -8.79
C GLY A 655 2.42 68.23 -8.23
N VAL A 656 2.41 68.38 -6.91
CA VAL A 656 1.25 68.87 -6.18
C VAL A 656 1.24 70.38 -6.22
N VAL A 657 0.04 70.97 -6.26
CA VAL A 657 -0.11 72.42 -6.30
C VAL A 657 0.06 72.95 -4.88
N ARG A 658 1.05 73.83 -4.69
CA ARG A 658 1.31 74.43 -3.40
C ARG A 658 1.23 75.95 -3.42
N ASN A 659 0.86 76.54 -4.55
CA ASN A 659 0.78 77.99 -4.69
C ASN A 659 -0.50 78.58 -4.11
N ASN A 660 -1.45 77.74 -3.70
CA ASN A 660 -2.71 78.22 -3.14
C ASN A 660 -2.97 77.52 -1.82
N GLU A 661 -3.59 78.24 -0.88
CA GLU A 661 -3.89 77.69 0.43
C GLU A 661 -5.17 76.85 0.45
N ALA A 662 -6.03 76.99 -0.57
CA ALA A 662 -7.26 76.21 -0.61
C ALA A 662 -7.01 74.73 -0.84
N LEU A 663 -5.86 74.38 -1.40
CA LEU A 663 -5.48 72.99 -1.64
C LEU A 663 -4.37 72.60 -0.68
N ALA A 664 -4.11 71.28 -0.61
CA ALA A 664 -3.17 70.72 0.34
C ALA A 664 -1.83 70.41 -0.33
N ARG A 665 -0.84 70.12 0.50
CA ARG A 665 0.51 69.76 0.06
C ARG A 665 0.80 68.27 0.22
N LEU A 666 -0.18 67.42 -0.10
CA LEU A 666 -0.08 65.98 0.11
C LEU A 666 1.25 65.41 -0.39
N SER A 667 1.88 64.60 0.45
CA SER A 667 3.07 63.87 0.04
C SER A 667 2.68 62.82 -1.00
N CYS A 668 3.25 62.93 -2.20
CA CYS A 668 2.84 62.10 -3.31
C CYS A 668 4.04 61.41 -3.93
N ALA A 669 3.78 60.28 -4.58
CA ALA A 669 4.83 59.46 -5.17
C ALA A 669 4.32 58.84 -6.47
N PHE A 670 5.27 58.53 -7.34
CA PHE A 670 4.99 57.86 -8.62
C PHE A 670 5.34 56.38 -8.47
N LYS A 671 4.35 55.52 -8.68
CA LYS A 671 4.54 54.08 -8.58
C LYS A 671 4.31 53.42 -9.94
N THR A 672 5.06 52.34 -10.19
CA THR A 672 4.97 51.61 -11.45
C THR A 672 4.83 50.10 -11.27
N GLU A 673 4.61 49.61 -10.06
CA GLU A 673 4.66 48.18 -9.81
C GLU A 673 3.45 47.46 -10.43
N ASN A 674 3.69 46.21 -10.82
CA ASN A 674 2.65 45.27 -11.24
C ASN A 674 1.84 45.79 -12.43
N GLN A 675 2.56 46.00 -13.54
CA GLN A 675 2.01 46.24 -14.87
C GLN A 675 1.27 47.57 -14.98
N THR A 676 1.11 48.31 -13.89
CA THR A 676 0.32 49.54 -13.91
C THR A 676 1.06 50.64 -13.17
N ARG A 677 1.22 51.78 -13.83
CA ARG A 677 1.77 52.96 -13.19
C ARG A 677 0.64 53.81 -12.63
N GLN A 678 0.87 54.37 -11.45
CA GLN A 678 -0.17 55.11 -10.74
C GLN A 678 0.50 56.08 -9.77
N VAL A 679 -0.31 57.00 -9.25
CA VAL A 679 0.16 58.03 -8.33
C VAL A 679 -0.53 57.81 -6.99
N VAL A 680 0.26 57.75 -5.91
CA VAL A 680 -0.27 57.61 -4.56
C VAL A 680 0.04 58.88 -3.78
N CYS A 681 -0.82 59.21 -2.83
CA CYS A 681 -0.64 60.37 -1.98
C CYS A 681 -1.15 60.03 -0.58
N ASP A 682 -0.34 60.29 0.44
CA ASP A 682 -0.73 59.95 1.80
C ASP A 682 -1.89 60.82 2.25
N LEU A 683 -2.94 60.18 2.79
CA LEU A 683 -4.12 60.88 3.25
C LEU A 683 -4.23 60.91 4.77
N GLY A 684 -3.25 60.37 5.48
CA GLY A 684 -3.26 60.41 6.93
C GLY A 684 -3.38 59.01 7.53
N ASN A 685 -2.57 58.72 8.54
CA ASN A 685 -2.69 57.43 9.21
C ASN A 685 -2.79 57.62 10.73
N PRO A 686 -4.01 57.51 11.25
CA PRO A 686 -5.13 57.10 10.41
C PRO A 686 -5.85 58.29 9.78
N MET A 687 -6.82 58.00 8.94
CA MET A 687 -7.59 59.06 8.27
C MET A 687 -8.86 59.27 9.08
N LYS A 688 -8.89 60.34 9.87
CA LYS A 688 -9.92 60.49 10.88
C LYS A 688 -11.30 60.72 10.26
N ALA A 689 -12.32 60.59 11.10
CA ALA A 689 -13.70 60.69 10.65
C ALA A 689 -14.05 62.12 10.24
N GLY A 690 -14.85 62.23 9.19
CA GLY A 690 -15.35 63.52 8.74
C GLY A 690 -14.29 64.42 8.16
N THR A 691 -13.09 63.88 7.94
CA THR A 691 -12.00 64.69 7.38
C THR A 691 -12.17 64.80 5.87
N GLN A 692 -12.21 66.02 5.37
CA GLN A 692 -12.42 66.31 3.95
C GLN A 692 -11.14 66.88 3.37
N LEU A 693 -10.53 66.15 2.44
CA LEU A 693 -9.30 66.59 1.79
C LEU A 693 -9.61 67.16 0.41
N LEU A 694 -8.88 68.21 0.05
CA LEU A 694 -8.99 68.82 -1.27
C LEU A 694 -7.61 69.25 -1.72
N ALA A 695 -7.17 68.77 -2.88
CA ALA A 695 -5.86 69.09 -3.40
C ALA A 695 -5.88 68.93 -4.91
N GLY A 696 -4.80 69.39 -5.56
CA GLY A 696 -4.69 69.31 -7.00
C GLY A 696 -3.39 68.65 -7.42
N LEU A 697 -3.45 67.96 -8.55
CA LEU A 697 -2.31 67.21 -9.09
C LEU A 697 -2.05 67.69 -10.51
N ARG A 698 -0.83 68.17 -10.76
CA ARG A 698 -0.45 68.66 -12.08
C ARG A 698 0.09 67.52 -12.93
N PHE A 699 -0.24 67.55 -14.22
CA PHE A 699 0.20 66.49 -15.13
C PHE A 699 0.72 67.06 -16.45
N SER A 700 1.01 66.16 -17.40
CA SER A 700 1.47 66.56 -18.72
C SER A 700 1.11 65.43 -19.68
N VAL A 701 0.23 65.72 -20.63
CA VAL A 701 -0.34 64.70 -21.51
C VAL A 701 0.17 64.92 -22.94
N HIS A 702 0.55 63.82 -23.59
CA HIS A 702 0.92 63.83 -25.00
C HIS A 702 0.40 62.55 -25.61
N GLN A 703 -0.53 62.69 -26.56
CA GLN A 703 -1.29 61.55 -27.08
C GLN A 703 -0.39 60.51 -27.76
N GLN A 704 -0.77 59.24 -27.60
CA GLN A 704 -0.03 58.13 -28.21
C GLN A 704 -0.49 57.86 -29.64
N SER A 705 -1.76 57.47 -29.80
CA SER A 705 -2.31 57.09 -31.08
C SER A 705 -3.21 58.21 -31.59
N GLU A 706 -3.03 58.57 -32.87
CA GLU A 706 -3.66 59.76 -33.42
C GLU A 706 -5.17 59.73 -33.35
N MET A 707 -5.77 58.54 -33.16
CA MET A 707 -7.21 58.38 -32.97
C MET A 707 -7.42 57.83 -31.56
N ASP A 708 -7.51 58.72 -30.59
CA ASP A 708 -7.76 58.33 -29.20
C ASP A 708 -9.02 58.96 -28.63
N THR A 709 -9.26 60.24 -28.91
CA THR A 709 -10.55 60.91 -28.70
C THR A 709 -10.85 61.18 -27.23
N SER A 710 -10.03 60.68 -26.32
CA SER A 710 -10.31 60.89 -24.89
C SER A 710 -9.09 60.51 -24.07
N VAL A 711 -9.04 61.05 -22.86
CA VAL A 711 -8.07 60.68 -21.83
C VAL A 711 -8.86 60.34 -20.57
N LYS A 712 -8.76 59.11 -20.11
CA LYS A 712 -9.55 58.62 -18.98
C LYS A 712 -8.63 58.32 -17.81
N PHE A 713 -8.95 58.89 -16.65
CA PHE A 713 -8.28 58.58 -15.39
C PHE A 713 -9.16 57.68 -14.54
N ASP A 714 -8.59 57.18 -13.45
CA ASP A 714 -9.33 56.40 -12.47
C ASP A 714 -8.84 56.76 -11.08
N LEU A 715 -9.77 57.10 -10.19
CA LEU A 715 -9.46 57.52 -8.83
C LEU A 715 -10.13 56.58 -7.85
N GLN A 716 -9.38 56.15 -6.84
CA GLN A 716 -9.91 55.25 -5.82
C GLN A 716 -9.08 55.39 -4.55
N ILE A 717 -9.75 55.52 -3.42
CA ILE A 717 -9.11 55.52 -2.12
C ILE A 717 -9.22 54.13 -1.51
N GLN A 718 -8.13 53.64 -0.93
CA GLN A 718 -8.12 52.35 -0.26
C GLN A 718 -7.37 52.46 1.04
N SER A 719 -7.75 51.62 2.00
CA SER A 719 -7.12 51.58 3.31
C SER A 719 -6.87 50.13 3.69
N SER A 720 -6.04 49.95 4.71
CA SER A 720 -5.71 48.62 5.19
C SER A 720 -6.73 48.08 6.19
N ASN A 721 -7.92 48.68 6.25
CA ASN A 721 -8.96 48.20 7.14
C ASN A 721 -9.53 46.88 6.62
N LEU A 722 -10.32 46.22 7.46
CA LEU A 722 -10.85 44.91 7.12
C LEU A 722 -12.19 44.96 6.42
N PHE A 723 -12.99 46.01 6.65
CA PHE A 723 -14.31 46.12 6.06
C PHE A 723 -14.57 47.56 5.64
N ASP A 724 -15.12 47.72 4.43
CA ASP A 724 -15.26 49.03 3.79
C ASP A 724 -13.93 49.78 3.75
N LYS A 725 -12.91 49.10 3.24
CA LYS A 725 -11.55 49.64 3.18
C LYS A 725 -11.26 50.34 1.86
N VAL A 726 -12.22 50.41 0.95
CA VAL A 726 -11.99 50.98 -0.37
C VAL A 726 -13.14 51.91 -0.73
N SER A 727 -12.82 52.97 -1.46
CA SER A 727 -13.82 53.88 -2.01
C SER A 727 -14.31 53.38 -3.36
N PRO A 728 -15.49 53.80 -3.79
CA PRO A 728 -15.92 53.50 -5.15
C PRO A 728 -14.98 54.12 -6.17
N VAL A 729 -14.74 53.39 -7.25
CA VAL A 729 -13.82 53.85 -8.28
C VAL A 729 -14.50 54.94 -9.10
N VAL A 730 -13.83 56.08 -9.24
CA VAL A 730 -14.33 57.21 -10.02
C VAL A 730 -13.42 57.40 -11.23
N SER A 731 -14.02 57.46 -12.41
CA SER A 731 -13.28 57.61 -13.67
C SER A 731 -13.54 59.01 -14.21
N HIS A 732 -12.47 59.77 -14.40
CA HIS A 732 -12.56 61.10 -14.97
C HIS A 732 -12.02 61.09 -16.40
N LYS A 733 -12.75 61.73 -17.31
CA LYS A 733 -12.41 61.72 -18.72
C LYS A 733 -12.13 63.14 -19.20
N VAL A 734 -11.03 63.30 -19.92
CA VAL A 734 -10.67 64.57 -20.54
C VAL A 734 -10.63 64.35 -22.05
N ASP A 735 -11.36 65.19 -22.79
CA ASP A 735 -11.50 65.03 -24.23
C ASP A 735 -10.34 65.68 -24.95
N LEU A 736 -9.77 64.95 -25.92
CA LEU A 736 -8.72 65.52 -26.76
C LEU A 736 -9.33 66.47 -27.78
N ALA A 737 -8.64 67.58 -28.03
CA ALA A 737 -9.11 68.57 -28.99
C ALA A 737 -8.11 68.75 -30.13
N GLY B 1 -0.86 33.12 -61.32
CA GLY B 1 0.26 34.01 -61.15
C GLY B 1 1.46 33.35 -60.49
N PRO B 2 2.35 34.15 -59.91
CA PRO B 2 3.51 33.58 -59.21
C PRO B 2 3.06 32.70 -58.05
N ASN B 3 3.80 31.62 -57.83
CA ASN B 3 3.52 30.71 -56.73
C ASN B 3 4.84 30.13 -56.24
N ILE B 4 4.74 29.11 -55.38
CA ILE B 4 5.95 28.48 -54.83
C ILE B 4 6.76 27.82 -55.94
N CYS B 5 6.09 27.21 -56.91
CA CYS B 5 6.80 26.60 -58.02
C CYS B 5 7.62 27.63 -58.79
N THR B 6 7.02 28.79 -59.06
CA THR B 6 7.67 29.83 -59.86
C THR B 6 8.82 30.51 -59.13
N THR B 7 8.99 30.29 -57.82
CA THR B 7 10.10 30.90 -57.11
C THR B 7 11.14 29.88 -56.62
N ARG B 8 10.77 28.61 -56.50
CA ARG B 8 11.71 27.59 -56.04
C ARG B 8 12.06 26.55 -57.11
N GLY B 9 11.09 26.09 -57.88
CA GLY B 9 11.31 25.02 -58.84
C GLY B 9 11.68 25.45 -60.24
N VAL B 10 11.92 26.74 -60.46
CA VAL B 10 12.25 27.23 -61.81
C VAL B 10 13.63 26.77 -62.27
N SER B 11 14.35 26.03 -61.45
CA SER B 11 15.70 25.60 -61.84
C SER B 11 15.64 24.49 -62.88
N SER B 12 15.07 23.34 -62.52
CA SER B 12 15.03 22.18 -63.42
C SER B 12 14.04 21.17 -62.86
N CYS B 13 14.00 20.00 -63.50
CA CYS B 13 13.01 18.98 -63.16
C CYS B 13 13.12 18.51 -61.72
N GLN B 14 14.33 18.18 -61.26
CA GLN B 14 14.45 17.53 -59.96
C GLN B 14 13.94 18.44 -58.84
N GLN B 15 14.36 19.71 -58.84
CA GLN B 15 13.91 20.61 -57.78
C GLN B 15 12.48 21.07 -58.00
N CYS B 16 12.05 21.20 -59.27
CA CYS B 16 10.65 21.55 -59.52
C CYS B 16 9.72 20.48 -58.96
N LEU B 17 10.07 19.21 -59.18
CA LEU B 17 9.28 18.11 -58.63
C LEU B 17 9.41 18.05 -57.11
N ALA B 18 10.60 18.38 -56.59
CA ALA B 18 10.82 18.33 -55.15
C ALA B 18 10.10 19.43 -54.40
N VAL B 19 9.76 20.54 -55.05
CA VAL B 19 9.14 21.66 -54.35
C VAL B 19 7.80 21.24 -53.74
N SER B 20 6.84 20.88 -54.59
CA SER B 20 5.47 20.67 -54.15
C SER B 20 4.86 19.53 -54.95
N PRO B 21 3.90 18.80 -54.37
CA PRO B 21 3.23 17.74 -55.14
C PRO B 21 2.51 18.23 -56.38
N MET B 22 2.04 19.47 -56.35
CA MET B 22 1.25 19.99 -57.47
C MET B 22 2.08 20.71 -58.52
N CYS B 23 3.35 20.96 -58.23
CA CYS B 23 4.20 21.62 -59.21
C CYS B 23 4.31 20.78 -60.48
N ALA B 24 4.29 21.46 -61.63
CA ALA B 24 4.36 20.80 -62.92
C ALA B 24 5.46 21.44 -63.76
N TRP B 25 6.04 20.65 -64.66
CA TRP B 25 7.16 21.10 -65.48
C TRP B 25 6.79 21.03 -66.95
N CYS B 26 7.34 21.96 -67.73
CA CYS B 26 7.13 22.02 -69.18
C CYS B 26 8.46 21.77 -69.88
N SER B 27 8.45 20.87 -70.86
CA SER B 27 9.64 20.50 -71.61
C SER B 27 9.47 20.84 -73.08
N ASP B 28 8.76 21.93 -73.37
CA ASP B 28 8.50 22.38 -74.73
C ASP B 28 9.38 23.59 -75.03
N GLU B 29 10.12 23.51 -76.14
CA GLU B 29 10.96 24.64 -76.54
C GLU B 29 10.14 25.80 -77.11
N ALA B 30 8.87 25.56 -77.45
CA ALA B 30 8.02 26.63 -77.96
C ALA B 30 7.70 27.67 -76.90
N LEU B 31 7.87 27.35 -75.63
CA LEU B 31 7.64 28.31 -74.57
C LEU B 31 8.71 29.39 -74.60
N PRO B 32 8.36 30.66 -74.78
CA PRO B 32 9.37 31.70 -74.84
C PRO B 32 10.04 31.91 -73.48
N LEU B 33 11.28 32.38 -73.53
CA LEU B 33 12.02 32.65 -72.30
C LEU B 33 11.34 33.75 -71.51
N GLY B 34 11.22 33.54 -70.21
CA GLY B 34 10.50 34.47 -69.35
C GLY B 34 9.29 33.83 -68.71
N SER B 35 8.58 33.00 -69.49
CA SER B 35 7.45 32.27 -68.95
C SER B 35 7.93 31.25 -67.93
N PRO B 36 7.20 31.05 -66.83
CA PRO B 36 7.63 30.07 -65.83
C PRO B 36 7.65 28.66 -66.40
N ARG B 37 8.65 27.89 -66.00
CA ARG B 37 8.76 26.50 -66.41
C ARG B 37 8.22 25.51 -65.37
N CYS B 38 8.09 25.96 -64.13
CA CYS B 38 7.52 25.12 -63.09
C CYS B 38 6.31 25.84 -62.52
N ASP B 39 5.12 25.31 -62.78
CA ASP B 39 3.89 25.97 -62.34
C ASP B 39 2.75 24.98 -62.22
N LEU B 40 1.52 25.48 -62.08
CA LEU B 40 0.38 24.58 -62.06
C LEU B 40 0.21 23.88 -63.40
N LYS B 41 -0.34 22.67 -63.35
CA LYS B 41 -0.66 21.97 -64.59
C LYS B 41 -1.71 22.72 -65.40
N GLU B 42 -2.70 23.27 -64.72
CA GLU B 42 -3.68 24.08 -65.40
C GLU B 42 -2.98 25.32 -65.90
N ASN B 43 -2.20 25.96 -65.05
CA ASN B 43 -1.45 27.14 -65.47
C ASN B 43 -0.54 26.80 -66.65
N LEU B 44 0.07 25.61 -66.63
CA LEU B 44 0.93 25.20 -67.74
C LEU B 44 0.13 25.07 -69.03
N LEU B 45 -1.07 24.51 -68.95
CA LEU B 45 -1.94 24.44 -70.13
C LEU B 45 -2.35 25.84 -70.57
N LYS B 46 -2.56 26.75 -69.61
CA LYS B 46 -2.92 28.12 -69.96
C LYS B 46 -1.79 28.83 -70.70
N ASP B 47 -0.53 28.53 -70.36
CA ASP B 47 0.61 29.10 -71.07
C ASP B 47 0.84 28.43 -72.43
N ASN B 48 -0.06 27.53 -72.82
CA ASN B 48 0.06 26.83 -74.11
C ASN B 48 1.25 25.89 -74.18
N CYS B 49 1.51 25.14 -73.11
CA CYS B 49 2.58 24.16 -73.11
C CYS B 49 2.07 22.85 -73.70
N ALA B 50 2.95 22.14 -74.40
CA ALA B 50 2.55 20.88 -75.00
C ALA B 50 2.24 19.86 -73.90
N PRO B 51 1.07 19.22 -73.94
CA PRO B 51 0.78 18.18 -72.93
C PRO B 51 1.80 17.06 -72.91
N GLU B 52 2.36 16.72 -74.07
CA GLU B 52 3.45 15.74 -74.10
C GLU B 52 4.72 16.30 -73.47
N SER B 53 4.84 17.61 -73.37
CA SER B 53 5.97 18.26 -72.70
C SER B 53 5.69 18.57 -71.23
N ILE B 54 4.53 18.15 -70.71
CA ILE B 54 4.16 18.40 -69.33
C ILE B 54 4.52 17.18 -68.51
N GLU B 55 5.43 17.35 -67.56
CA GLU B 55 5.91 16.27 -66.70
C GLU B 55 5.29 16.49 -65.32
N PHE B 56 4.12 15.89 -65.11
CA PHE B 56 3.36 16.04 -63.87
C PHE B 56 3.03 14.65 -63.35
N PRO B 57 4.00 13.97 -62.74
CA PRO B 57 3.74 12.64 -62.18
C PRO B 57 3.02 12.77 -60.84
N VAL B 58 1.88 12.10 -60.72
CA VAL B 58 1.04 12.17 -59.53
C VAL B 58 1.31 10.96 -58.66
N SER B 59 1.55 11.20 -57.38
CA SER B 59 1.73 10.10 -56.44
C SER B 59 0.47 9.25 -56.38
N GLU B 60 0.65 7.94 -56.45
CA GLU B 60 -0.49 7.03 -56.44
C GLU B 60 -0.11 5.75 -55.70
N ALA B 61 -1.13 5.11 -55.13
CA ALA B 61 -0.98 3.83 -54.48
C ALA B 61 -1.46 2.74 -55.43
N ARG B 62 -0.56 1.84 -55.80
CA ARG B 62 -0.86 0.78 -56.75
C ARG B 62 -0.80 -0.54 -56.00
N VAL B 63 -1.97 -1.06 -55.62
CA VAL B 63 -2.01 -2.37 -54.98
C VAL B 63 -1.73 -3.44 -56.03
N LEU B 64 -1.03 -4.49 -55.61
CA LEU B 64 -0.62 -5.56 -56.53
C LEU B 64 -1.46 -6.81 -56.35
N GLU B 65 -1.57 -7.33 -55.13
CA GLU B 65 -2.51 -8.41 -54.83
C GLU B 65 -3.48 -7.96 -53.76
N ASP B 66 -4.75 -8.27 -53.96
CA ASP B 66 -5.83 -7.81 -53.10
C ASP B 66 -6.80 -8.94 -52.81
N ARG B 67 -6.27 -10.10 -52.42
CA ARG B 67 -7.18 -11.16 -52.01
C ARG B 67 -7.81 -10.78 -50.68
N PRO B 68 -9.13 -10.98 -50.52
CA PRO B 68 -9.81 -10.50 -49.32
C PRO B 68 -9.40 -11.27 -48.08
N LEU B 69 -9.57 -10.62 -46.94
CA LEU B 69 -9.26 -11.22 -45.66
C LEU B 69 -10.18 -12.41 -45.39
N SER B 70 -9.65 -13.52 -45.04
CA SER B 70 -10.43 -14.73 -44.84
C SER B 70 -11.38 -14.66 -43.68
N ASP B 71 -12.17 -15.67 -43.50
CA ASP B 71 -13.21 -15.73 -42.48
C ASP B 71 -13.28 -17.13 -41.91
N LYS B 72 -14.06 -17.28 -40.84
CA LYS B 72 -14.26 -18.59 -40.23
C LYS B 72 -15.64 -19.15 -40.54
N GLN B 79 -3.70 -21.41 -46.05
CA GLN B 79 -3.33 -20.22 -45.28
C GLN B 79 -4.52 -19.31 -45.04
N VAL B 80 -4.40 -18.40 -44.09
CA VAL B 80 -5.42 -17.40 -43.80
C VAL B 80 -4.79 -16.02 -44.01
N THR B 81 -5.58 -15.10 -44.54
CA THR B 81 -5.13 -13.74 -44.81
C THR B 81 -5.66 -12.81 -43.73
N GLN B 82 -4.77 -11.97 -43.19
CA GLN B 82 -5.14 -11.12 -42.08
C GLN B 82 -4.67 -9.68 -42.20
N VAL B 83 -4.02 -9.30 -43.30
CA VAL B 83 -3.78 -7.91 -43.62
C VAL B 83 -4.04 -7.74 -45.12
N SER B 84 -4.93 -6.80 -45.46
CA SER B 84 -5.25 -6.51 -46.85
C SER B 84 -5.15 -5.01 -47.09
N PRO B 85 -4.45 -4.58 -48.14
CA PRO B 85 -3.72 -5.39 -49.11
C PRO B 85 -2.47 -5.95 -48.48
N GLN B 86 -1.80 -6.92 -49.08
CA GLN B 86 -0.56 -7.45 -48.52
C GLN B 86 0.66 -6.95 -49.26
N ARG B 87 0.48 -6.14 -50.30
CA ARG B 87 1.60 -5.64 -51.10
C ARG B 87 1.12 -4.41 -51.84
N ILE B 88 1.73 -3.26 -51.57
CA ILE B 88 1.38 -2.02 -52.25
C ILE B 88 2.61 -1.49 -52.97
N ALA B 89 2.44 -1.12 -54.23
CA ALA B 89 3.44 -0.37 -54.97
C ALA B 89 3.17 1.11 -54.73
N LEU B 90 4.04 1.77 -53.97
CA LEU B 90 3.85 3.15 -53.57
C LEU B 90 4.79 4.05 -54.34
N ARG B 91 4.26 5.15 -54.87
CA ARG B 91 5.02 6.08 -55.70
C ARG B 91 4.92 7.48 -55.11
N LEU B 92 6.05 8.05 -54.73
CA LEU B 92 6.12 9.40 -54.16
C LEU B 92 7.11 10.23 -54.93
N ARG B 93 6.67 11.41 -55.36
CA ARG B 93 7.58 12.48 -55.72
C ARG B 93 8.09 13.15 -54.45
N PRO B 94 9.22 13.85 -54.51
CA PRO B 94 9.78 14.43 -53.29
C PRO B 94 8.83 15.44 -52.64
N ASP B 95 8.88 15.49 -51.31
CA ASP B 95 8.05 16.38 -50.51
C ASP B 95 6.56 16.19 -50.83
N ASP B 96 6.12 14.94 -50.75
CA ASP B 96 4.75 14.58 -51.09
C ASP B 96 4.21 13.61 -50.06
N SER B 97 2.88 13.53 -50.00
CA SER B 97 2.19 12.60 -49.13
C SER B 97 1.16 11.81 -49.93
N LYS B 98 1.04 10.52 -49.63
CA LYS B 98 0.05 9.65 -50.24
C LYS B 98 -0.60 8.81 -49.15
N ASN B 99 -1.90 8.58 -49.28
CA ASN B 99 -2.66 7.84 -48.28
C ASN B 99 -3.30 6.61 -48.90
N PHE B 100 -3.28 5.52 -48.14
CA PHE B 100 -3.91 4.26 -48.50
C PHE B 100 -4.53 3.67 -47.24
N SER B 101 -5.39 2.67 -47.43
CA SER B 101 -6.11 2.06 -46.33
C SER B 101 -5.73 0.60 -46.19
N ILE B 102 -5.43 0.17 -44.97
CA ILE B 102 -5.14 -1.23 -44.66
C ILE B 102 -6.19 -1.73 -43.69
N GLN B 103 -6.21 -3.05 -43.50
CA GLN B 103 -7.17 -3.68 -42.62
C GLN B 103 -6.53 -4.86 -41.90
N VAL B 104 -6.92 -5.06 -40.64
CA VAL B 104 -6.48 -6.20 -39.84
C VAL B 104 -7.74 -6.90 -39.35
N ARG B 105 -7.93 -8.15 -39.75
CA ARG B 105 -9.08 -8.92 -39.32
C ARG B 105 -8.59 -10.14 -38.56
N GLN B 106 -8.74 -10.13 -37.25
CA GLN B 106 -8.31 -11.25 -36.42
C GLN B 106 -9.18 -12.44 -36.73
N VAL B 107 -8.65 -13.38 -37.50
CA VAL B 107 -9.38 -14.61 -37.80
C VAL B 107 -8.65 -15.81 -37.18
N GLU B 108 -7.34 -15.71 -36.99
CA GLU B 108 -6.60 -16.79 -36.35
C GLU B 108 -7.08 -17.00 -34.92
N ASP B 109 -7.03 -18.24 -34.49
CA ASP B 109 -7.55 -18.62 -33.18
C ASP B 109 -6.68 -18.07 -32.07
N TYR B 110 -7.30 -17.83 -30.93
CA TYR B 110 -6.57 -17.32 -29.78
C TYR B 110 -5.61 -18.39 -29.27
N PRO B 111 -4.40 -17.98 -28.81
CA PRO B 111 -3.54 -19.03 -28.21
C PRO B 111 -3.95 -19.27 -26.76
N VAL B 112 -3.90 -20.51 -26.28
CA VAL B 112 -4.38 -20.79 -24.91
C VAL B 112 -3.47 -21.71 -24.11
N ASP B 113 -3.30 -21.43 -22.83
CA ASP B 113 -2.50 -22.30 -21.96
C ASP B 113 -3.34 -22.75 -20.80
N ILE B 114 -3.44 -24.06 -20.60
CA ILE B 114 -4.24 -24.64 -19.52
C ILE B 114 -3.32 -25.52 -18.68
N TYR B 115 -3.27 -25.24 -17.38
CA TYR B 115 -2.53 -26.06 -16.43
C TYR B 115 -3.52 -26.68 -15.45
N TYR B 116 -3.27 -27.93 -15.08
CA TYR B 116 -4.22 -28.74 -14.33
C TYR B 116 -3.58 -29.13 -13.00
N LEU B 117 -4.13 -28.65 -11.90
CA LEU B 117 -3.63 -28.98 -10.57
C LEU B 117 -4.55 -30.03 -9.95
N MET B 118 -3.98 -31.20 -9.67
CA MET B 118 -4.74 -32.34 -9.18
C MET B 118 -4.42 -32.58 -7.72
N ASP B 119 -5.46 -32.68 -6.90
CA ASP B 119 -5.31 -33.07 -5.51
C ASP B 119 -5.20 -34.58 -5.44
N LEU B 120 -4.06 -35.08 -4.95
CA LEU B 120 -3.80 -36.51 -4.92
C LEU B 120 -3.77 -37.06 -3.50
N SER B 121 -4.51 -36.43 -2.59
CA SER B 121 -4.59 -36.92 -1.23
C SER B 121 -5.50 -38.13 -1.15
N TYR B 122 -5.52 -38.77 0.02
CA TYR B 122 -6.37 -39.95 0.20
C TYR B 122 -7.85 -39.61 0.21
N SER B 123 -8.21 -38.35 0.47
CA SER B 123 -9.59 -37.94 0.34
C SER B 123 -10.04 -37.90 -1.10
N MET B 124 -9.11 -37.97 -2.05
CA MET B 124 -9.41 -37.91 -3.47
C MET B 124 -9.37 -39.28 -4.14
N LYS B 125 -9.29 -40.37 -3.36
CA LYS B 125 -9.31 -41.69 -3.96
C LYS B 125 -10.65 -42.00 -4.64
N ASP B 126 -11.72 -41.29 -4.27
CA ASP B 126 -12.99 -41.45 -4.95
C ASP B 126 -13.15 -40.50 -6.12
N ASP B 127 -12.54 -39.31 -6.05
CA ASP B 127 -12.63 -38.32 -7.11
C ASP B 127 -11.49 -38.43 -8.10
N LEU B 128 -10.65 -39.46 -8.00
CA LEU B 128 -9.58 -39.63 -8.97
C LEU B 128 -10.14 -39.82 -10.39
N TRP B 129 -11.17 -40.64 -10.54
CA TRP B 129 -11.74 -40.83 -11.86
C TRP B 129 -12.36 -39.54 -12.38
N SER B 130 -13.03 -38.79 -11.50
CA SER B 130 -13.61 -37.51 -11.90
C SER B 130 -12.53 -36.53 -12.33
N ILE B 131 -11.41 -36.51 -11.62
CA ILE B 131 -10.33 -35.58 -11.93
C ILE B 131 -9.68 -35.94 -13.27
N GLN B 132 -9.49 -37.23 -13.54
CA GLN B 132 -8.89 -37.64 -14.80
C GLN B 132 -9.85 -37.41 -15.97
N ASN B 133 -11.13 -37.71 -15.77
CA ASN B 133 -12.13 -37.45 -16.79
C ASN B 133 -12.23 -35.96 -17.09
N LEU B 134 -12.16 -35.11 -16.05
CA LEU B 134 -12.15 -33.68 -16.27
C LEU B 134 -10.92 -33.25 -17.05
N GLY B 135 -9.77 -33.85 -16.77
CA GLY B 135 -8.58 -33.50 -17.54
C GLY B 135 -8.73 -33.82 -19.02
N THR B 136 -9.19 -35.04 -19.32
CA THR B 136 -9.36 -35.42 -20.73
C THR B 136 -10.42 -34.56 -21.41
N LYS B 137 -11.54 -34.32 -20.73
CA LYS B 137 -12.61 -33.50 -21.32
C LYS B 137 -12.15 -32.08 -21.53
N LEU B 138 -11.35 -31.55 -20.61
CA LEU B 138 -10.80 -30.21 -20.76
C LEU B 138 -9.89 -30.12 -21.98
N ALA B 139 -9.00 -31.09 -22.14
CA ALA B 139 -8.11 -31.09 -23.30
C ALA B 139 -8.91 -31.15 -24.59
N THR B 140 -9.89 -32.06 -24.66
CA THR B 140 -10.69 -32.20 -25.87
C THR B 140 -11.47 -30.92 -26.16
N GLN B 141 -12.10 -30.34 -25.14
CA GLN B 141 -12.93 -29.16 -25.35
C GLN B 141 -12.09 -27.96 -25.79
N MET B 142 -10.92 -27.78 -25.18
CA MET B 142 -10.12 -26.62 -25.59
C MET B 142 -9.46 -26.83 -26.94
N ARG B 143 -9.14 -28.07 -27.32
CA ARG B 143 -8.68 -28.31 -28.68
C ARG B 143 -9.80 -28.04 -29.68
N LYS B 144 -11.04 -28.33 -29.32
CA LYS B 144 -12.17 -28.02 -30.19
C LYS B 144 -12.38 -26.51 -30.31
N LEU B 145 -12.29 -25.79 -29.19
CA LEU B 145 -12.52 -24.34 -29.22
C LEU B 145 -11.40 -23.62 -29.97
N THR B 146 -10.14 -23.92 -29.65
CA THR B 146 -9.01 -23.26 -30.27
C THR B 146 -7.99 -24.29 -30.73
N SER B 147 -7.26 -23.95 -31.79
CA SER B 147 -6.25 -24.84 -32.34
C SER B 147 -4.89 -24.67 -31.67
N ASN B 148 -4.53 -23.44 -31.28
CA ASN B 148 -3.26 -23.17 -30.62
C ASN B 148 -3.45 -23.36 -29.13
N LEU B 149 -3.20 -24.59 -28.65
CA LEU B 149 -3.46 -24.95 -27.27
C LEU B 149 -2.26 -25.71 -26.71
N ARG B 150 -1.82 -25.31 -25.51
CA ARG B 150 -0.79 -26.02 -24.77
C ARG B 150 -1.36 -26.40 -23.41
N ILE B 151 -1.20 -27.65 -23.02
CA ILE B 151 -1.82 -28.20 -21.82
C ILE B 151 -0.81 -29.06 -21.07
N GLY B 152 -0.82 -28.96 -19.74
CA GLY B 152 0.01 -29.76 -18.87
C GLY B 152 -0.71 -30.04 -17.58
N PHE B 153 -0.02 -30.55 -16.56
CA PHE B 153 -0.67 -30.77 -15.26
C PHE B 153 0.39 -30.95 -14.18
N GLY B 154 -0.08 -31.04 -12.93
CA GLY B 154 0.76 -31.18 -11.76
C GLY B 154 0.06 -31.94 -10.66
N ALA B 155 0.55 -31.85 -9.42
CA ALA B 155 -0.07 -32.57 -8.32
C ALA B 155 0.34 -31.92 -7.01
N PHE B 156 -0.44 -32.18 -5.97
CA PHE B 156 -0.14 -31.67 -4.64
C PHE B 156 -0.85 -32.52 -3.60
N VAL B 157 -0.24 -32.63 -2.43
CA VAL B 157 -0.89 -33.29 -1.30
C VAL B 157 -0.94 -32.34 -0.11
N ASP B 158 0.23 -32.01 0.44
CA ASP B 158 0.38 -31.16 1.61
C ASP B 158 1.88 -31.05 1.90
N LYS B 159 2.22 -30.22 2.87
CA LYS B 159 3.62 -30.11 3.29
C LYS B 159 4.07 -31.40 3.98
N PRO B 160 5.14 -32.05 3.52
CA PRO B 160 5.55 -33.33 4.09
C PRO B 160 6.29 -33.19 5.41
N VAL B 161 5.60 -32.66 6.42
CA VAL B 161 6.14 -32.55 7.77
C VAL B 161 5.06 -32.98 8.75
N SER B 162 5.49 -33.35 9.95
CA SER B 162 4.55 -33.63 11.02
C SER B 162 3.92 -32.32 11.49
N PRO B 163 2.64 -32.32 11.87
CA PRO B 163 1.71 -33.45 12.00
C PRO B 163 0.95 -33.80 10.72
N TYR B 164 1.29 -33.23 9.57
CA TYR B 164 0.61 -33.58 8.35
C TYR B 164 1.00 -34.97 7.85
N MET B 165 2.28 -35.32 8.03
CA MET B 165 2.84 -36.54 7.47
C MET B 165 2.74 -37.69 8.46
N TYR B 166 2.99 -38.89 7.95
CA TYR B 166 3.12 -40.10 8.76
C TYR B 166 4.60 -40.43 8.88
N ILE B 167 5.21 -40.05 10.00
CA ILE B 167 6.64 -40.21 10.19
C ILE B 167 6.99 -41.44 11.01
N SER B 168 6.00 -42.24 11.41
CA SER B 168 6.25 -43.47 12.14
C SER B 168 5.09 -44.41 11.90
N PRO B 169 5.33 -45.72 11.75
CA PRO B 169 6.62 -46.43 11.80
C PRO B 169 7.53 -46.08 10.61
N PRO B 170 8.82 -46.39 10.64
CA PRO B 170 9.69 -45.98 9.51
C PRO B 170 9.29 -46.62 8.19
N GLU B 171 8.55 -47.72 8.22
CA GLU B 171 8.01 -48.29 6.99
C GLU B 171 6.83 -47.50 6.44
N ALA B 172 6.28 -46.56 7.21
CA ALA B 172 5.21 -45.70 6.75
C ALA B 172 5.71 -44.38 6.18
N LEU B 173 7.02 -44.17 6.15
CA LEU B 173 7.56 -43.01 5.44
C LEU B 173 7.56 -43.21 3.94
N GLU B 174 7.76 -44.45 3.49
CA GLU B 174 7.68 -44.80 2.08
C GLU B 174 6.29 -45.25 1.66
N ASN B 175 5.37 -45.42 2.60
CA ASN B 175 4.03 -45.87 2.31
C ASN B 175 3.10 -45.44 3.45
N PRO B 176 2.49 -44.26 3.36
CA PRO B 176 1.70 -43.75 4.49
C PRO B 176 0.48 -44.60 4.83
N CYS B 177 0.02 -45.48 3.95
CA CYS B 177 -1.14 -46.30 4.22
C CYS B 177 -0.80 -47.64 4.86
N TYR B 178 0.32 -47.71 5.58
CA TYR B 178 0.64 -48.91 6.35
C TYR B 178 -0.45 -49.18 7.39
N ASP B 179 -0.86 -48.14 8.12
CA ASP B 179 -1.87 -48.32 9.16
C ASP B 179 -3.18 -48.84 8.59
N MET B 180 -3.50 -48.48 7.35
CA MET B 180 -4.67 -49.00 6.67
C MET B 180 -4.40 -50.31 5.94
N LYS B 181 -3.15 -50.77 5.91
CA LYS B 181 -2.77 -52.04 5.28
C LYS B 181 -3.04 -52.01 3.79
N THR B 182 -2.63 -50.92 3.14
CA THR B 182 -2.74 -50.74 1.71
C THR B 182 -1.54 -49.94 1.23
N THR B 183 -1.29 -49.98 -0.08
CA THR B 183 -0.13 -49.32 -0.67
C THR B 183 -0.56 -47.98 -1.26
N CYS B 184 0.07 -46.91 -0.82
CA CYS B 184 -0.12 -45.59 -1.41
C CYS B 184 1.23 -44.88 -1.48
N LEU B 185 1.39 -44.03 -2.48
CA LEU B 185 2.68 -43.44 -2.79
C LEU B 185 3.13 -42.49 -1.70
N PRO B 186 4.44 -42.28 -1.57
CA PRO B 186 4.94 -41.34 -0.55
C PRO B 186 4.43 -39.93 -0.78
N MET B 187 4.29 -39.20 0.32
CA MET B 187 3.68 -37.89 0.30
C MET B 187 4.64 -36.84 -0.23
N PHE B 188 4.09 -35.78 -0.82
CA PHE B 188 4.88 -34.73 -1.44
C PHE B 188 4.12 -33.41 -1.33
N GLY B 189 4.86 -32.32 -1.46
CA GLY B 189 4.25 -31.00 -1.44
C GLY B 189 3.65 -30.59 -2.76
N TYR B 190 4.48 -30.44 -3.79
CA TYR B 190 4.03 -30.09 -5.12
C TYR B 190 4.94 -30.79 -6.12
N LYS B 191 4.34 -31.52 -7.05
CA LYS B 191 5.08 -32.32 -8.02
C LYS B 191 4.64 -31.90 -9.43
N HIS B 192 5.46 -31.09 -10.09
CA HIS B 192 5.18 -30.72 -11.47
C HIS B 192 5.51 -31.89 -12.39
N VAL B 193 4.49 -32.43 -13.04
CA VAL B 193 4.64 -33.68 -13.78
C VAL B 193 4.92 -33.43 -15.26
N LEU B 194 4.06 -32.66 -15.92
CA LEU B 194 4.12 -32.46 -17.37
C LEU B 194 4.19 -30.99 -17.68
N THR B 195 5.23 -30.57 -18.40
CA THR B 195 5.32 -29.20 -18.86
C THR B 195 4.29 -28.95 -19.96
N LEU B 196 4.02 -27.68 -20.21
CA LEU B 196 2.97 -27.33 -21.16
C LEU B 196 3.36 -27.78 -22.57
N THR B 197 2.68 -28.82 -23.05
CA THR B 197 2.93 -29.38 -24.37
C THR B 197 1.64 -29.49 -25.15
N ASP B 198 1.78 -29.51 -26.47
CA ASP B 198 0.64 -29.68 -27.37
C ASP B 198 0.31 -31.14 -27.64
N GLN B 199 0.91 -32.06 -26.90
CA GLN B 199 0.66 -33.50 -27.07
C GLN B 199 -0.46 -33.92 -26.13
N VAL B 200 -1.68 -33.85 -26.63
CA VAL B 200 -2.85 -34.23 -25.83
C VAL B 200 -2.81 -35.71 -25.50
N THR B 201 -2.28 -36.54 -26.40
CA THR B 201 -2.15 -37.96 -26.09
C THR B 201 -1.22 -38.19 -24.91
N ARG B 202 -0.08 -37.49 -24.88
CA ARG B 202 0.83 -37.59 -23.75
C ARG B 202 0.18 -37.08 -22.47
N PHE B 203 -0.57 -35.98 -22.56
CA PHE B 203 -1.27 -35.45 -21.39
C PHE B 203 -2.26 -36.48 -20.85
N ASN B 204 -3.02 -37.10 -21.73
CA ASN B 204 -4.00 -38.10 -21.30
C ASN B 204 -3.33 -39.31 -20.66
N GLU B 205 -2.24 -39.79 -21.26
CA GLU B 205 -1.53 -40.92 -20.68
C GLU B 205 -1.02 -40.60 -19.29
N GLU B 206 -0.31 -39.47 -19.14
CA GLU B 206 0.28 -39.15 -17.86
C GLU B 206 -0.78 -38.81 -16.82
N VAL B 207 -1.93 -38.27 -17.24
CA VAL B 207 -3.00 -38.01 -16.30
C VAL B 207 -3.64 -39.31 -15.82
N LYS B 208 -3.87 -40.26 -16.74
CA LYS B 208 -4.42 -41.54 -16.33
C LYS B 208 -3.44 -42.36 -15.51
N LYS B 209 -2.14 -42.04 -15.57
CA LYS B 209 -1.14 -42.77 -14.82
C LYS B 209 -0.92 -42.24 -13.39
N GLN B 210 -1.91 -41.57 -12.81
CA GLN B 210 -1.76 -40.95 -11.50
C GLN B 210 -2.43 -41.80 -10.41
N SER B 211 -1.99 -41.57 -9.17
CA SER B 211 -2.53 -42.28 -8.02
C SER B 211 -2.33 -41.44 -6.77
N VAL B 212 -3.08 -41.79 -5.73
CA VAL B 212 -3.24 -40.95 -4.54
C VAL B 212 -2.08 -41.11 -3.56
N SER B 213 -2.01 -40.19 -2.60
CA SER B 213 -1.07 -40.25 -1.47
C SER B 213 -1.87 -40.13 -0.17
N ARG B 214 -1.21 -39.92 0.96
CA ARG B 214 -1.96 -39.82 2.21
C ARG B 214 -1.25 -38.92 3.22
N ASN B 215 -2.02 -38.02 3.83
CA ASN B 215 -1.55 -37.21 4.95
C ASN B 215 -2.51 -37.38 6.12
N ARG B 216 -2.40 -36.53 7.13
CA ARG B 216 -3.20 -36.69 8.34
C ARG B 216 -4.43 -35.81 8.39
N ASP B 217 -4.30 -34.51 8.15
CA ASP B 217 -5.41 -33.57 8.34
C ASP B 217 -6.09 -33.24 7.02
N ALA B 218 -7.38 -32.89 7.12
CA ALA B 218 -8.20 -32.66 5.93
C ALA B 218 -7.73 -31.51 5.06
N PRO B 219 -7.37 -30.33 5.60
CA PRO B 219 -6.86 -29.27 4.72
C PRO B 219 -5.63 -29.71 3.96
N GLU B 220 -5.53 -29.27 2.71
CA GLU B 220 -4.42 -29.65 1.83
C GLU B 220 -3.59 -28.42 1.47
N GLY B 221 -2.37 -28.68 1.03
CA GLY B 221 -1.49 -27.62 0.59
C GLY B 221 -1.70 -27.28 -0.87
N GLY B 222 -2.93 -26.95 -1.24
CA GLY B 222 -3.23 -26.58 -2.60
C GLY B 222 -2.86 -25.16 -2.94
N PHE B 223 -2.83 -24.28 -1.95
CA PHE B 223 -2.45 -22.89 -2.21
C PHE B 223 -0.97 -22.80 -2.55
N ASP B 224 -0.13 -23.63 -1.92
CA ASP B 224 1.27 -23.70 -2.29
C ASP B 224 1.44 -24.14 -3.75
N ALA B 225 0.66 -25.14 -4.17
CA ALA B 225 0.71 -25.60 -5.56
C ALA B 225 0.23 -24.52 -6.51
N ILE B 226 -0.84 -23.81 -6.16
CA ILE B 226 -1.33 -22.72 -6.99
C ILE B 226 -0.25 -21.66 -7.16
N MET B 227 0.39 -21.28 -6.05
CA MET B 227 1.40 -20.24 -6.09
C MET B 227 2.61 -20.68 -6.91
N GLN B 228 3.05 -21.93 -6.74
CA GLN B 228 4.19 -22.41 -7.50
C GLN B 228 3.87 -22.50 -8.99
N ALA B 229 2.69 -23.01 -9.34
CA ALA B 229 2.31 -23.07 -10.75
C ALA B 229 2.18 -21.67 -11.33
N THR B 230 1.81 -20.68 -10.52
CA THR B 230 1.75 -19.30 -10.99
C THR B 230 3.13 -18.73 -11.25
N VAL B 231 4.06 -18.92 -10.31
CA VAL B 231 5.32 -18.20 -10.35
C VAL B 231 6.43 -18.92 -11.13
N CYS B 232 6.33 -20.24 -11.30
CA CYS B 232 7.37 -20.97 -12.03
C CYS B 232 7.07 -20.93 -13.53
N ASP B 233 7.28 -19.75 -14.11
CA ASP B 233 6.95 -19.54 -15.51
C ASP B 233 7.73 -20.48 -16.43
N GLU B 234 9.06 -20.51 -16.27
CA GLU B 234 9.87 -21.34 -17.14
C GLU B 234 9.59 -22.82 -16.94
N LYS B 235 9.39 -23.24 -15.68
CA LYS B 235 9.17 -24.66 -15.40
C LYS B 235 7.83 -25.12 -15.97
N ILE B 236 6.76 -24.38 -15.70
CA ILE B 236 5.45 -24.78 -16.21
C ILE B 236 5.41 -24.69 -17.72
N GLY B 237 5.96 -23.61 -18.28
CA GLY B 237 5.92 -23.37 -19.70
C GLY B 237 4.94 -22.33 -20.15
N TRP B 238 4.62 -21.35 -19.30
CA TRP B 238 3.67 -20.31 -19.68
C TRP B 238 4.21 -19.51 -20.85
N ARG B 239 3.36 -19.31 -21.87
CA ARG B 239 3.73 -18.52 -23.03
C ARG B 239 3.45 -17.04 -22.77
N ASN B 240 4.36 -16.18 -23.24
CA ASN B 240 4.24 -14.75 -22.99
C ASN B 240 2.97 -14.19 -23.62
N ASP B 241 2.76 -14.47 -24.90
CA ASP B 241 1.56 -14.01 -25.61
C ASP B 241 0.57 -15.16 -25.70
N ALA B 242 -0.14 -15.39 -24.60
CA ALA B 242 -1.16 -16.43 -24.54
C ALA B 242 -2.10 -16.11 -23.39
N SER B 243 -3.26 -16.76 -23.40
CA SER B 243 -4.25 -16.63 -22.35
C SER B 243 -4.13 -17.82 -21.41
N HIS B 244 -3.68 -17.57 -20.18
CA HIS B 244 -3.37 -18.63 -19.22
C HIS B 244 -4.60 -18.97 -18.39
N LEU B 245 -4.93 -20.26 -18.34
CA LEU B 245 -5.97 -20.76 -17.46
C LEU B 245 -5.36 -21.80 -16.53
N LEU B 246 -5.79 -21.78 -15.27
CA LEU B 246 -5.27 -22.66 -14.22
C LEU B 246 -6.44 -23.34 -13.55
N VAL B 247 -6.65 -24.61 -13.85
CA VAL B 247 -7.77 -25.37 -13.30
C VAL B 247 -7.28 -26.06 -12.04
N PHE B 248 -7.83 -25.65 -10.89
CA PHE B 248 -7.42 -26.13 -9.59
C PHE B 248 -8.50 -27.06 -9.04
N THR B 249 -8.09 -28.26 -8.64
CA THR B 249 -9.02 -29.28 -8.20
C THR B 249 -8.74 -29.69 -6.76
N THR B 250 -9.81 -29.82 -5.97
CA THR B 250 -9.72 -30.23 -4.58
C THR B 250 -11.10 -30.63 -4.10
N ASP B 251 -11.13 -31.43 -3.04
CA ASP B 251 -12.39 -31.87 -2.44
C ASP B 251 -12.49 -31.61 -0.95
N ALA B 252 -11.47 -31.01 -0.33
CA ALA B 252 -11.47 -30.71 1.08
C ALA B 252 -11.10 -29.25 1.27
N LYS B 253 -11.10 -28.80 2.53
CA LYS B 253 -10.72 -27.44 2.84
C LYS B 253 -9.26 -27.22 2.48
N THR B 254 -8.83 -25.96 2.59
CA THR B 254 -7.49 -25.57 2.16
C THR B 254 -6.75 -24.91 3.31
N HIS B 255 -5.49 -25.31 3.48
CA HIS B 255 -4.63 -24.67 4.46
C HIS B 255 -4.33 -23.24 4.03
N ILE B 256 -4.52 -22.29 4.95
CA ILE B 256 -4.26 -20.89 4.69
C ILE B 256 -2.97 -20.49 5.39
N ALA B 257 -2.53 -19.27 5.13
CA ALA B 257 -1.30 -18.80 5.75
C ALA B 257 -1.43 -18.80 7.27
N LEU B 258 -0.28 -18.88 7.94
CA LEU B 258 -0.15 -18.98 9.39
C LEU B 258 -0.60 -20.33 9.94
N ASP B 259 -1.04 -21.25 9.08
CA ASP B 259 -1.36 -22.60 9.53
C ASP B 259 -0.13 -23.47 9.73
N GLY B 260 1.01 -23.08 9.15
CA GLY B 260 2.23 -23.85 9.29
C GLY B 260 2.95 -23.67 10.61
N ARG B 261 2.49 -22.72 11.44
CA ARG B 261 3.11 -22.55 12.75
C ARG B 261 2.93 -23.79 13.61
N LEU B 262 1.85 -24.54 13.40
CA LEU B 262 1.68 -25.81 14.10
C LEU B 262 2.78 -26.79 13.76
N ALA B 263 3.15 -26.86 12.47
CA ALA B 263 4.23 -27.73 12.05
C ALA B 263 5.61 -27.12 12.29
N GLY B 264 5.67 -25.87 12.73
CA GLY B 264 6.93 -25.24 13.04
C GLY B 264 7.46 -24.33 11.96
N ILE B 265 6.67 -24.04 10.93
CA ILE B 265 7.07 -23.17 9.84
C ILE B 265 6.55 -21.78 10.14
N VAL B 266 7.45 -20.82 10.33
CA VAL B 266 7.10 -19.45 10.65
C VAL B 266 7.65 -18.47 9.63
N GLN B 267 8.17 -18.96 8.51
CA GLN B 267 8.69 -18.09 7.47
C GLN B 267 7.59 -17.80 6.45
N PRO B 268 7.25 -16.54 6.20
CA PRO B 268 6.20 -16.24 5.23
C PRO B 268 6.62 -16.61 3.82
N ASN B 269 5.62 -16.92 3.00
CA ASN B 269 5.88 -17.27 1.60
C ASN B 269 6.55 -16.10 0.91
N ASP B 270 7.81 -16.30 0.49
CA ASP B 270 8.60 -15.19 -0.05
C ASP B 270 8.01 -14.67 -1.35
N GLY B 271 7.61 -15.57 -2.25
CA GLY B 271 7.03 -15.19 -3.53
C GLY B 271 7.72 -15.79 -4.73
N GLN B 272 8.97 -16.22 -4.61
CA GLN B 272 9.72 -16.70 -5.75
C GLN B 272 9.32 -18.14 -6.10
N CYS B 273 9.94 -18.66 -7.15
CA CYS B 273 9.70 -20.02 -7.62
C CYS B 273 10.78 -20.94 -7.06
N HIS B 274 10.35 -22.05 -6.44
CA HIS B 274 11.27 -22.95 -5.76
C HIS B 274 11.22 -24.37 -6.31
N VAL B 275 10.66 -24.57 -7.49
CA VAL B 275 10.67 -25.89 -8.12
C VAL B 275 12.04 -26.09 -8.76
N GLY B 276 12.69 -27.20 -8.41
CA GLY B 276 14.03 -27.49 -8.87
C GLY B 276 14.07 -28.38 -10.10
N SER B 277 15.24 -28.95 -10.34
CA SER B 277 15.43 -29.86 -11.48
C SER B 277 14.78 -31.20 -11.27
N ASP B 278 14.35 -31.53 -10.05
CA ASP B 278 13.63 -32.76 -9.76
C ASP B 278 12.12 -32.59 -9.85
N ASN B 279 11.65 -31.41 -10.28
CA ASN B 279 10.22 -31.13 -10.43
C ASN B 279 9.48 -31.28 -9.11
N HIS B 280 10.10 -30.79 -8.04
CA HIS B 280 9.52 -30.85 -6.71
C HIS B 280 9.64 -29.50 -6.03
N TYR B 281 8.63 -29.16 -5.22
CA TYR B 281 8.65 -27.92 -4.44
C TYR B 281 9.64 -28.10 -3.30
N SER B 282 10.81 -27.45 -3.43
CA SER B 282 11.89 -27.68 -2.49
C SER B 282 11.63 -27.03 -1.13
N ALA B 283 11.01 -25.85 -1.12
CA ALA B 283 10.77 -25.11 0.11
C ALA B 283 9.44 -25.47 0.76
N SER B 284 8.96 -26.69 0.54
CA SER B 284 7.69 -27.10 1.13
C SER B 284 7.75 -27.12 2.65
N THR B 285 8.88 -27.59 3.20
CA THR B 285 9.02 -27.77 4.63
C THR B 285 9.66 -26.58 5.34
N THR B 286 9.99 -25.51 4.63
CA THR B 286 10.61 -24.36 5.25
C THR B 286 9.84 -23.06 5.08
N MET B 287 8.80 -23.03 4.26
CA MET B 287 8.05 -21.80 3.99
C MET B 287 6.56 -22.04 4.21
N ASP B 288 5.88 -21.01 4.70
CA ASP B 288 4.49 -21.11 5.08
C ASP B 288 3.59 -21.16 3.84
N TYR B 289 2.30 -21.38 4.08
CA TYR B 289 1.33 -21.35 3.01
C TYR B 289 1.13 -19.91 2.52
N PRO B 290 0.76 -19.73 1.26
CA PRO B 290 0.58 -18.37 0.75
C PRO B 290 -0.77 -17.79 1.13
N SER B 291 -0.77 -16.48 1.40
CA SER B 291 -1.99 -15.78 1.75
C SER B 291 -2.78 -15.42 0.50
N LEU B 292 -4.07 -15.12 0.72
CA LEU B 292 -4.94 -14.78 -0.41
C LEU B 292 -4.47 -13.51 -1.11
N GLY B 293 -3.99 -12.54 -0.35
CA GLY B 293 -3.49 -11.33 -0.97
C GLY B 293 -2.31 -11.58 -1.89
N LEU B 294 -1.35 -12.39 -1.43
CA LEU B 294 -0.20 -12.74 -2.27
C LEU B 294 -0.63 -13.53 -3.49
N MET B 295 -1.59 -14.45 -3.30
CA MET B 295 -2.07 -15.23 -4.44
C MET B 295 -2.71 -14.32 -5.49
N THR B 296 -3.54 -13.37 -4.97
CA THR B 296 -4.14 -12.40 -5.88
C THR B 296 -3.06 -11.64 -6.62
N GLU B 297 -2.12 -11.10 -5.93
CA GLU B 297 -1.07 -10.27 -6.51
C GLU B 297 -0.31 -11.02 -7.59
N LYS B 298 0.10 -12.26 -7.29
CA LYS B 298 0.86 -13.04 -8.26
C LYS B 298 0.01 -13.41 -9.47
N LEU B 299 -1.26 -13.78 -9.26
CA LEU B 299 -2.12 -14.12 -10.38
C LEU B 299 -2.32 -12.93 -11.30
N SER B 300 -2.55 -11.74 -10.73
CA SER B 300 -2.70 -10.55 -11.56
C SER B 300 -1.41 -10.20 -12.28
N GLN B 301 -0.26 -10.35 -11.60
CA GLN B 301 1.01 -10.02 -12.23
C GLN B 301 1.32 -10.96 -13.40
N LYS B 302 1.04 -12.25 -13.23
CA LYS B 302 1.35 -13.23 -14.26
C LYS B 302 0.22 -13.43 -15.26
N ASN B 303 -0.92 -12.76 -15.07
CA ASN B 303 -2.06 -12.82 -15.99
C ASN B 303 -2.57 -14.26 -16.11
N ILE B 304 -2.98 -14.81 -14.98
CA ILE B 304 -3.43 -16.20 -14.89
C ILE B 304 -4.85 -16.21 -14.35
N ASN B 305 -5.71 -16.99 -15.00
CA ASN B 305 -7.14 -17.06 -14.66
C ASN B 305 -7.37 -18.34 -13.86
N LEU B 306 -7.33 -18.22 -12.54
CA LEU B 306 -7.58 -19.35 -11.67
C LEU B 306 -9.03 -19.80 -11.79
N ILE B 307 -9.24 -21.12 -11.86
CA ILE B 307 -10.57 -21.70 -11.93
C ILE B 307 -10.63 -22.83 -10.92
N PHE B 308 -11.61 -22.76 -10.02
CA PHE B 308 -11.77 -23.77 -8.98
C PHE B 308 -12.74 -24.84 -9.46
N ALA B 309 -12.24 -26.06 -9.69
CA ALA B 309 -13.06 -27.21 -10.01
C ALA B 309 -13.12 -28.09 -8.77
N VAL B 310 -14.04 -27.76 -7.87
CA VAL B 310 -14.11 -28.40 -6.55
C VAL B 310 -15.40 -29.18 -6.45
N THR B 311 -15.41 -30.15 -5.54
CA THR B 311 -16.56 -31.02 -5.38
C THR B 311 -17.71 -30.26 -4.73
N GLU B 312 -18.86 -30.93 -4.63
CA GLU B 312 -20.07 -30.26 -4.18
C GLU B 312 -19.97 -29.74 -2.75
N ASN B 313 -19.26 -30.46 -1.88
CA ASN B 313 -19.27 -30.13 -0.46
C ASN B 313 -18.38 -28.94 -0.11
N VAL B 314 -17.63 -28.40 -1.05
CA VAL B 314 -16.79 -27.23 -0.78
C VAL B 314 -17.09 -26.14 -1.80
N VAL B 315 -18.20 -26.28 -2.51
CA VAL B 315 -18.55 -25.29 -3.54
C VAL B 315 -18.78 -23.93 -2.90
N ASN B 316 -19.52 -23.88 -1.80
CA ASN B 316 -19.80 -22.59 -1.15
C ASN B 316 -18.54 -22.00 -0.54
N LEU B 317 -17.72 -22.83 0.11
CA LEU B 317 -16.48 -22.37 0.70
C LEU B 317 -15.58 -21.73 -0.35
N TYR B 318 -15.43 -22.39 -1.50
CA TYR B 318 -14.55 -21.87 -2.53
C TYR B 318 -15.19 -20.76 -3.35
N GLN B 319 -16.51 -20.68 -3.39
CA GLN B 319 -17.16 -19.51 -3.96
C GLN B 319 -16.89 -18.27 -3.13
N ASN B 320 -16.90 -18.41 -1.80
CA ASN B 320 -16.55 -17.27 -0.95
C ASN B 320 -15.07 -16.93 -1.07
N TYR B 321 -14.20 -17.93 -1.15
CA TYR B 321 -12.79 -17.65 -1.44
C TYR B 321 -12.63 -16.91 -2.77
N SER B 322 -13.40 -17.30 -3.79
CA SER B 322 -13.32 -16.63 -5.08
C SER B 322 -13.82 -15.18 -4.98
N GLU B 323 -14.88 -14.96 -4.21
CA GLU B 323 -15.32 -13.59 -3.95
C GLU B 323 -14.20 -12.78 -3.30
N LEU B 324 -13.36 -13.43 -2.49
CA LEU B 324 -12.18 -12.76 -1.97
C LEU B 324 -11.04 -12.68 -2.98
N ILE B 325 -11.12 -13.44 -4.07
CA ILE B 325 -10.10 -13.38 -5.11
C ILE B 325 -10.71 -12.93 -6.42
N PRO B 326 -10.66 -11.63 -6.73
CA PRO B 326 -11.34 -11.13 -7.92
C PRO B 326 -10.78 -11.75 -9.20
N GLY B 327 -11.69 -11.96 -10.16
CA GLY B 327 -11.32 -12.57 -11.42
C GLY B 327 -11.26 -14.07 -11.42
N THR B 328 -11.81 -14.73 -10.40
CA THR B 328 -11.76 -16.18 -10.25
C THR B 328 -13.18 -16.73 -10.29
N THR B 329 -13.36 -17.83 -11.03
CA THR B 329 -14.64 -18.51 -11.13
C THR B 329 -14.51 -19.91 -10.53
N VAL B 330 -15.63 -20.41 -9.99
CA VAL B 330 -15.66 -21.69 -9.29
C VAL B 330 -16.64 -22.61 -10.00
N GLY B 331 -16.19 -23.82 -10.31
CA GLY B 331 -17.03 -24.85 -10.88
C GLY B 331 -17.29 -25.96 -9.88
N VAL B 332 -18.04 -26.96 -10.35
CA VAL B 332 -18.39 -28.12 -9.54
C VAL B 332 -17.80 -29.36 -10.20
N LEU B 333 -17.09 -30.16 -9.41
CA LEU B 333 -16.48 -31.40 -9.89
C LEU B 333 -17.46 -32.55 -9.63
N SER B 334 -17.84 -33.25 -10.70
CA SER B 334 -18.80 -34.33 -10.58
C SER B 334 -18.49 -35.38 -11.64
N MET B 335 -19.44 -36.29 -11.86
CA MET B 335 -19.26 -37.31 -12.88
C MET B 335 -19.12 -36.68 -14.26
N ASP B 336 -19.95 -35.68 -14.56
CA ASP B 336 -19.82 -34.89 -15.78
C ASP B 336 -19.10 -33.57 -15.47
N SER B 337 -18.30 -33.12 -16.42
CA SER B 337 -17.52 -31.89 -16.28
C SER B 337 -18.19 -30.69 -16.94
N SER B 338 -19.53 -30.70 -17.02
CA SER B 338 -20.22 -29.66 -17.78
C SER B 338 -19.99 -28.28 -17.17
N ASN B 339 -19.99 -28.18 -15.84
CA ASN B 339 -19.84 -26.87 -15.19
C ASN B 339 -18.47 -26.27 -15.49
N VAL B 340 -17.40 -27.03 -15.26
CA VAL B 340 -16.06 -26.49 -15.49
C VAL B 340 -15.82 -26.29 -16.97
N LEU B 341 -16.41 -27.13 -17.83
CA LEU B 341 -16.26 -26.93 -19.27
C LEU B 341 -16.94 -25.63 -19.71
N GLN B 342 -18.12 -25.33 -19.16
CA GLN B 342 -18.76 -24.06 -19.46
C GLN B 342 -17.92 -22.90 -18.95
N LEU B 343 -17.29 -23.06 -17.79
CA LEU B 343 -16.41 -22.03 -17.28
C LEU B 343 -15.23 -21.80 -18.22
N ILE B 344 -14.66 -22.88 -18.75
CA ILE B 344 -13.57 -22.79 -19.72
C ILE B 344 -14.02 -22.10 -20.99
N VAL B 345 -15.20 -22.47 -21.48
CA VAL B 345 -15.74 -21.87 -22.70
C VAL B 345 -15.98 -20.38 -22.50
N ASP B 346 -16.53 -20.00 -21.35
CA ASP B 346 -16.72 -18.59 -21.06
C ASP B 346 -15.39 -17.85 -20.94
N ALA B 347 -14.38 -18.49 -20.34
CA ALA B 347 -13.06 -17.90 -20.24
C ALA B 347 -12.48 -17.64 -21.62
N TYR B 348 -12.69 -18.57 -22.55
CA TYR B 348 -12.30 -18.36 -23.93
C TYR B 348 -13.12 -17.23 -24.55
N GLY B 349 -14.39 -17.12 -24.16
CA GLY B 349 -15.27 -16.10 -24.69
C GLY B 349 -14.88 -14.69 -24.29
N LYS B 350 -14.35 -14.50 -23.10
CA LYS B 350 -13.85 -13.18 -22.71
C LYS B 350 -12.38 -12.99 -23.05
N ILE B 351 -11.99 -13.65 -24.16
CA ILE B 351 -10.62 -13.48 -24.69
C ILE B 351 -10.70 -12.40 -25.70
N ARG B 352 -10.01 -11.34 -25.41
CA ARG B 352 -9.99 -10.11 -26.20
C ARG B 352 -8.59 -9.89 -26.74
N SER B 353 -8.51 -9.63 -28.05
CA SER B 353 -7.24 -9.45 -28.73
C SER B 353 -7.05 -7.97 -29.05
N LYS B 354 -5.79 -7.55 -29.14
CA LYS B 354 -5.46 -6.21 -29.55
C LYS B 354 -4.54 -6.28 -30.77
N VAL B 355 -4.59 -5.22 -31.58
CA VAL B 355 -3.78 -5.16 -32.78
C VAL B 355 -2.83 -3.98 -32.72
N GLU B 356 -1.57 -4.24 -32.41
CA GLU B 356 -0.56 -3.18 -32.32
C GLU B 356 0.23 -3.18 -33.62
N LEU B 357 -0.03 -2.17 -34.46
CA LEU B 357 0.69 -2.05 -35.72
C LEU B 357 2.15 -1.70 -35.45
N GLU B 358 3.05 -2.35 -36.18
CA GLU B 358 4.47 -2.08 -36.07
C GLU B 358 5.07 -1.90 -37.46
N VAL B 359 6.12 -1.08 -37.53
CA VAL B 359 6.81 -0.81 -38.78
C VAL B 359 8.28 -1.17 -38.62
N ARG B 360 8.80 -1.94 -39.56
CA ARG B 360 10.18 -2.38 -39.54
C ARG B 360 10.96 -1.74 -40.69
N ASP B 361 12.28 -1.66 -40.49
CA ASP B 361 13.22 -1.05 -41.44
C ASP B 361 12.68 0.24 -42.06
N LEU B 362 11.95 1.02 -41.28
CA LEU B 362 11.41 2.27 -41.78
C LEU B 362 12.54 3.25 -42.06
N PRO B 363 12.63 3.81 -43.27
CA PRO B 363 13.68 4.78 -43.56
C PRO B 363 13.46 6.10 -42.84
N GLU B 364 14.55 6.88 -42.77
CA GLU B 364 14.47 8.20 -42.14
C GLU B 364 13.59 9.16 -42.93
N GLU B 365 13.64 9.10 -44.26
CA GLU B 365 12.92 10.07 -45.07
C GLU B 365 11.40 9.94 -44.95
N LEU B 366 10.87 8.72 -44.97
CA LEU B 366 9.43 8.54 -44.95
C LEU B 366 8.87 8.76 -43.55
N SER B 367 7.65 9.31 -43.51
CA SER B 367 6.92 9.54 -42.28
C SER B 367 5.47 9.09 -42.46
N LEU B 368 4.88 8.58 -41.39
CA LEU B 368 3.56 7.96 -41.45
C LEU B 368 2.61 8.60 -40.44
N SER B 369 1.32 8.62 -40.80
CA SER B 369 0.26 9.12 -39.94
C SER B 369 -0.84 8.08 -39.87
N PHE B 370 -1.30 7.79 -38.66
CA PHE B 370 -2.24 6.69 -38.42
C PHE B 370 -3.59 7.24 -37.98
N ASN B 371 -4.66 6.65 -38.52
CA ASN B 371 -6.02 6.96 -38.12
C ASN B 371 -6.71 5.64 -37.79
N ALA B 372 -6.80 5.31 -36.51
CA ALA B 372 -7.37 4.03 -36.09
C ALA B 372 -8.89 4.12 -36.11
N THR B 373 -9.51 3.30 -36.93
CA THR B 373 -10.96 3.26 -37.04
C THR B 373 -11.44 1.96 -36.40
N CYS B 374 -11.58 1.99 -35.08
CA CYS B 374 -11.90 0.83 -34.27
C CYS B 374 -13.38 0.48 -34.34
N LEU B 375 -13.84 -0.33 -33.37
CA LEU B 375 -15.21 -0.84 -33.40
C LEU B 375 -16.25 0.26 -33.23
N ASN B 376 -15.90 1.41 -32.66
CA ASN B 376 -16.86 2.51 -32.56
C ASN B 376 -16.96 3.30 -33.85
N ASN B 377 -16.18 2.94 -34.87
CA ASN B 377 -16.16 3.60 -36.17
C ASN B 377 -15.75 5.06 -36.08
N GLU B 378 -15.13 5.46 -34.97
CA GLU B 378 -14.71 6.84 -34.78
C GLU B 378 -13.23 6.95 -35.13
N VAL B 379 -12.93 7.79 -36.12
CA VAL B 379 -11.56 7.97 -36.57
C VAL B 379 -10.79 8.74 -35.50
N ILE B 380 -9.78 8.10 -34.93
CA ILE B 380 -8.99 8.66 -33.84
C ILE B 380 -7.57 8.89 -34.34
N PRO B 381 -7.24 10.13 -34.71
CA PRO B 381 -5.87 10.41 -35.14
C PRO B 381 -4.88 10.21 -34.00
N GLY B 382 -3.67 9.81 -34.36
CA GLY B 382 -2.63 9.57 -33.39
C GLY B 382 -2.68 8.21 -32.73
N LEU B 383 -3.65 7.37 -33.06
CA LEU B 383 -3.78 6.04 -32.52
C LEU B 383 -3.65 5.02 -33.64
N LYS B 384 -2.97 3.91 -33.35
CA LYS B 384 -2.73 2.87 -34.35
C LYS B 384 -3.00 1.47 -33.82
N SER B 385 -3.62 1.35 -32.64
CA SER B 385 -3.81 0.05 -32.00
C SER B 385 -5.20 0.01 -31.38
N CYS B 386 -6.12 -0.70 -32.01
CA CYS B 386 -7.48 -0.85 -31.50
C CYS B 386 -7.58 -2.10 -30.66
N MET B 387 -8.00 -1.95 -29.41
CA MET B 387 -8.17 -3.09 -28.51
C MET B 387 -9.54 -3.73 -28.74
N GLY B 388 -9.84 -4.78 -27.99
CA GLY B 388 -11.17 -5.34 -27.99
C GLY B 388 -11.55 -6.16 -29.21
N LEU B 389 -10.62 -6.43 -30.11
CA LEU B 389 -10.97 -7.21 -31.29
C LEU B 389 -11.26 -8.66 -30.92
N LYS B 390 -12.16 -9.28 -31.67
CA LYS B 390 -12.55 -10.66 -31.47
C LYS B 390 -12.30 -11.45 -32.76
N ILE B 391 -12.64 -12.73 -32.75
CA ILE B 391 -12.51 -13.57 -33.93
C ILE B 391 -13.64 -13.24 -34.88
N GLY B 392 -13.31 -13.07 -36.16
CA GLY B 392 -14.30 -12.60 -37.11
C GLY B 392 -14.60 -11.12 -36.99
N ASP B 393 -13.77 -10.37 -36.28
CA ASP B 393 -13.93 -8.93 -36.12
C ASP B 393 -12.94 -8.21 -37.01
N THR B 394 -13.37 -7.10 -37.59
CA THR B 394 -12.56 -6.43 -38.61
C THR B 394 -12.32 -4.97 -38.24
N VAL B 395 -11.08 -4.52 -38.45
CA VAL B 395 -10.66 -3.18 -38.12
C VAL B 395 -9.87 -2.67 -39.30
N SER B 396 -9.72 -1.35 -39.38
CA SER B 396 -9.05 -0.70 -40.50
C SER B 396 -8.13 0.38 -39.98
N PHE B 397 -7.23 0.85 -40.83
CA PHE B 397 -6.33 1.93 -40.47
C PHE B 397 -6.04 2.79 -41.69
N SER B 398 -6.16 4.10 -41.53
CA SER B 398 -5.84 5.05 -42.58
C SER B 398 -4.40 5.50 -42.38
N ILE B 399 -3.55 5.23 -43.37
CA ILE B 399 -2.13 5.52 -43.28
C ILE B 399 -1.76 6.45 -44.42
N GLU B 400 -1.16 7.59 -44.09
CA GLU B 400 -0.64 8.53 -45.08
C GLU B 400 0.87 8.61 -44.94
N ALA B 401 1.58 8.35 -46.02
CA ALA B 401 3.03 8.34 -46.02
C ALA B 401 3.55 9.65 -46.61
N LYS B 402 4.37 10.34 -45.84
CA LYS B 402 4.98 11.59 -46.28
C LYS B 402 6.49 11.39 -46.39
N VAL B 403 7.07 11.98 -47.44
CA VAL B 403 8.49 11.84 -47.75
C VAL B 403 9.11 13.23 -47.76
N ARG B 404 10.28 13.37 -47.13
CA ARG B 404 11.02 14.61 -47.15
C ARG B 404 12.11 14.51 -48.22
N GLY B 405 11.91 15.21 -49.34
CA GLY B 405 12.86 15.16 -50.42
C GLY B 405 12.85 13.81 -51.13
N CYS B 406 13.99 13.47 -51.73
CA CYS B 406 14.15 12.21 -52.43
C CYS B 406 15.58 11.72 -52.28
N PRO B 407 15.78 10.46 -51.91
CA PRO B 407 17.12 9.90 -51.82
C PRO B 407 17.60 9.37 -53.16
N GLN B 408 18.85 8.92 -53.18
CA GLN B 408 19.46 8.36 -54.38
C GLN B 408 19.22 6.86 -54.49
N GLU B 409 18.53 6.25 -53.53
CA GLU B 409 18.29 4.81 -53.58
C GLU B 409 17.38 4.44 -54.73
N LYS B 410 16.41 5.31 -55.06
CA LYS B 410 15.49 5.13 -56.18
C LYS B 410 14.60 3.90 -56.00
N GLU B 411 14.75 3.20 -54.87
CA GLU B 411 13.94 2.03 -54.55
C GLU B 411 14.15 1.66 -53.09
N LYS B 412 13.06 1.44 -52.36
CA LYS B 412 13.13 0.98 -50.99
C LYS B 412 11.85 0.20 -50.72
N SER B 413 11.91 -0.70 -49.74
CA SER B 413 10.76 -1.49 -49.33
C SER B 413 10.73 -1.60 -47.80
N PHE B 414 9.55 -1.40 -47.21
CA PHE B 414 9.38 -1.58 -45.77
C PHE B 414 8.11 -2.37 -45.52
N THR B 415 8.07 -3.03 -44.37
CA THR B 415 7.02 -3.95 -44.02
C THR B 415 6.13 -3.37 -42.93
N ILE B 416 4.82 -3.43 -43.14
CA ILE B 416 3.82 -3.11 -42.13
C ILE B 416 3.25 -4.41 -41.60
N LYS B 417 3.11 -4.52 -40.28
CA LYS B 417 2.70 -5.78 -39.70
C LYS B 417 2.04 -5.59 -38.34
N PRO B 418 0.97 -6.31 -38.06
CA PRO B 418 0.41 -6.31 -36.70
C PRO B 418 1.19 -7.26 -35.80
N VAL B 419 1.46 -6.79 -34.58
CA VAL B 419 2.23 -7.60 -33.65
C VAL B 419 1.44 -8.85 -33.31
N GLY B 420 2.14 -9.97 -33.19
CA GLY B 420 1.47 -11.23 -32.94
C GLY B 420 0.75 -11.81 -34.12
N PHE B 421 0.89 -11.22 -35.30
CA PHE B 421 0.24 -11.67 -36.52
C PHE B 421 1.28 -12.26 -37.46
N LYS B 422 0.93 -13.36 -38.11
CA LYS B 422 1.83 -13.96 -39.09
C LYS B 422 1.89 -13.13 -40.37
N ASP B 423 0.74 -12.69 -40.86
CA ASP B 423 0.66 -11.97 -42.12
C ASP B 423 1.15 -10.54 -41.98
N SER B 424 1.48 -9.93 -43.11
CA SER B 424 2.05 -8.60 -43.13
C SER B 424 1.80 -7.94 -44.48
N LEU B 425 1.86 -6.62 -44.49
CA LEU B 425 1.82 -5.81 -45.70
C LEU B 425 3.22 -5.31 -45.98
N ILE B 426 3.64 -5.40 -47.22
CA ILE B 426 4.96 -4.92 -47.63
C ILE B 426 4.78 -3.92 -48.77
N VAL B 427 5.60 -2.87 -48.73
CA VAL B 427 5.53 -1.80 -49.72
C VAL B 427 6.78 -1.87 -50.59
N GLN B 428 6.74 -1.17 -51.72
CA GLN B 428 7.90 -0.95 -52.58
C GLN B 428 7.94 0.53 -52.93
N VAL B 429 8.54 1.33 -52.06
CA VAL B 429 8.56 2.78 -52.27
C VAL B 429 9.62 3.10 -53.32
N THR B 430 9.19 3.68 -54.43
CA THR B 430 10.08 4.10 -55.51
C THR B 430 9.92 5.61 -55.69
N PHE B 431 10.90 6.36 -55.21
CA PHE B 431 10.87 7.81 -55.36
C PHE B 431 11.11 8.18 -56.82
N ASP B 432 10.21 8.98 -57.39
CA ASP B 432 10.41 9.48 -58.74
C ASP B 432 11.62 10.41 -58.79
N CYS B 433 11.54 11.54 -58.09
CA CYS B 433 12.68 12.43 -57.85
C CYS B 433 13.25 13.03 -59.12
N ASP B 434 12.69 12.70 -60.29
CA ASP B 434 13.23 13.18 -61.56
C ASP B 434 12.15 13.10 -62.62
N CYS B 435 12.40 13.76 -63.75
CA CYS B 435 11.56 13.67 -64.94
C CYS B 435 11.91 12.43 -65.74
N ALA B 436 10.92 11.94 -66.50
CA ALA B 436 11.19 10.86 -67.44
C ALA B 436 12.09 11.33 -68.57
N CYS B 437 11.97 12.61 -68.95
CA CYS B 437 12.74 13.13 -70.07
C CYS B 437 14.22 13.26 -69.76
N GLN B 438 14.60 13.28 -68.48
CA GLN B 438 16.03 13.31 -68.14
C GLN B 438 16.73 12.02 -68.53
N ALA B 439 15.98 10.95 -68.81
CA ALA B 439 16.60 9.75 -69.34
C ALA B 439 17.20 9.99 -70.72
N GLN B 440 16.62 10.92 -71.50
CA GLN B 440 17.13 11.29 -72.80
C GLN B 440 17.91 12.60 -72.75
N ALA B 441 18.56 12.89 -71.63
CA ALA B 441 19.29 14.13 -71.48
C ALA B 441 20.52 14.16 -72.37
N GLU B 442 20.92 15.36 -72.76
CA GLU B 442 22.09 15.64 -73.58
C GLU B 442 23.29 15.94 -72.68
N PRO B 443 24.47 15.36 -72.97
CA PRO B 443 25.60 15.47 -72.05
C PRO B 443 26.04 16.90 -71.73
N ASN B 444 26.44 17.65 -72.75
CA ASN B 444 26.97 19.00 -72.51
C ASN B 444 27.14 19.71 -73.84
N SER B 445 26.92 21.03 -73.80
CA SER B 445 27.06 21.86 -75.00
C SER B 445 26.18 21.42 -76.13
N HIS B 446 26.72 21.45 -77.34
CA HIS B 446 25.99 21.01 -78.52
C HIS B 446 24.68 21.79 -78.70
N ARG B 447 23.57 21.23 -78.21
CA ARG B 447 22.28 21.87 -78.37
C ARG B 447 22.25 23.23 -77.67
N CYS B 448 22.79 23.30 -76.46
CA CYS B 448 22.73 24.54 -75.68
C CYS B 448 23.68 25.59 -76.25
N ASN B 449 23.40 26.04 -77.48
CA ASN B 449 24.15 27.10 -78.14
C ASN B 449 25.65 26.88 -78.12
N ASN B 450 26.42 27.95 -78.25
CA ASN B 450 27.87 27.88 -78.18
C ASN B 450 28.39 27.62 -76.77
N GLY B 451 27.53 27.71 -75.76
CA GLY B 451 27.95 27.45 -74.40
C GLY B 451 28.20 25.98 -74.15
N ASN B 452 28.79 25.70 -72.99
CA ASN B 452 29.21 24.36 -72.62
C ASN B 452 28.60 23.93 -71.29
N GLY B 453 27.30 24.19 -71.12
CA GLY B 453 26.60 23.77 -69.92
C GLY B 453 26.02 22.37 -70.04
N THR B 454 24.72 22.24 -69.78
CA THR B 454 24.02 20.99 -70.04
C THR B 454 22.57 21.30 -70.39
N PHE B 455 22.05 20.58 -71.39
CA PHE B 455 20.70 20.78 -71.88
C PHE B 455 19.91 19.49 -71.66
N GLU B 456 18.75 19.61 -71.01
CA GLU B 456 17.92 18.46 -70.71
C GLU B 456 16.48 18.90 -70.56
N CYS B 457 15.56 18.07 -71.05
CA CYS B 457 14.11 18.29 -70.90
C CYS B 457 13.70 19.66 -71.43
N GLY B 458 14.28 20.06 -72.57
CA GLY B 458 13.92 21.31 -73.19
C GLY B 458 14.49 22.54 -72.54
N VAL B 459 15.31 22.38 -71.49
CA VAL B 459 15.90 23.52 -70.80
C VAL B 459 17.39 23.28 -70.65
N CYS B 460 18.13 24.37 -70.49
CA CYS B 460 19.58 24.33 -70.31
C CYS B 460 19.98 24.99 -69.01
N ARG B 461 20.94 24.40 -68.33
CA ARG B 461 21.49 24.96 -67.09
C ARG B 461 23.01 24.90 -67.18
N CYS B 462 23.64 26.06 -67.32
CA CYS B 462 25.07 26.12 -67.56
C CYS B 462 25.84 25.77 -66.28
N GLY B 463 27.16 25.62 -66.44
CA GLY B 463 28.02 25.31 -65.33
C GLY B 463 28.48 26.55 -64.59
N PRO B 464 29.52 26.43 -63.79
CA PRO B 464 30.02 27.58 -63.04
C PRO B 464 30.49 28.69 -63.96
N GLY B 465 30.25 29.94 -63.54
CA GLY B 465 30.59 31.09 -64.34
C GLY B 465 29.48 31.57 -65.24
N TRP B 466 29.05 30.71 -66.17
CA TRP B 466 27.97 31.06 -67.09
C TRP B 466 26.65 31.06 -66.32
N LEU B 467 26.18 32.24 -65.96
CA LEU B 467 24.93 32.41 -65.23
C LEU B 467 23.74 32.70 -66.13
N GLY B 468 23.94 32.71 -67.44
CA GLY B 468 22.86 32.99 -68.35
C GLY B 468 21.86 31.86 -68.46
N SER B 469 20.69 32.20 -69.00
CA SER B 469 19.64 31.19 -69.19
C SER B 469 20.08 30.10 -70.15
N GLN B 470 20.70 30.49 -71.27
CA GLN B 470 21.15 29.56 -72.29
C GLN B 470 22.63 29.77 -72.57
N CYS B 471 23.41 29.94 -71.51
CA CYS B 471 24.86 30.16 -71.59
C CYS B 471 25.19 31.34 -72.51
N GLU C 1 -42.28 -49.28 11.71
CA GLU C 1 -41.00 -48.74 12.16
C GLU C 1 -40.27 -48.03 11.03
N CYS C 2 -39.26 -47.23 11.39
CA CYS C 2 -38.45 -46.54 10.41
C CYS C 2 -36.95 -46.75 10.63
N GLU C 3 -36.56 -47.47 11.68
CA GLU C 3 -35.21 -47.99 11.91
C GLU C 3 -34.19 -46.89 12.21
N SER C 4 -34.60 -45.62 12.12
CA SER C 4 -33.74 -44.49 12.47
C SER C 4 -32.36 -44.59 11.80
N GLY C 5 -32.36 -44.91 10.51
CA GLY C 5 -31.13 -45.10 9.78
C GLY C 5 -30.31 -43.83 9.69
N PRO C 6 -28.98 -43.98 9.65
CA PRO C 6 -28.12 -42.79 9.53
C PRO C 6 -28.44 -41.95 8.29
N CYS C 7 -28.75 -42.60 7.17
CA CYS C 7 -29.27 -41.90 6.00
C CYS C 7 -30.78 -42.03 5.86
N CYS C 8 -31.41 -42.92 6.62
CA CYS C 8 -32.87 -43.04 6.60
C CYS C 8 -33.50 -42.18 7.69
N ARG C 9 -33.26 -40.87 7.58
CA ARG C 9 -33.90 -39.93 8.49
C ARG C 9 -35.40 -39.96 8.27
N ASN C 10 -36.15 -39.89 9.36
CA ASN C 10 -37.59 -40.19 9.38
C ASN C 10 -37.72 -41.62 8.85
N CYS C 11 -38.50 -41.87 7.80
CA CYS C 11 -38.64 -43.21 7.25
C CYS C 11 -38.33 -43.32 5.77
N LYS C 12 -38.45 -42.23 5.02
CA LYS C 12 -38.10 -42.27 3.60
C LYS C 12 -36.59 -42.20 3.41
N PHE C 13 -36.11 -42.87 2.38
CA PHE C 13 -34.68 -42.83 2.06
C PHE C 13 -34.28 -41.42 1.63
N LEU C 14 -33.09 -40.99 2.07
CA LEU C 14 -32.58 -39.68 1.68
C LEU C 14 -31.95 -39.75 0.29
N LYS C 15 -31.66 -38.57 -0.25
CA LYS C 15 -31.10 -38.47 -1.59
C LYS C 15 -29.71 -39.08 -1.65
N GLU C 16 -29.40 -39.73 -2.78
CA GLU C 16 -28.08 -40.27 -3.00
C GLU C 16 -27.03 -39.15 -2.95
N GLY C 17 -25.91 -39.43 -2.29
CA GLY C 17 -24.87 -38.45 -2.10
C GLY C 17 -24.84 -37.82 -0.72
N THR C 18 -25.88 -38.04 0.08
CA THR C 18 -25.88 -37.54 1.46
C THR C 18 -24.79 -38.23 2.27
N ILE C 19 -24.19 -37.47 3.18
CA ILE C 19 -23.10 -37.96 4.01
C ILE C 19 -23.69 -38.50 5.31
N CYS C 20 -23.47 -39.79 5.58
CA CYS C 20 -23.91 -40.38 6.83
C CYS C 20 -22.85 -40.30 7.92
N LYS C 21 -21.57 -40.40 7.55
CA LYS C 21 -20.47 -40.29 8.50
C LYS C 21 -19.41 -39.39 7.89
N ARG C 22 -19.31 -38.16 8.39
CA ARG C 22 -18.33 -37.22 7.89
C ARG C 22 -16.92 -37.76 8.13
N ALA C 23 -16.08 -37.67 7.10
CA ALA C 23 -14.71 -38.15 7.20
C ALA C 23 -13.89 -37.21 8.07
N ARG C 24 -13.16 -37.79 9.02
CA ARG C 24 -12.28 -37.03 9.91
C ARG C 24 -10.86 -37.11 9.39
N GLY C 25 -10.23 -35.96 9.16
CA GLY C 25 -8.89 -35.94 8.62
C GLY C 25 -8.91 -36.19 7.13
N ASP C 26 -7.75 -36.41 6.54
CA ASP C 26 -7.67 -36.69 5.11
C ASP C 26 -8.21 -38.10 4.86
N ASP C 27 -9.54 -38.19 4.79
CA ASP C 27 -10.16 -39.49 4.55
C ASP C 27 -11.33 -39.34 3.59
N MET C 28 -12.03 -40.44 3.31
CA MET C 28 -13.14 -40.38 2.38
C MET C 28 -14.45 -40.43 3.15
N ASP C 29 -15.37 -39.52 2.83
CA ASP C 29 -16.67 -39.50 3.47
C ASP C 29 -17.44 -40.77 3.14
N ASP C 30 -18.29 -41.20 4.06
CA ASP C 30 -19.18 -42.33 3.83
C ASP C 30 -20.50 -41.81 3.30
N TYR C 31 -20.88 -42.25 2.11
CA TYR C 31 -22.11 -41.83 1.46
C TYR C 31 -23.14 -42.95 1.51
N CYS C 32 -24.40 -42.58 1.28
CA CYS C 32 -25.50 -43.51 1.26
C CYS C 32 -26.14 -43.55 -0.12
N ASN C 33 -26.43 -44.77 -0.58
CA ASN C 33 -26.95 -44.98 -1.93
C ASN C 33 -28.35 -44.42 -2.11
N GLY C 34 -29.20 -44.50 -1.09
CA GLY C 34 -30.58 -44.10 -1.21
C GLY C 34 -31.57 -45.24 -1.37
N LYS C 35 -31.10 -46.49 -1.32
CA LYS C 35 -31.98 -47.64 -1.33
C LYS C 35 -31.80 -48.55 -0.12
N THR C 36 -30.76 -48.33 0.68
CA THR C 36 -30.54 -49.04 1.94
C THR C 36 -30.44 -48.02 3.06
N CYS C 37 -31.07 -48.33 4.20
CA CYS C 37 -31.13 -47.36 5.30
C CYS C 37 -29.81 -47.22 6.05
N ASP C 38 -28.93 -48.20 5.95
CA ASP C 38 -27.68 -48.16 6.70
C ASP C 38 -26.72 -47.14 6.08
N CYS C 39 -25.57 -46.98 6.73
CA CYS C 39 -24.49 -46.13 6.23
C CYS C 39 -23.39 -47.02 5.65
N PRO C 40 -23.42 -47.28 4.38
CA PRO C 40 -22.49 -48.24 3.78
C PRO C 40 -21.07 -47.68 3.70
N ARG C 41 -20.10 -48.58 3.78
CA ARG C 41 -18.71 -48.19 3.69
C ARG C 41 -18.35 -47.80 2.26
N ASN C 42 -17.51 -46.78 2.14
CA ASN C 42 -17.06 -46.34 0.83
C ASN C 42 -16.30 -47.47 0.15
N PRO C 43 -16.68 -47.86 -1.08
CA PRO C 43 -16.06 -49.03 -1.71
C PRO C 43 -14.54 -49.00 -1.73
N HIS C 44 -13.95 -47.97 -2.33
CA HIS C 44 -12.50 -47.87 -2.41
C HIS C 44 -11.98 -46.99 -1.27
N LYS C 45 -12.05 -47.55 -0.07
CA LYS C 45 -11.54 -46.90 1.13
C LYS C 45 -10.33 -47.57 1.73
N GLY C 46 -10.23 -48.89 1.64
CA GLY C 46 -9.12 -49.63 2.19
C GLY C 46 -9.20 -51.10 1.84
N PRO C 47 -8.67 -51.95 2.72
CA PRO C 47 -8.79 -53.40 2.49
C PRO C 47 -10.11 -53.94 3.02
N ALA C 48 -11.20 -53.22 2.78
CA ALA C 48 -12.52 -53.54 3.32
C ALA C 48 -12.44 -53.78 4.82
N THR C 49 -11.66 -52.93 5.49
CA THR C 49 -11.42 -53.09 6.92
C THR C 49 -12.54 -52.46 7.75
C1 NAG D . 22.55 -27.58 16.22
C2 NAG D . 22.57 -26.67 15.00
C3 NAG D . 22.31 -27.47 13.74
C4 NAG D . 23.24 -28.68 13.65
C5 NAG D . 23.26 -29.46 14.96
C6 NAG D . 24.31 -30.55 14.99
C7 NAG D . 21.88 -24.36 15.56
C8 NAG D . 20.73 -23.41 15.64
N2 NAG D . 21.58 -25.60 15.14
O3 NAG D . 22.50 -26.64 12.60
O4 NAG D . 22.79 -29.54 12.62
O5 NAG D . 23.52 -28.59 16.07
O6 NAG D . 23.97 -31.62 14.13
O7 NAG D . 23.03 -24.04 15.84
C1 NAG D . 23.74 -29.61 11.54
C2 NAG D . 23.32 -30.78 10.64
C3 NAG D . 24.24 -30.87 9.43
C4 NAG D . 24.29 -29.54 8.70
C5 NAG D . 24.70 -28.44 9.68
C6 NAG D . 24.69 -27.06 9.06
C7 NAG D . 22.27 -32.87 11.41
C8 NAG D . 21.07 -32.45 10.61
N2 NAG D . 23.31 -32.03 11.38
O3 NAG D . 23.77 -31.90 8.57
O4 NAG D . 25.22 -29.59 7.62
O5 NAG D . 23.78 -28.40 10.78
O6 NAG D . 25.26 -26.10 9.94
O7 NAG D . 22.29 -33.92 12.04
C1 BMA D . 24.47 -29.73 6.40
C2 BMA D . 24.90 -28.61 5.42
C3 BMA D . 24.22 -28.82 4.06
C4 BMA D . 24.40 -30.25 3.55
C5 BMA D . 23.95 -31.26 4.63
C6 BMA D . 24.17 -32.71 4.22
O2 BMA D . 26.30 -28.65 5.18
O3 BMA D . 24.69 -27.89 3.10
O4 BMA D . 23.64 -30.45 2.38
O5 BMA D . 24.71 -31.02 5.82
O6 BMA D . 23.69 -33.55 5.26
C1 NAG E . -20.89 -23.87 35.18
C2 NAG E . -22.18 -24.67 35.40
C3 NAG E . -23.39 -23.90 34.87
C4 NAG E . -23.41 -22.48 35.45
C5 NAG E . -22.07 -21.79 35.25
C6 NAG E . -21.98 -20.44 35.93
C7 NAG E . -21.97 -26.47 33.62
C8 NAG E . -21.84 -25.43 32.53
N2 NAG E . -22.12 -26.03 34.88
O3 NAG E . -24.59 -24.58 35.23
O4 NAG E . -24.42 -21.72 34.78
O5 NAG E . -21.00 -22.59 35.79
O6 NAG E . -20.85 -20.36 36.79
O7 NAG E . -21.95 -27.66 33.35
C1 NAG E . -25.50 -21.42 35.69
C2 NAG E . -26.47 -20.47 34.99
C3 NAG E . -27.65 -20.16 35.89
C4 NAG E . -28.31 -21.44 36.36
C5 NAG E . -27.28 -22.37 37.01
C6 NAG E . -27.85 -23.71 37.38
C7 NAG E . -25.63 -18.90 33.30
C8 NAG E . -26.20 -19.83 32.27
N2 NAG E . -25.79 -19.26 34.58
O3 NAG E . -28.59 -19.36 35.18
O4 NAG E . -29.33 -21.14 37.31
O5 NAG E . -26.20 -22.61 36.10
O6 NAG E . -28.05 -24.53 36.24
O7 NAG E . -25.06 -17.86 32.98
C1 NAG F . -19.81 -20.05 21.12
C2 NAG F . -21.04 -20.60 21.80
C3 NAG F . -20.84 -22.07 22.13
C4 NAG F . -20.43 -22.85 20.88
C5 NAG F . -19.27 -22.17 20.18
C6 NAG F . -19.00 -22.77 18.81
C7 NAG F . -22.42 -19.05 23.11
C8 NAG F . -22.59 -18.35 24.42
N2 NAG F . -21.35 -19.85 23.01
O3 NAG F . -22.05 -22.60 22.67
O4 NAG F . -20.04 -24.16 21.25
O5 NAG F . -19.55 -20.79 19.94
O6 NAG F . -20.13 -22.67 17.97
O7 NAG F . -23.21 -18.91 22.18
C1 NAG F . -21.00 -25.09 20.73
C2 NAG F . -20.47 -26.51 20.94
C3 NAG F . -21.49 -27.53 20.46
C4 NAG F . -22.84 -27.28 21.13
C5 NAG F . -23.27 -25.83 20.95
C6 NAG F . -24.53 -25.48 21.71
C7 NAG F . -18.04 -26.27 20.74
C8 NAG F . -16.83 -26.55 19.89
N2 NAG F . -19.20 -26.69 20.25
O3 NAG F . -21.03 -28.84 20.76
O4 NAG F . -23.83 -28.13 20.59
O5 NAG F . -22.24 -24.95 21.42
O6 NAG F . -24.92 -24.14 21.47
O7 NAG F . -17.95 -25.67 21.80
C1 BMA F . -24.13 -29.14 21.58
C2 BMA F . -25.58 -29.59 21.38
C3 BMA F . -25.87 -30.73 22.35
C4 BMA F . -24.83 -31.85 22.20
C5 BMA F . -23.41 -31.29 22.35
C6 BMA F . -22.31 -32.29 22.05
O2 BMA F . -25.78 -30.09 20.08
O3 BMA F . -27.18 -31.25 22.16
O4 BMA F . -25.05 -32.85 23.16
O5 BMA F . -23.25 -30.22 21.40
O6 BMA F . -22.64 -33.56 22.61
C1 BMA F . -22.63 -34.56 21.57
C2 BMA F . -21.27 -34.56 20.82
C3 BMA F . -21.10 -35.87 20.04
C4 BMA F . -22.43 -36.64 19.82
C5 BMA F . -23.28 -36.79 21.12
C6 BMA F . -23.17 -38.18 21.73
O2 BMA F . -20.19 -34.49 21.73
O3 BMA F . -20.13 -36.72 20.66
O4 BMA F . -23.19 -36.01 18.77
O5 BMA F . -22.84 -35.84 22.11
O6 BMA F . -21.85 -38.36 22.20
C1 MAN F . -24.51 -36.57 18.67
C2 MAN F . -24.45 -37.71 17.62
C3 MAN F . -24.23 -37.13 16.22
C4 MAN F . -25.21 -35.98 15.93
C5 MAN F . -25.13 -34.93 17.04
C6 MAN F . -26.11 -33.79 16.84
O2 MAN F . -25.70 -38.42 17.54
O3 MAN F . -24.32 -38.13 15.22
O4 MAN F . -24.89 -35.39 14.68
O5 MAN F . -25.42 -35.57 18.29
O6 MAN F . -25.78 -32.76 17.77
C1 MAN F . -28.12 -30.40 22.86
C2 MAN F . -29.11 -31.33 23.61
C3 MAN F . -30.04 -32.02 22.62
C4 MAN F . -30.67 -31.00 21.67
C5 MAN F . -29.57 -30.21 20.96
C6 MAN F . -30.11 -29.14 20.03
O2 MAN F . -29.96 -30.58 24.49
O3 MAN F . -31.05 -32.76 23.29
O4 MAN F . -31.46 -31.67 20.69
O5 MAN F . -28.77 -29.54 21.96
O6 MAN F . -29.01 -28.57 19.32
C1 NAG G . -0.70 53.34 31.37
C2 NAG G . -1.90 52.77 32.13
C3 NAG G . -1.46 52.29 33.51
C4 NAG G . -0.31 51.31 33.38
C5 NAG G . 0.82 51.91 32.55
C6 NAG G . 1.93 50.93 32.27
C7 NAG G . -4.04 53.76 31.44
C8 NAG G . -5.05 54.84 31.70
N2 NAG G . -2.97 53.76 32.24
O3 NAG G . -2.57 51.68 34.15
O4 NAG G . 0.18 50.98 34.68
O5 NAG G . 0.32 52.34 31.28
O6 NAG G . 3.20 51.50 32.53
O7 NAG G . -4.21 52.92 30.56
C1 NAG G . -0.18 49.62 35.00
C2 NAG G . 0.01 49.44 36.52
C3 NAG G . -1.32 49.13 37.21
C4 NAG G . -2.04 47.95 36.57
C5 NAG G . -1.92 48.02 35.05
C6 NAG G . -3.23 47.72 34.34
C7 NAG G . 2.30 48.61 36.77
C8 NAG G . 3.17 47.43 37.10
N2 NAG G . 0.99 48.40 36.81
O3 NAG G . -2.15 50.30 37.16
O4 NAG G . -1.48 46.74 37.03
O5 NAG G . -1.53 49.34 34.66
O6 NAG G . -3.24 48.30 33.04
O7 NAG G . 2.79 49.70 36.51
C1 BMA G . -2.09 46.42 38.30
C2 BMA G . -2.93 45.14 38.13
C3 BMA G . -3.48 44.69 39.48
C4 BMA G . -2.38 44.64 40.56
C5 BMA G . -1.65 45.99 40.62
C6 BMA G . -0.51 46.00 41.62
O2 BMA G . -2.13 44.08 37.63
O3 BMA G . -4.13 43.42 39.40
O4 BMA G . -2.95 44.35 41.83
O5 BMA G . -1.10 46.25 39.32
O6 BMA G . -0.05 47.34 41.76
C1 NAG H . 3.00 25.56 18.49
C2 NAG H . 4.11 24.93 17.64
C3 NAG H . 3.83 23.44 17.40
C4 NAG H . 2.41 23.19 16.93
C5 NAG H . 1.41 23.95 17.79
C6 NAG H . 0.33 23.07 18.37
C7 NAG H . 4.93 26.77 16.24
C8 NAG H . 4.96 27.36 14.85
N2 NAG H . 4.25 25.63 16.36
O3 NAG H . 4.09 22.72 18.61
O4 NAG H . 2.28 23.58 15.56
O5 NAG H . 2.09 24.55 18.89
O6 NAG H . 0.14 23.33 19.76
O7 NAG H . 5.49 27.30 17.19
C1 NAG H . 1.49 22.63 14.80
C2 NAG H . 2.06 21.22 14.96
C3 NAG H . 1.20 20.21 14.20
C4 NAG H . -0.25 20.33 14.62
C5 NAG H . -0.74 21.76 14.47
C6 NAG H . -2.14 21.97 14.98
C7 NAG H . 4.34 20.29 14.96
C8 NAG H . 5.71 20.37 14.36
N2 NAG H . 3.44 21.16 14.49
O3 NAG H . 1.68 18.89 14.45
O4 NAG H . -1.07 19.48 13.82
O5 NAG H . 0.11 22.64 15.23
O6 NAG H . -2.18 21.98 16.40
O7 NAG H . 4.06 19.49 15.84
C1 NAG I . -20.27 -18.49 1.99
C2 NAG I . -20.51 -19.29 3.25
C3 NAG I . -22.01 -19.35 3.54
C4 NAG I . -22.60 -17.95 3.61
C5 NAG I . -22.28 -17.19 2.33
C6 NAG I . -22.71 -15.74 2.38
C7 NAG I . -19.11 -21.12 4.07
C8 NAG I . -18.62 -22.51 3.81
N2 NAG I . -19.95 -20.62 3.16
O3 NAG I . -22.23 -20.04 4.77
O4 NAG I . -24.00 -18.02 3.79
O5 NAG I . -20.85 -17.17 2.11
O6 NAG I . -21.94 -14.94 1.49
O7 NAG I . -18.75 -20.48 5.06
C1 NAG I . -24.33 -17.41 5.06
C2 NAG I . -25.79 -16.98 5.05
C3 NAG I . -26.17 -16.37 6.40
C4 NAG I . -25.83 -17.32 7.52
C5 NAG I . -24.38 -17.78 7.44
C6 NAG I . -24.03 -18.83 8.45
C7 NAG I . -26.51 -16.39 2.77
C8 NAG I . -26.70 -15.29 1.78
N2 NAG I . -26.04 -16.02 3.97
O3 NAG I . -27.56 -16.07 6.40
O4 NAG I . -26.05 -16.70 8.78
O5 NAG I . -24.12 -18.34 6.14
O6 NAG I . -24.10 -18.32 9.78
O7 NAG I . -26.77 -17.55 2.50
C1 NAG J . -7.13 11.36 -40.10
C2 NAG J . -6.58 11.69 -41.48
C3 NAG J . -6.48 13.21 -41.66
C4 NAG J . -7.82 13.86 -41.35
C5 NAG J . -8.29 13.46 -39.97
C6 NAG J . -9.66 14.00 -39.63
C7 NAG J . -5.12 9.93 -42.36
C8 NAG J . -3.72 9.42 -42.46
N2 NAG J . -5.28 11.06 -41.68
O3 NAG J . -6.08 13.49 -42.99
O4 NAG J . -7.68 15.28 -41.42
O5 NAG J . -8.39 12.02 -39.90
O6 NAG J . -10.69 13.09 -40.00
O7 NAG J . -6.06 9.34 -42.88
C1 NAG J . -8.38 15.75 -42.60
C2 NAG J . -8.65 17.23 -42.42
C3 NAG J . -9.34 17.79 -43.67
C4 NAG J . -8.53 17.47 -44.90
C5 NAG J . -8.24 15.97 -44.99
C6 NAG J . -7.31 15.61 -46.12
C7 NAG J . -8.93 17.84 -40.06
C8 NAG J . -9.91 18.06 -38.94
N2 NAG J . -9.46 17.49 -41.24
O3 NAG J . -9.50 19.20 -43.53
O4 NAG J . -9.24 17.87 -46.08
O5 NAG J . -7.60 15.53 -43.77
O6 NAG J . -6.05 16.26 -45.99
O7 NAG J . -7.72 17.99 -39.90
CA CA K . -17.09 50.82 14.07
CA CA L . -15.14 -15.21 35.92
CA CA M . -13.34 -1.76 30.09
CA CA N . -1.97 5.65 29.11
CA CA O . 10.35 0.96 33.56
C1 NAG P . 20.12 29.55 29.66
C2 NAG P . 21.24 30.59 29.52
C3 NAG P . 21.99 30.37 28.21
C4 NAG P . 22.49 28.94 28.10
C5 NAG P . 21.33 27.97 28.30
C6 NAG P . 21.76 26.52 28.33
C7 NAG P . 20.57 32.62 30.73
C8 NAG P . 19.99 34.00 30.61
N2 NAG P . 20.69 31.94 29.58
O3 NAG P . 23.10 31.27 28.15
O4 NAG P . 23.07 28.71 26.83
O5 NAG P . 20.68 28.24 29.56
O6 NAG P . 21.55 25.94 29.60
O7 NAG P . 20.89 32.14 31.81
MG MG Q . -7.99 -34.41 1.49
CA CA R . -13.57 -37.46 -1.31
CA CA S . -3.00 -32.25 4.71
C1 NAG T . -7.00 9.98 -49.08
C2 NAG T . -7.92 8.88 -49.61
C3 NAG T . -9.00 9.47 -50.50
C4 NAG T . -9.75 10.59 -49.78
C5 NAG T . -8.76 11.61 -49.24
C6 NAG T . -9.42 12.69 -48.40
C7 NAG T . -7.62 6.63 -50.55
C8 NAG T . -6.71 5.71 -51.30
N2 NAG T . -7.16 7.86 -50.32
O3 NAG T . -9.92 8.45 -50.88
O4 NAG T . -10.65 11.23 -50.67
O5 NAG T . -7.79 10.98 -48.40
O6 NAG T . -8.74 13.93 -48.53
O7 NAG T . -8.73 6.26 -50.15
#